data_3J7X
#
_entry.id   3J7X
#
_cell.length_a   1
_cell.length_b   1
_cell.length_c   1
_cell.angle_alpha   90
_cell.angle_beta   90
_cell.angle_gamma   90
#
_symmetry.space_group_name_H-M   'P 1'
#
_entity_poly.entity_id   1
_entity_poly.type   'polypeptide(L)'
_entity_poly.pdbx_seq_one_letter_code
;MASMTGGQQMGTNQGKGVVAAGDKLALFLKVFGGEVLTAFARTSVTTSRHMVRSISSGKSAQFPVLGRTQAAYLAPGENL
DDKRKDIKHTEKVITIDGLLTADVLIYDIEDAMNHYDVRSEYTSQLGESLAMAADGAVLAEIAGLCNVESKYNENIEGLG
TATVIETTQNKAALTDQVALGKEIIAALTKARAALTKNYVPAADRVFYCDPDSYSAILAALMPNAANYAALIDPEKGSIR
NVMGFEVVEVPHLTAGGAGTAREGTTGQKHVFPANKGEGNVKVAKDNVIGLFMHRSAVGTVKLRDLALERARRANFQADQ
IIAKYAMGHGGLRPEAAGAVVFKVE
;
_entity_poly.pdbx_strand_id   A,B,C,D,E,F,G
#
# COMPACT_ATOMS: atom_id res chain seq x y z
N ALA A 2 -21.49 62.24 -32.55
CA ALA A 2 -20.59 62.07 -31.44
C ALA A 2 -21.29 62.39 -30.11
N SER A 3 -22.34 63.20 -30.21
CA SER A 3 -23.11 63.63 -29.05
C SER A 3 -24.31 64.44 -29.50
N MET A 4 -25.29 64.62 -28.61
CA MET A 4 -26.54 65.27 -28.96
C MET A 4 -27.01 66.25 -27.88
N THR A 5 -27.34 67.46 -28.29
CA THR A 5 -28.13 68.33 -27.44
C THR A 5 -29.43 67.57 -27.26
N GLY A 6 -29.81 67.32 -26.00
CA GLY A 6 -30.65 66.19 -25.70
C GLY A 6 -30.58 65.83 -24.24
N GLY A 7 -30.73 64.56 -23.92
CA GLY A 7 -30.74 64.15 -22.53
C GLY A 7 -32.02 64.51 -21.81
N GLN A 8 -31.88 65.39 -20.82
CA GLN A 8 -32.69 65.50 -19.59
C GLN A 8 -32.04 64.61 -18.55
N GLN A 9 -31.17 63.70 -19.01
CA GLN A 9 -30.01 63.22 -18.26
C GLN A 9 -30.21 63.12 -16.75
N MET A 10 -31.04 62.19 -16.32
CA MET A 10 -31.57 62.18 -14.95
C MET A 10 -30.47 62.37 -13.92
N GLY A 11 -29.46 61.51 -13.96
CA GLY A 11 -28.29 61.73 -13.14
C GLY A 11 -27.42 62.89 -13.56
N THR A 12 -27.27 63.86 -12.66
CA THR A 12 -26.20 64.87 -12.66
C THR A 12 -26.55 65.79 -11.51
N ASN A 13 -25.58 66.54 -11.00
CA ASN A 13 -25.87 67.43 -9.87
C ASN A 13 -26.61 68.67 -10.35
N GLN A 14 -26.37 69.02 -11.61
CA GLN A 14 -26.99 70.18 -12.25
C GLN A 14 -26.86 71.44 -11.39
N GLY A 15 -27.95 72.15 -11.18
CA GLY A 15 -27.92 73.34 -10.36
C GLY A 15 -27.17 74.49 -10.99
N LYS A 16 -27.15 75.63 -10.30
CA LYS A 16 -26.53 76.84 -10.81
C LYS A 16 -24.99 76.82 -10.84
N GLY A 17 -24.39 76.54 -9.68
CA GLY A 17 -22.97 76.81 -9.50
C GLY A 17 -21.99 75.65 -9.43
N VAL A 18 -22.43 74.43 -9.71
CA VAL A 18 -21.51 73.29 -9.65
C VAL A 18 -20.57 73.28 -10.86
N VAL A 19 -20.95 74.02 -11.90
CA VAL A 19 -20.17 74.18 -13.14
C VAL A 19 -19.54 72.89 -13.69
N ALA A 20 -18.26 72.96 -14.02
CA ALA A 20 -17.46 71.82 -14.46
C ALA A 20 -17.81 71.24 -15.83
N ALA A 21 -18.97 71.62 -16.36
CA ALA A 21 -19.41 71.20 -17.71
C ALA A 21 -19.64 69.70 -17.84
N GLY A 22 -19.32 68.96 -16.79
CA GLY A 22 -19.33 67.51 -16.81
C GLY A 22 -18.35 67.02 -15.76
N ASP A 23 -17.85 65.80 -15.91
CA ASP A 23 -16.88 65.23 -14.98
C ASP A 23 -17.36 65.23 -13.51
N LYS A 24 -18.31 64.37 -13.18
CA LYS A 24 -18.85 63.36 -14.09
C LYS A 24 -20.30 63.03 -13.74
N LEU A 25 -20.81 61.98 -14.37
CA LEU A 25 -22.13 61.45 -14.05
C LEU A 25 -21.94 60.26 -13.12
N ALA A 26 -22.72 60.18 -12.03
CA ALA A 26 -23.75 61.15 -11.67
C ALA A 26 -23.98 61.12 -10.16
N LEU A 27 -25.02 61.81 -9.71
CA LEU A 27 -25.55 61.53 -8.39
C LEU A 27 -26.58 60.41 -8.53
N PHE A 28 -26.34 59.30 -7.85
CA PHE A 28 -27.24 58.16 -7.94
C PHE A 28 -27.13 57.30 -6.70
N LEU A 29 -28.16 56.51 -6.43
CA LEU A 29 -28.17 55.66 -5.26
C LEU A 29 -27.24 54.48 -5.44
N LYS A 30 -26.53 54.11 -4.38
CA LYS A 30 -25.74 52.90 -4.37
C LYS A 30 -26.23 52.03 -3.22
N VAL A 31 -26.83 50.89 -3.56
CA VAL A 31 -27.49 50.04 -2.57
C VAL A 31 -26.64 48.80 -2.28
N PHE A 32 -26.74 48.32 -1.05
CA PHE A 32 -25.96 47.16 -0.65
C PHE A 32 -26.53 45.89 -1.29
N GLY A 33 -27.74 45.49 -0.89
CA GLY A 33 -28.50 44.50 -1.61
C GLY A 33 -27.85 43.14 -1.85
N GLY A 34 -26.75 42.87 -1.16
CA GLY A 34 -26.09 41.58 -1.27
C GLY A 34 -26.26 40.78 0.01
N GLU A 35 -25.45 39.73 0.17
CA GLU A 35 -25.31 39.12 1.47
C GLU A 35 -23.97 39.59 2.03
N VAL A 36 -23.66 39.21 3.27
CA VAL A 36 -22.44 39.65 3.89
C VAL A 36 -21.23 38.96 3.26
N LEU A 37 -20.07 39.59 3.35
CA LEU A 37 -18.83 38.93 2.98
C LEU A 37 -17.94 38.85 4.22
N THR A 38 -17.76 37.64 4.71
CA THR A 38 -17.01 37.40 5.94
C THR A 38 -15.77 36.57 5.66
N ALA A 39 -14.78 36.67 6.53
CA ALA A 39 -13.62 35.79 6.47
C ALA A 39 -14.10 34.36 6.60
N PHE A 40 -13.52 33.47 5.82
CA PHE A 40 -13.94 32.07 5.82
C PHE A 40 -13.78 31.43 7.19
N ALA A 41 -14.84 30.78 7.66
CA ALA A 41 -14.83 30.12 8.97
C ALA A 41 -13.77 29.04 9.01
N ARG A 42 -12.91 29.10 10.03
CA ARG A 42 -11.86 28.11 10.19
C ARG A 42 -12.25 27.18 11.32
N THR A 43 -12.61 25.94 10.99
CA THR A 43 -12.88 24.96 12.03
C THR A 43 -11.55 24.58 12.67
N SER A 44 -11.60 24.15 13.92
CA SER A 44 -10.41 23.66 14.58
C SER A 44 -10.52 22.16 14.77
N VAL A 45 -9.41 21.46 14.59
CA VAL A 45 -9.33 20.02 14.82
C VAL A 45 -8.41 19.92 16.03
N THR A 46 -8.50 18.81 16.76
CA THR A 46 -7.87 18.59 18.07
C THR A 46 -8.72 19.06 19.26
N THR A 47 -9.82 19.74 18.98
CA THR A 47 -10.81 20.04 20.03
C THR A 47 -11.36 18.72 20.59
N SER A 48 -11.22 17.68 19.78
CA SER A 48 -11.53 16.31 20.15
C SER A 48 -10.29 15.49 19.82
N ARG A 49 -10.25 14.23 20.27
CA ARG A 49 -9.21 13.26 19.90
C ARG A 49 -7.87 13.36 20.66
N HIS A 50 -7.72 14.38 21.51
CA HIS A 50 -6.68 14.36 22.54
C HIS A 50 -7.32 14.59 23.91
N MET A 51 -7.08 13.66 24.84
CA MET A 51 -7.82 13.64 26.10
C MET A 51 -7.62 14.89 26.96
N VAL A 52 -8.73 15.41 27.47
CA VAL A 52 -8.73 16.58 28.34
C VAL A 52 -9.71 16.36 29.49
N ARG A 53 -9.24 16.51 30.72
CA ARG A 53 -10.11 16.38 31.88
C ARG A 53 -10.06 17.60 32.80
N SER A 54 -11.23 18.03 33.24
CA SER A 54 -11.37 19.28 34.01
C SER A 54 -10.93 19.13 35.46
N ILE A 55 -10.42 20.24 36.01
CA ILE A 55 -10.18 20.36 37.44
C ILE A 55 -10.74 21.70 37.92
N SER A 56 -10.64 21.97 39.21
CA SER A 56 -11.00 23.26 39.77
C SER A 56 -9.84 23.76 40.63
N SER A 57 -10.05 24.86 41.33
CA SER A 57 -9.07 25.36 42.30
C SER A 57 -7.66 25.65 41.75
N GLY A 58 -6.69 24.87 42.22
CA GLY A 58 -5.28 25.19 42.04
C GLY A 58 -4.75 25.39 40.64
N LYS A 59 -3.60 26.05 40.55
CA LYS A 59 -3.05 26.53 39.28
C LYS A 59 -2.15 25.52 38.57
N SER A 60 -1.82 24.42 39.23
CA SER A 60 -0.95 23.42 38.62
C SER A 60 -1.44 22.00 38.87
N ALA A 61 -1.59 21.23 37.79
CA ALA A 61 -2.04 19.85 37.90
C ALA A 61 -0.90 18.86 37.61
N GLN A 62 -0.92 17.73 38.29
CA GLN A 62 0.10 16.70 38.12
C GLN A 62 -0.52 15.31 37.99
N PHE A 63 0.27 14.36 37.49
CA PHE A 63 -0.18 12.97 37.39
C PHE A 63 0.95 12.02 37.81
N PRO A 64 0.60 10.93 38.52
CA PRO A 64 1.59 9.90 38.90
C PRO A 64 1.88 8.96 37.73
N VAL A 65 3.10 8.41 37.69
CA VAL A 65 3.45 7.43 36.67
C VAL A 65 4.25 6.27 37.28
N LEU A 66 3.79 5.04 37.04
CA LEU A 66 4.45 3.85 37.59
C LEU A 66 4.11 2.61 36.77
N GLY A 67 4.91 1.56 36.92
CA GLY A 67 4.60 0.28 36.32
C GLY A 67 5.80 -0.54 35.88
N ARG A 68 5.54 -1.58 35.09
CA ARG A 68 6.56 -2.41 34.45
C ARG A 68 7.52 -3.11 35.43
N THR A 69 7.01 -4.11 36.14
CA THR A 69 7.85 -4.84 37.09
C THR A 69 8.64 -6.00 36.47
N GLN A 70 9.51 -6.61 37.28
CA GLN A 70 10.45 -7.63 36.81
C GLN A 70 10.11 -9.09 37.10
N ALA A 71 8.93 -9.32 37.68
CA ALA A 71 8.56 -10.62 38.24
C ALA A 71 9.55 -11.10 39.29
N ALA A 72 9.85 -12.39 39.30
CA ALA A 72 10.70 -13.00 40.33
C ALA A 72 10.90 -14.50 40.12
N TYR A 73 11.74 -15.09 40.99
CA TYR A 73 11.91 -16.53 41.03
C TYR A 73 12.33 -16.93 42.45
N LEU A 74 12.08 -18.18 42.84
CA LEU A 74 12.47 -18.65 44.17
C LEU A 74 12.61 -20.16 44.29
N ALA A 75 13.31 -20.58 45.34
CA ALA A 75 13.36 -21.96 45.77
C ALA A 75 12.72 -21.99 47.15
N PRO A 76 12.04 -23.10 47.50
CA PRO A 76 11.28 -23.22 48.75
C PRO A 76 12.05 -22.87 50.02
N GLY A 77 13.37 -22.98 49.99
CA GLY A 77 14.19 -22.69 51.15
C GLY A 77 14.17 -21.24 51.62
N GLU A 78 14.52 -20.32 50.71
CA GLU A 78 14.59 -18.90 51.06
C GLU A 78 13.20 -18.27 51.16
N ASN A 79 13.12 -17.14 51.85
CA ASN A 79 11.85 -16.42 51.99
C ASN A 79 11.88 -15.07 51.30
N LEU A 80 10.70 -14.59 50.94
CA LEU A 80 10.52 -13.43 50.05
C LEU A 80 11.31 -12.17 50.42
N ASP A 81 11.35 -11.87 51.71
CA ASP A 81 11.97 -10.64 52.20
C ASP A 81 13.47 -10.55 51.90
N ASP A 82 14.07 -11.67 51.52
CA ASP A 82 15.48 -11.73 51.19
C ASP A 82 15.80 -10.87 49.98
N LYS A 83 15.07 -11.08 48.89
CA LYS A 83 15.25 -10.27 47.69
C LYS A 83 13.96 -9.68 47.11
N ARG A 84 13.84 -8.37 47.18
CA ARG A 84 12.77 -7.65 46.49
C ARG A 84 13.23 -6.22 46.19
N LYS A 85 12.71 -5.65 45.11
CA LYS A 85 13.07 -4.28 44.75
C LYS A 85 11.82 -3.47 44.39
N ASP A 86 11.73 -2.26 44.95
CA ASP A 86 10.56 -1.42 44.78
C ASP A 86 10.42 -0.95 43.33
N ILE A 87 9.18 -0.84 42.86
CA ILE A 87 8.91 -0.31 41.53
C ILE A 87 9.01 1.22 41.57
N LYS A 88 9.57 1.80 40.52
CA LYS A 88 9.77 3.25 40.48
C LYS A 88 8.48 3.98 40.11
N HIS A 89 8.24 5.10 40.78
CA HIS A 89 7.13 5.98 40.41
C HIS A 89 7.53 7.46 40.44
N THR A 90 7.21 8.17 39.36
CA THR A 90 7.58 9.58 39.24
C THR A 90 6.41 10.36 38.65
N GLU A 91 6.30 11.63 39.03
CA GLU A 91 5.12 12.43 38.66
C GLU A 91 5.44 13.52 37.65
N LYS A 92 4.46 13.82 36.78
CA LYS A 92 4.63 14.85 35.75
C LYS A 92 3.65 15.99 35.95
N VAL A 93 4.12 17.22 35.76
CA VAL A 93 3.31 18.41 36.03
C VAL A 93 3.05 19.27 34.80
N ILE A 94 1.77 19.58 34.55
CA ILE A 94 1.40 20.53 33.50
C ILE A 94 0.97 21.85 34.12
N THR A 95 1.70 22.92 33.79
CA THR A 95 1.49 24.22 34.41
C THR A 95 0.49 25.09 33.63
N ILE A 96 -0.62 25.42 34.28
CA ILE A 96 -1.59 26.35 33.72
C ILE A 96 -0.93 27.71 33.53
N ASP A 97 -1.07 28.27 32.33
CA ASP A 97 -0.51 29.56 32.02
C ASP A 97 -1.32 30.65 32.71
N GLY A 98 -2.58 30.76 32.31
CA GLY A 98 -3.50 31.69 32.94
C GLY A 98 -4.64 32.04 32.01
N LEU A 99 -5.47 32.99 32.43
CA LEU A 99 -6.57 33.49 31.61
C LEU A 99 -6.04 34.04 30.29
N LEU A 100 -6.83 33.91 29.23
CA LEU A 100 -6.59 34.63 27.99
C LEU A 100 -7.93 34.90 27.30
N THR A 101 -7.98 35.94 26.47
CA THR A 101 -9.26 36.40 25.96
C THR A 101 -9.17 37.21 24.67
N ALA A 102 -10.34 37.61 24.17
CA ALA A 102 -10.44 38.55 23.06
C ALA A 102 -11.56 39.53 23.37
N ASP A 103 -11.53 40.71 22.75
CA ASP A 103 -12.53 41.74 23.06
C ASP A 103 -12.90 42.62 21.86
N VAL A 104 -14.17 42.98 21.80
CA VAL A 104 -14.65 43.99 20.85
C VAL A 104 -15.60 44.94 21.58
N LEU A 105 -15.78 46.13 21.02
CA LEU A 105 -16.76 47.09 21.55
C LEU A 105 -17.52 47.76 20.42
N ILE A 106 -18.79 48.04 20.64
CA ILE A 106 -19.61 48.69 19.63
C ILE A 106 -20.01 50.10 20.07
N TYR A 107 -19.48 51.10 19.37
CA TYR A 107 -19.96 52.46 19.52
C TYR A 107 -21.44 52.40 19.16
N ASP A 108 -22.30 52.87 20.06
CA ASP A 108 -23.75 52.71 19.88
C ASP A 108 -24.25 53.35 18.59
N ILE A 109 -23.74 54.55 18.28
CA ILE A 109 -24.08 55.24 17.05
C ILE A 109 -23.75 54.40 15.82
N GLU A 110 -22.52 53.87 15.78
CA GLU A 110 -22.08 53.06 14.65
C GLU A 110 -22.85 51.74 14.54
N ASP A 111 -23.55 51.37 15.61
CA ASP A 111 -24.50 50.27 15.56
C ASP A 111 -25.81 50.75 14.94
N ALA A 112 -26.21 51.97 15.32
CA ALA A 112 -27.48 52.54 14.85
C ALA A 112 -27.55 52.67 13.32
N MET A 113 -26.58 53.35 12.72
CA MET A 113 -26.61 53.54 11.28
C MET A 113 -25.66 52.58 10.58
N ASN A 114 -26.24 51.58 9.93
CA ASN A 114 -25.53 50.49 9.25
C ASN A 114 -26.58 49.51 8.73
N HIS A 115 -26.15 48.54 7.93
CA HIS A 115 -27.06 47.50 7.45
C HIS A 115 -26.85 46.20 8.20
N TYR A 116 -27.62 45.17 7.83
CA TYR A 116 -27.50 43.81 8.37
C TYR A 116 -27.42 43.72 9.91
N ASP A 117 -26.60 42.79 10.39
CA ASP A 117 -26.26 42.68 11.81
C ASP A 117 -24.80 42.22 11.90
N VAL A 118 -23.99 42.94 12.66
CA VAL A 118 -22.57 42.59 12.80
C VAL A 118 -22.31 41.79 14.08
N ARG A 119 -23.33 41.64 14.90
CA ARG A 119 -23.18 41.12 16.26
C ARG A 119 -22.86 39.64 16.27
N SER A 120 -23.82 38.84 15.81
CA SER A 120 -23.68 37.38 15.77
C SER A 120 -22.37 36.93 15.12
N GLU A 121 -22.06 37.51 13.96
CA GLU A 121 -20.84 37.16 13.24
C GLU A 121 -19.57 37.58 14.00
N TYR A 122 -19.62 38.75 14.63
CA TYR A 122 -18.53 39.16 15.52
C TYR A 122 -18.29 38.09 16.60
N THR A 123 -19.38 37.68 17.25
CA THR A 123 -19.34 36.68 18.32
C THR A 123 -18.70 35.38 17.85
N SER A 124 -19.23 34.82 16.77
CA SER A 124 -18.69 33.58 16.21
C SER A 124 -17.20 33.70 15.85
N GLN A 125 -16.83 34.85 15.29
CA GLN A 125 -15.44 35.13 14.95
C GLN A 125 -14.50 35.05 16.16
N LEU A 126 -14.72 35.97 17.11
CA LEU A 126 -13.90 36.01 18.32
C LEU A 126 -13.93 34.69 19.09
N GLY A 127 -15.04 33.95 18.94
CA GLY A 127 -15.14 32.63 19.51
C GLY A 127 -14.16 31.67 18.86
N GLU A 128 -14.10 31.71 17.54
CA GLU A 128 -13.18 30.87 16.77
C GLU A 128 -11.71 31.16 17.07
N SER A 129 -11.40 32.43 17.35
CA SER A 129 -10.04 32.84 17.67
C SER A 129 -9.40 31.97 18.77
N LEU A 130 -10.17 31.73 19.83
CA LEU A 130 -9.70 30.93 20.95
C LEU A 130 -9.47 29.46 20.56
N ALA A 131 -10.30 28.96 19.65
CA ALA A 131 -10.10 27.62 19.10
C ALA A 131 -8.74 27.53 18.41
N MET A 132 -8.44 28.54 17.59
CA MET A 132 -7.13 28.62 16.95
C MET A 132 -6.01 28.63 17.99
N ALA A 133 -6.18 29.45 19.02
CA ALA A 133 -5.22 29.54 20.12
C ALA A 133 -4.93 28.17 20.74
N ALA A 134 -6.01 27.46 21.10
CA ALA A 134 -5.91 26.11 21.64
C ALA A 134 -5.13 25.15 20.72
N ASP A 135 -5.65 24.95 19.51
CA ASP A 135 -5.02 24.03 18.55
C ASP A 135 -3.52 24.31 18.35
N GLY A 136 -3.19 25.57 18.08
CA GLY A 136 -1.80 25.97 17.92
C GLY A 136 -0.97 25.67 19.15
N ALA A 137 -1.50 26.02 20.31
CA ALA A 137 -0.83 25.76 21.59
C ALA A 137 -0.47 24.28 21.77
N VAL A 138 -1.46 23.40 21.60
CA VAL A 138 -1.20 21.96 21.67
C VAL A 138 -0.12 21.55 20.69
N LEU A 139 -0.35 21.87 19.41
CA LEU A 139 0.55 21.44 18.32
C LEU A 139 2.01 21.84 18.56
N ALA A 140 2.22 23.03 19.10
CA ALA A 140 3.57 23.46 19.44
C ALA A 140 4.11 22.72 20.66
N GLU A 141 3.31 22.71 21.73
CA GLU A 141 3.70 22.12 23.01
C GLU A 141 4.15 20.66 22.93
N ILE A 142 3.34 19.81 22.29
CA ILE A 142 3.63 18.38 22.23
C ILE A 142 5.05 18.06 21.73
N ALA A 143 5.29 18.34 20.45
CA ALA A 143 6.57 18.04 19.82
C ALA A 143 7.69 18.90 20.37
N GLY A 144 7.43 20.20 20.54
CA GLY A 144 8.47 21.10 21.01
C GLY A 144 9.00 20.72 22.38
N LEU A 145 8.12 20.69 23.37
CA LEU A 145 8.50 20.23 24.70
C LEU A 145 8.96 18.78 24.78
N CYS A 146 8.04 17.85 24.53
CA CYS A 146 8.25 16.44 24.86
C CYS A 146 9.39 15.74 24.10
N ASN A 147 9.59 16.14 22.84
CA ASN A 147 10.56 15.45 22.00
C ASN A 147 11.95 16.08 22.03
N VAL A 148 12.11 17.13 22.83
CA VAL A 148 13.41 17.80 22.94
C VAL A 148 13.90 17.93 24.37
N GLU A 149 14.98 17.23 24.69
CA GLU A 149 15.69 17.39 25.96
C GLU A 149 17.13 16.91 25.85
N SER A 150 17.98 17.38 26.76
CA SER A 150 19.37 16.98 26.82
C SER A 150 19.46 15.52 27.27
N LYS A 151 18.64 15.19 28.27
CA LYS A 151 18.60 13.86 28.86
C LYS A 151 17.23 13.68 29.51
N TYR A 152 17.12 12.67 30.37
CA TYR A 152 15.89 12.38 31.12
C TYR A 152 14.72 12.04 30.21
N ASN A 153 14.80 10.87 29.58
CA ASN A 153 13.64 10.29 28.93
C ASN A 153 12.88 9.57 30.04
N GLU A 154 11.66 10.02 30.32
CA GLU A 154 10.99 9.72 31.60
C GLU A 154 10.72 8.24 31.83
N ASN A 155 10.61 7.85 33.10
CA ASN A 155 10.40 6.46 33.48
C ASN A 155 11.53 5.59 32.92
N ILE A 156 12.70 5.67 33.55
CA ILE A 156 13.92 5.12 32.97
C ILE A 156 13.75 3.65 32.57
N GLU A 157 13.95 3.41 31.28
CA GLU A 157 13.69 2.12 30.65
C GLU A 157 12.28 1.59 30.87
N GLY A 158 11.33 2.48 31.19
CA GLY A 158 9.94 2.12 31.10
C GLY A 158 9.71 2.03 29.60
N LEU A 159 9.97 3.17 28.96
CA LEU A 159 10.33 3.33 27.55
C LEU A 159 10.36 4.82 27.21
N GLY A 160 10.75 5.15 25.99
CA GLY A 160 10.91 6.55 25.64
C GLY A 160 10.60 6.87 24.19
N THR A 161 10.52 8.16 23.89
CA THR A 161 10.13 8.60 22.56
C THR A 161 11.25 8.37 21.56
N ALA A 162 10.96 8.68 20.30
CA ALA A 162 11.96 8.60 19.25
C ALA A 162 11.65 9.66 18.20
N THR A 163 12.70 10.27 17.67
CA THR A 163 12.54 11.17 16.54
C THR A 163 13.11 10.49 15.30
N VAL A 164 12.22 10.11 14.39
CA VAL A 164 12.63 9.46 13.15
C VAL A 164 13.50 10.43 12.36
N ILE A 165 14.52 9.90 11.68
CA ILE A 165 15.37 10.73 10.85
C ILE A 165 15.06 10.33 9.41
N GLU A 166 15.68 11.00 8.44
CA GLU A 166 15.35 10.77 7.05
C GLU A 166 16.60 10.58 6.20
N THR A 167 16.47 9.82 5.12
CA THR A 167 17.58 9.59 4.20
C THR A 167 17.70 10.72 3.18
N THR A 168 18.49 10.49 2.14
CA THR A 168 18.83 11.51 1.14
C THR A 168 19.57 12.67 1.77
N GLN A 169 19.12 13.89 1.47
CA GLN A 169 19.81 15.10 1.90
C GLN A 169 18.81 16.21 2.20
N ASN A 170 19.33 17.43 2.31
CA ASN A 170 18.51 18.60 2.62
C ASN A 170 17.48 18.86 1.54
N LYS A 171 16.49 19.68 1.87
CA LYS A 171 15.42 20.06 0.95
C LYS A 171 15.97 20.57 -0.39
N ALA A 172 17.21 21.06 -0.37
CA ALA A 172 17.91 21.44 -1.60
C ALA A 172 18.04 20.26 -2.56
N ALA A 173 18.31 19.07 -2.03
CA ALA A 173 18.36 17.86 -2.84
C ALA A 173 16.95 17.32 -3.06
N LEU A 174 16.03 17.79 -2.23
CA LEU A 174 14.61 17.49 -2.35
C LEU A 174 13.91 18.56 -3.20
N THR A 175 12.59 18.61 -3.10
CA THR A 175 11.73 19.53 -3.87
C THR A 175 11.65 19.21 -5.36
N ASP A 176 11.72 17.92 -5.68
CA ASP A 176 11.18 17.42 -6.94
C ASP A 176 9.74 17.03 -6.62
N GLN A 177 9.47 16.98 -5.32
CA GLN A 177 8.14 16.71 -4.74
C GLN A 177 7.62 15.29 -4.96
N VAL A 178 8.21 14.56 -5.90
CA VAL A 178 7.85 13.17 -6.10
C VAL A 178 8.75 12.25 -5.25
N ALA A 179 9.86 12.79 -4.78
CA ALA A 179 10.77 12.07 -3.90
C ALA A 179 10.29 12.11 -2.44
N LEU A 180 9.90 13.30 -2.01
CA LEU A 180 9.48 13.54 -0.63
C LEU A 180 8.25 12.72 -0.26
N GLY A 181 7.41 12.39 -1.24
CA GLY A 181 6.27 11.54 -1.01
C GLY A 181 6.67 10.11 -0.70
N LYS A 182 7.52 9.54 -1.55
CA LYS A 182 8.06 8.20 -1.35
C LYS A 182 8.71 8.10 0.02
N GLU A 183 9.58 9.07 0.30
CA GLU A 183 10.26 9.12 1.60
C GLU A 183 9.29 9.27 2.76
N ILE A 184 8.19 9.99 2.53
CA ILE A 184 7.15 10.13 3.54
C ILE A 184 6.50 8.78 3.85
N ILE A 185 6.16 8.01 2.82
CA ILE A 185 5.62 6.67 3.01
C ILE A 185 6.60 5.77 3.79
N ALA A 186 7.85 5.77 3.35
CA ALA A 186 8.91 5.02 4.02
C ALA A 186 9.00 5.34 5.51
N ALA A 187 9.32 6.59 5.81
CA ALA A 187 9.47 7.05 7.19
C ALA A 187 8.17 6.94 7.99
N LEU A 188 7.04 6.84 7.30
CA LEU A 188 5.74 6.63 7.96
C LEU A 188 5.64 5.20 8.46
N THR A 189 5.92 4.25 7.57
CA THR A 189 5.96 2.85 7.94
C THR A 189 6.93 2.66 9.11
N LYS A 190 8.09 3.28 8.97
CA LYS A 190 9.12 3.22 10.00
C LYS A 190 8.66 3.91 11.30
N ALA A 191 7.76 4.87 11.17
CA ALA A 191 7.21 5.55 12.33
C ALA A 191 6.25 4.65 13.09
N ARG A 192 5.44 3.89 12.35
CA ARG A 192 4.61 2.86 12.95
C ARG A 192 5.52 1.84 13.63
N ALA A 193 6.65 1.54 13.00
CA ALA A 193 7.64 0.64 13.58
C ALA A 193 8.21 1.19 14.88
N ALA A 194 8.30 2.51 14.97
CA ALA A 194 8.83 3.15 16.16
C ALA A 194 7.84 3.03 17.32
N LEU A 195 6.55 3.16 17.02
CA LEU A 195 5.50 3.14 18.04
C LEU A 195 4.88 1.75 18.32
N THR A 196 5.15 0.75 17.46
CA THR A 196 4.62 -0.59 17.69
C THR A 196 5.32 -1.30 18.86
N LYS A 197 6.61 -1.01 19.03
CA LYS A 197 7.30 -1.35 20.28
C LYS A 197 6.82 -0.31 21.27
N ASN A 198 7.21 -0.45 22.54
CA ASN A 198 6.66 0.41 23.60
C ASN A 198 5.17 0.15 23.82
N TYR A 199 4.63 -0.78 23.04
CA TYR A 199 3.21 -1.13 23.06
C TYR A 199 2.31 0.03 22.64
N VAL A 200 1.41 0.44 23.54
CA VAL A 200 0.32 1.36 23.24
C VAL A 200 -0.72 0.66 22.36
N PRO A 201 -2.00 1.07 22.48
CA PRO A 201 -3.05 0.41 21.70
C PRO A 201 -2.93 0.65 20.20
N ALA A 202 -3.56 -0.21 19.39
CA ALA A 202 -3.54 -0.06 17.95
C ALA A 202 -4.42 1.10 17.49
N ALA A 203 -5.51 1.31 18.23
CA ALA A 203 -6.53 2.30 17.87
C ALA A 203 -6.06 3.75 18.01
N ASP A 204 -6.82 4.65 17.39
CA ASP A 204 -6.82 6.08 17.68
C ASP A 204 -5.56 6.90 17.33
N ARG A 205 -4.53 6.24 16.81
CA ARG A 205 -3.29 6.94 16.41
C ARG A 205 -3.57 8.13 15.48
N VAL A 206 -2.90 9.25 15.74
CA VAL A 206 -3.06 10.46 14.95
C VAL A 206 -1.72 10.99 14.42
N PHE A 207 -1.73 11.47 13.18
CA PHE A 207 -0.55 12.05 12.53
C PHE A 207 -0.89 13.42 11.95
N TYR A 208 -0.21 14.46 12.44
CA TYR A 208 -0.46 15.83 11.98
C TYR A 208 0.60 16.33 11.01
N CYS A 209 0.16 16.82 9.86
CA CYS A 209 1.06 17.21 8.78
C CYS A 209 0.77 18.65 8.32
N ASP A 210 1.44 19.05 7.25
CA ASP A 210 1.24 20.38 6.67
C ASP A 210 0.59 20.21 5.30
N PRO A 211 -0.17 21.22 4.86
CA PRO A 211 -0.86 21.17 3.56
C PRO A 211 0.07 20.82 2.39
N ASP A 212 1.26 21.44 2.37
CA ASP A 212 2.27 21.15 1.35
C ASP A 212 2.70 19.69 1.36
N SER A 213 3.17 19.22 2.50
CA SER A 213 3.64 17.84 2.62
C SER A 213 2.50 16.83 2.48
N TYR A 214 1.28 17.27 2.78
CA TYR A 214 0.11 16.46 2.50
C TYR A 214 -0.02 16.27 1.00
N SER A 215 0.10 17.38 0.27
CA SER A 215 0.07 17.34 -1.18
C SER A 215 1.22 16.48 -1.73
N ALA A 216 2.32 16.44 -0.98
CA ALA A 216 3.44 15.59 -1.32
C ALA A 216 3.05 14.11 -1.16
N ILE A 217 2.30 13.81 -0.11
CA ILE A 217 1.74 12.47 0.07
C ILE A 217 0.83 12.15 -1.12
N LEU A 218 0.14 13.16 -1.64
CA LEU A 218 -0.69 12.96 -2.82
C LEU A 218 0.17 12.78 -4.08
N ALA A 219 1.40 13.25 -4.04
CA ALA A 219 2.34 13.06 -5.14
C ALA A 219 2.96 11.66 -5.12
N ALA A 220 3.12 11.11 -3.92
CA ALA A 220 3.60 9.74 -3.75
C ALA A 220 2.66 8.76 -4.44
N LEU A 221 1.37 8.91 -4.16
CA LEU A 221 0.33 8.16 -4.83
C LEU A 221 0.03 8.84 -6.16
N MET A 222 -1.08 8.46 -6.79
CA MET A 222 -1.44 8.94 -8.14
C MET A 222 -0.51 8.28 -9.17
N PRO A 223 -0.95 8.19 -10.44
CA PRO A 223 -0.37 7.24 -11.40
C PRO A 223 1.15 7.10 -11.47
N ASN A 224 1.91 8.19 -11.36
CA ASN A 224 3.36 8.10 -11.52
C ASN A 224 4.19 8.39 -10.27
N ALA A 225 4.77 7.33 -9.68
CA ALA A 225 4.42 5.97 -10.06
C ALA A 225 3.88 5.23 -8.84
N ALA A 226 2.58 5.00 -8.81
CA ALA A 226 1.94 4.34 -7.68
C ALA A 226 1.66 2.84 -7.87
N ASN A 227 1.91 2.33 -9.07
CA ASN A 227 1.51 0.95 -9.41
C ASN A 227 0.03 0.68 -9.10
N TYR A 228 -0.24 -0.21 -8.16
CA TYR A 228 -1.63 -0.46 -7.76
C TYR A 228 -2.26 0.75 -7.07
N ALA A 229 -3.59 0.85 -7.14
CA ALA A 229 -4.32 2.05 -6.71
C ALA A 229 -4.23 2.39 -5.22
N ALA A 230 -4.11 1.37 -4.39
CA ALA A 230 -4.06 1.50 -2.94
C ALA A 230 -5.25 2.24 -2.29
N LEU A 231 -4.95 3.05 -1.29
CA LEU A 231 -5.98 3.63 -0.41
C LEU A 231 -6.69 4.89 -0.92
N ILE A 232 -5.93 5.84 -1.46
CA ILE A 232 -6.48 7.15 -1.80
C ILE A 232 -7.34 7.14 -3.04
N ASP A 233 -8.56 7.65 -2.91
CA ASP A 233 -9.44 7.84 -4.05
C ASP A 233 -9.14 9.21 -4.64
N PRO A 234 -9.19 9.31 -5.97
CA PRO A 234 -9.14 10.62 -6.61
C PRO A 234 -10.44 11.38 -6.35
N GLU A 235 -10.61 12.54 -6.97
CA GLU A 235 -11.82 13.37 -6.85
C GLU A 235 -12.01 14.01 -5.47
N LYS A 236 -11.23 13.58 -4.49
CA LYS A 236 -11.28 14.15 -3.14
C LYS A 236 -9.89 14.52 -2.63
N GLY A 237 -9.04 13.52 -2.45
CA GLY A 237 -7.72 13.76 -1.90
C GLY A 237 -7.73 13.47 -0.42
N SER A 238 -8.85 12.97 0.07
CA SER A 238 -8.98 12.59 1.47
C SER A 238 -8.63 11.12 1.62
N ILE A 239 -7.51 10.85 2.29
CA ILE A 239 -7.07 9.48 2.49
C ILE A 239 -7.98 8.77 3.47
N ARG A 240 -8.22 7.49 3.24
CA ARG A 240 -8.92 6.68 4.23
C ARG A 240 -8.08 6.73 5.49
N ASN A 241 -6.92 6.07 5.43
CA ASN A 241 -5.89 6.13 6.46
C ASN A 241 -4.57 5.72 5.83
N VAL A 242 -3.50 5.74 6.62
CA VAL A 242 -2.23 5.17 6.22
C VAL A 242 -2.04 3.98 7.16
N MET A 243 -0.89 3.31 7.12
CA MET A 243 -0.70 2.17 8.00
C MET A 243 -0.84 2.62 9.46
N GLY A 244 -1.80 2.01 10.15
CA GLY A 244 -2.07 2.29 11.55
C GLY A 244 -2.14 3.76 11.96
N PHE A 245 -2.66 4.62 11.08
CA PHE A 245 -2.64 6.05 11.38
C PHE A 245 -3.89 6.82 10.98
N GLU A 246 -3.90 8.11 11.32
CA GLU A 246 -4.96 9.03 10.93
C GLU A 246 -4.32 10.36 10.53
N VAL A 247 -4.62 10.83 9.33
CA VAL A 247 -3.99 12.05 8.83
C VAL A 247 -5.00 13.16 8.58
N VAL A 248 -4.76 14.31 9.21
CA VAL A 248 -5.56 15.50 8.95
C VAL A 248 -4.65 16.68 8.62
N GLU A 249 -4.75 17.18 7.39
CA GLU A 249 -4.01 18.36 7.00
C GLU A 249 -4.45 19.53 7.87
N VAL A 250 -3.49 20.17 8.53
CA VAL A 250 -3.78 21.35 9.34
C VAL A 250 -3.19 22.59 8.67
N PRO A 251 -4.05 23.58 8.40
CA PRO A 251 -3.72 24.82 7.68
C PRO A 251 -2.51 25.51 8.28
N HIS A 252 -2.33 25.33 9.59
CA HIS A 252 -1.22 25.92 10.31
C HIS A 252 -0.48 24.88 11.15
N LEU A 253 0.85 24.88 11.02
CA LEU A 253 1.71 24.21 11.99
C LEU A 253 2.39 25.39 12.66
N THR A 254 3.29 25.11 13.60
CA THR A 254 3.96 26.18 14.36
C THR A 254 2.93 27.12 14.98
N ALA A 255 3.17 28.42 14.85
CA ALA A 255 2.27 29.44 15.39
C ALA A 255 1.95 29.21 16.86
N GLY A 256 0.68 29.36 17.21
CA GLY A 256 0.22 29.13 18.57
C GLY A 256 0.95 29.99 19.58
N GLY A 257 1.23 31.24 19.19
CA GLY A 257 1.95 32.15 20.07
C GLY A 257 1.13 32.53 21.29
N ALA A 258 -0.06 33.08 21.05
CA ALA A 258 -1.04 33.37 22.10
C ALA A 258 -0.48 34.02 23.36
N GLY A 259 -0.07 35.29 23.26
CA GLY A 259 0.42 35.98 24.43
C GLY A 259 0.69 37.47 24.32
N THR A 260 0.66 38.15 25.48
CA THR A 260 1.07 39.54 25.63
C THR A 260 0.38 40.54 24.70
N ALA A 261 1.17 41.17 23.84
CA ALA A 261 0.66 42.19 22.92
C ALA A 261 -0.32 41.60 21.93
N ARG A 262 -1.18 42.46 21.37
CA ARG A 262 -2.14 42.05 20.36
C ARG A 262 -1.45 41.51 19.11
N GLU A 263 -0.16 41.83 18.97
CA GLU A 263 0.66 41.32 17.88
C GLU A 263 1.35 40.03 18.35
N GLY A 264 1.51 39.09 17.43
CA GLY A 264 1.98 37.76 17.76
C GLY A 264 3.41 37.65 18.25
N THR A 265 4.10 38.79 18.33
CA THR A 265 5.43 38.85 18.91
C THR A 265 5.35 39.03 20.42
N THR A 266 6.47 39.37 21.05
CA THR A 266 6.53 39.64 22.49
C THR A 266 6.16 38.44 23.35
N GLY A 267 7.06 37.46 23.42
CA GLY A 267 6.96 36.39 24.40
C GLY A 267 5.84 35.40 24.20
N GLN A 268 5.78 34.78 23.02
CA GLN A 268 4.90 33.65 22.78
C GLN A 268 5.25 32.57 23.80
N LYS A 269 4.25 32.07 24.54
CA LYS A 269 4.51 31.13 25.62
C LYS A 269 4.97 29.75 25.15
N HIS A 270 4.69 29.43 23.89
CA HIS A 270 5.14 28.15 23.32
C HIS A 270 5.66 28.38 21.90
N VAL A 271 6.91 27.98 21.65
CA VAL A 271 7.58 28.31 20.40
C VAL A 271 8.56 27.27 19.86
N PHE A 272 8.75 27.29 18.54
CA PHE A 272 9.81 26.55 17.87
C PHE A 272 10.95 27.52 17.58
N PRO A 273 12.20 27.13 17.91
CA PRO A 273 13.36 27.94 17.53
C PRO A 273 13.42 28.14 16.02
N ALA A 274 14.04 29.22 15.56
CA ALA A 274 14.16 29.47 14.12
C ALA A 274 14.97 28.36 13.45
N ASN A 275 15.97 27.86 14.17
CA ASN A 275 16.79 26.74 13.70
C ASN A 275 17.23 25.86 14.86
N LYS A 276 17.29 24.55 14.64
CA LYS A 276 17.64 23.60 15.69
C LYS A 276 19.14 23.39 15.80
N GLY A 277 19.90 24.09 14.95
CA GLY A 277 21.33 23.87 14.83
C GLY A 277 22.15 24.13 16.08
N GLU A 278 22.05 25.35 16.62
CA GLU A 278 22.90 25.74 17.74
C GLU A 278 22.44 25.19 19.09
N GLY A 279 21.15 25.32 19.38
CA GLY A 279 20.62 24.94 20.67
C GLY A 279 20.53 23.44 20.88
N ASN A 280 19.98 23.04 22.02
CA ASN A 280 19.75 21.64 22.33
C ASN A 280 18.61 21.07 21.49
N VAL A 281 17.78 21.97 20.98
CA VAL A 281 16.56 21.59 20.25
C VAL A 281 16.82 20.65 19.07
N LYS A 282 16.09 19.54 19.06
CA LYS A 282 16.23 18.51 18.03
C LYS A 282 15.46 18.88 16.76
N VAL A 283 14.24 19.37 16.94
CA VAL A 283 13.37 19.71 15.82
C VAL A 283 12.69 21.06 16.00
N ALA A 284 12.48 21.78 14.90
CA ALA A 284 11.89 23.12 14.96
C ALA A 284 11.30 23.60 13.63
N LYS A 285 10.91 24.87 13.61
CA LYS A 285 10.28 25.51 12.46
C LYS A 285 11.02 25.32 11.13
N ASP A 286 12.34 25.48 11.16
CA ASP A 286 13.16 25.40 9.95
C ASP A 286 12.97 24.07 9.23
N ASN A 287 13.27 22.98 9.93
CA ASN A 287 13.09 21.65 9.38
C ASN A 287 12.14 20.79 10.21
N VAL A 288 10.98 20.51 9.63
CA VAL A 288 10.02 19.56 10.18
C VAL A 288 9.11 19.12 9.03
N ILE A 289 8.46 17.98 9.17
CA ILE A 289 7.52 17.53 8.15
C ILE A 289 6.15 17.31 8.78
N GLY A 290 6.09 16.33 9.66
CA GLY A 290 4.88 16.05 10.40
C GLY A 290 5.17 15.46 11.76
N LEU A 291 4.21 15.55 12.66
CA LEU A 291 4.34 14.97 13.97
C LEU A 291 3.30 13.87 14.07
N PHE A 292 3.35 13.11 15.16
CA PHE A 292 2.36 12.08 15.46
C PHE A 292 2.28 11.81 16.95
N MET A 293 1.08 11.46 17.39
CA MET A 293 0.84 11.07 18.77
C MET A 293 -0.31 10.09 18.73
N HIS A 294 -0.35 9.17 19.69
CA HIS A 294 -1.42 8.18 19.73
C HIS A 294 -2.68 8.90 20.20
N ARG A 295 -2.69 9.22 21.48
CA ARG A 295 -3.69 10.05 22.14
C ARG A 295 -3.25 9.99 23.59
N SER A 296 -3.72 10.92 24.42
CA SER A 296 -3.30 11.02 25.82
C SER A 296 -1.78 11.24 25.91
N ALA A 297 -1.20 11.72 24.81
CA ALA A 297 0.18 12.16 24.80
C ALA A 297 0.21 13.57 25.36
N VAL A 298 -0.81 14.35 24.99
CA VAL A 298 -0.96 15.71 25.48
C VAL A 298 -2.31 15.88 26.15
N GLY A 299 -2.30 16.08 27.46
CA GLY A 299 -3.50 16.45 28.18
C GLY A 299 -3.55 17.96 28.35
N THR A 300 -4.74 18.50 28.56
CA THR A 300 -4.90 19.94 28.78
C THR A 300 -5.77 20.20 30.00
N VAL A 301 -5.28 20.99 30.93
CA VAL A 301 -6.05 21.28 32.15
C VAL A 301 -6.87 22.55 31.97
N LYS A 302 -8.19 22.40 31.97
CA LYS A 302 -9.07 23.54 31.78
C LYS A 302 -9.79 23.90 33.08
N LEU A 303 -9.92 25.20 33.35
CA LEU A 303 -10.75 25.65 34.46
C LEU A 303 -11.63 26.83 34.04
N ARG A 304 -12.80 26.94 34.68
CA ARG A 304 -13.79 27.98 34.36
C ARG A 304 -14.42 27.79 32.97
N ASP A 305 -13.97 26.75 32.27
CA ASP A 305 -14.41 26.43 30.90
C ASP A 305 -14.20 27.62 29.98
N LEU A 306 -15.16 27.85 29.09
CA LEU A 306 -15.10 28.99 28.15
C LEU A 306 -16.49 29.59 28.00
N ALA A 307 -16.57 30.92 28.12
CA ALA A 307 -17.84 31.62 27.97
C ALA A 307 -17.65 33.05 27.49
N LEU A 308 -18.76 33.75 27.31
CA LEU A 308 -18.74 35.15 26.89
C LEU A 308 -19.75 35.96 27.71
N GLU A 309 -19.34 37.14 28.13
CA GLU A 309 -20.21 37.99 28.96
C GLU A 309 -20.30 39.39 28.36
N ARG A 310 -21.53 39.87 28.16
CA ARG A 310 -21.73 41.20 27.61
C ARG A 310 -22.26 42.19 28.65
N ALA A 311 -21.42 43.13 29.03
CA ALA A 311 -21.83 44.24 29.87
C ALA A 311 -21.75 45.51 29.03
N ARG A 312 -22.07 46.64 29.63
CA ARG A 312 -21.93 47.91 28.93
C ARG A 312 -21.53 49.05 29.85
N ARG A 313 -20.94 50.08 29.25
CA ARG A 313 -20.42 51.24 29.98
C ARG A 313 -20.93 52.53 29.35
N ALA A 314 -21.68 53.30 30.12
CA ALA A 314 -22.29 54.53 29.63
C ALA A 314 -21.30 55.70 29.60
N ASN A 315 -20.12 55.48 30.19
CA ASN A 315 -19.07 56.49 30.17
C ASN A 315 -18.63 56.79 28.75
N PHE A 316 -18.40 55.75 27.96
CA PHE A 316 -18.09 55.91 26.54
C PHE A 316 -19.34 55.75 25.66
N GLN A 317 -20.47 55.44 26.29
CA GLN A 317 -21.73 55.23 25.58
C GLN A 317 -21.59 54.17 24.49
N ALA A 318 -21.45 52.91 24.91
CA ALA A 318 -21.21 51.82 23.97
C ALA A 318 -21.68 50.47 24.50
N ASP A 319 -21.34 49.41 23.75
CA ASP A 319 -21.54 48.04 24.20
C ASP A 319 -20.17 47.38 24.18
N GLN A 320 -20.00 46.29 24.94
CA GLN A 320 -18.73 45.57 24.97
C GLN A 320 -18.94 44.07 25.05
N ILE A 321 -18.18 43.32 24.27
CA ILE A 321 -18.24 41.86 24.30
C ILE A 321 -16.84 41.26 24.39
N ILE A 322 -16.60 40.46 25.43
CA ILE A 322 -15.33 39.75 25.57
C ILE A 322 -15.54 38.23 25.62
N ALA A 323 -14.58 37.49 25.09
CA ALA A 323 -14.59 36.04 25.21
C ALA A 323 -13.32 35.58 25.92
N LYS A 324 -13.48 35.04 27.12
CA LYS A 324 -12.36 34.71 28.00
C LYS A 324 -12.36 33.23 28.34
N TYR A 325 -11.18 32.70 28.70
CA TYR A 325 -11.07 31.38 29.32
C TYR A 325 -9.64 31.05 29.74
N ALA A 326 -9.50 30.06 30.63
CA ALA A 326 -8.18 29.65 31.09
C ALA A 326 -7.99 28.14 31.08
N MET A 327 -7.07 27.69 30.22
CA MET A 327 -6.63 26.31 30.19
C MET A 327 -5.12 26.23 29.92
N GLY A 328 -4.41 25.52 30.79
CA GLY A 328 -3.00 25.24 30.56
C GLY A 328 -2.81 24.01 29.69
N HIS A 329 -1.77 24.03 28.87
CA HIS A 329 -1.47 22.92 27.98
C HIS A 329 -0.04 22.41 28.20
N GLY A 330 0.11 21.09 28.22
CA GLY A 330 1.43 20.49 28.38
C GLY A 330 1.39 19.02 27.99
N GLY A 331 2.55 18.48 27.61
CA GLY A 331 2.63 17.10 27.20
C GLY A 331 3.06 16.17 28.33
N LEU A 332 2.77 14.88 28.16
CA LEU A 332 3.12 13.88 29.16
C LEU A 332 3.30 12.51 28.51
N ARG A 333 3.90 11.59 29.26
CA ARG A 333 4.16 10.21 28.81
C ARG A 333 4.66 10.08 27.37
N PRO A 334 5.86 10.63 27.09
CA PRO A 334 6.31 10.52 25.70
C PRO A 334 6.89 9.14 25.41
N GLU A 335 6.16 8.10 25.78
CA GLU A 335 6.51 6.75 25.36
C GLU A 335 5.85 6.48 24.01
N ALA A 336 4.83 7.28 23.70
CA ALA A 336 4.26 7.29 22.37
C ALA A 336 4.08 8.73 21.91
N ALA A 337 4.90 9.12 20.93
CA ALA A 337 4.89 10.43 20.30
C ALA A 337 6.09 10.46 19.37
N GLY A 338 6.11 11.41 18.44
CA GLY A 338 7.32 11.66 17.69
C GLY A 338 7.12 12.44 16.42
N ALA A 339 8.20 12.95 15.85
CA ALA A 339 8.10 13.72 14.60
C ALA A 339 8.86 13.02 13.49
N VAL A 340 8.84 13.62 12.31
CA VAL A 340 9.68 13.16 11.20
C VAL A 340 10.31 14.39 10.54
N VAL A 341 11.62 14.35 10.35
CA VAL A 341 12.37 15.54 9.96
C VAL A 341 13.17 15.35 8.67
N PHE A 342 13.90 16.39 8.29
CA PHE A 342 14.87 16.30 7.20
C PHE A 342 16.23 16.01 7.83
N LYS A 343 17.05 15.21 7.15
CA LYS A 343 18.41 14.97 7.61
C LYS A 343 19.19 16.28 7.58
N VAL A 344 19.95 16.53 8.65
CA VAL A 344 20.73 17.77 8.83
C VAL A 344 19.90 19.03 8.60
N ALA B 2 -6.78 11.40 -82.98
CA ALA B 2 -6.21 11.90 -81.73
C ALA B 2 -7.19 12.82 -81.01
N SER B 3 -8.03 13.49 -81.78
CA SER B 3 -9.05 14.38 -81.23
C SER B 3 -10.12 14.67 -82.26
N MET B 4 -11.12 15.45 -81.87
CA MET B 4 -12.15 15.92 -82.81
C MET B 4 -12.30 17.42 -82.64
N THR B 5 -12.01 18.18 -83.71
CA THR B 5 -12.10 19.62 -83.62
C THR B 5 -13.48 20.07 -84.06
N GLY B 6 -14.28 20.49 -83.09
CA GLY B 6 -15.64 20.94 -83.34
C GLY B 6 -16.52 20.51 -82.18
N GLY B 7 -17.83 20.74 -82.31
CA GLY B 7 -18.79 20.24 -81.36
C GLY B 7 -19.93 21.22 -81.19
N GLN B 8 -20.84 20.94 -80.27
CA GLN B 8 -21.81 21.94 -79.86
C GLN B 8 -21.17 22.89 -78.86
N GLN B 9 -20.46 22.31 -77.89
CA GLN B 9 -19.74 23.04 -76.85
C GLN B 9 -20.49 24.25 -76.27
N MET B 10 -21.56 23.98 -75.54
CA MET B 10 -22.42 25.04 -75.00
C MET B 10 -21.68 26.03 -74.07
N GLY B 11 -20.53 25.61 -73.54
CA GLY B 11 -19.67 26.51 -72.79
C GLY B 11 -18.92 27.43 -73.73
N THR B 12 -18.00 28.23 -73.18
CA THR B 12 -17.21 29.15 -73.99
C THR B 12 -18.11 30.09 -74.80
N ASN B 13 -18.72 31.05 -74.10
CA ASN B 13 -19.82 31.87 -74.63
C ASN B 13 -19.57 32.49 -76.00
N GLN B 14 -18.31 32.71 -76.33
CA GLN B 14 -17.92 33.49 -77.50
C GLN B 14 -18.53 34.87 -77.43
N GLY B 15 -19.15 35.29 -78.53
CA GLY B 15 -19.65 36.65 -78.65
C GLY B 15 -18.79 37.43 -79.60
N LYS B 16 -19.35 38.51 -80.15
CA LYS B 16 -18.66 39.30 -81.17
C LYS B 16 -17.43 40.03 -80.62
N GLY B 17 -17.58 40.61 -79.43
CA GLY B 17 -16.56 41.51 -78.90
C GLY B 17 -15.62 40.95 -77.85
N VAL B 18 -15.45 39.64 -77.81
CA VAL B 18 -14.51 39.04 -76.86
C VAL B 18 -13.19 38.68 -77.53
N VAL B 19 -12.13 39.39 -77.16
CA VAL B 19 -10.83 39.21 -77.81
C VAL B 19 -9.67 39.10 -76.82
N ALA B 20 -9.01 37.95 -76.82
CA ALA B 20 -9.41 36.82 -77.66
C ALA B 20 -10.30 35.86 -76.87
N ALA B 21 -10.48 36.18 -75.59
CA ALA B 21 -11.27 35.35 -74.67
C ALA B 21 -10.80 33.90 -74.68
N GLY B 22 -9.63 33.66 -74.10
CA GLY B 22 -9.05 32.32 -74.05
C GLY B 22 -10.05 31.29 -73.54
N ASP B 23 -10.03 30.12 -74.15
CA ASP B 23 -11.03 29.09 -73.91
C ASP B 23 -11.19 28.74 -72.43
N LYS B 24 -12.45 28.79 -71.97
CA LYS B 24 -12.76 28.52 -70.57
C LYS B 24 -14.09 27.78 -70.44
N LEU B 25 -14.28 27.14 -69.30
CA LEU B 25 -15.53 26.45 -69.02
C LEU B 25 -16.11 26.92 -67.68
N ALA B 26 -17.31 27.52 -67.69
CA ALA B 26 -18.10 27.71 -68.91
C ALA B 26 -19.02 28.93 -68.82
N LEU B 27 -19.92 29.04 -69.78
CA LEU B 27 -20.93 30.10 -69.80
C LEU B 27 -22.07 29.82 -68.83
N PHE B 28 -22.49 28.56 -68.75
CA PHE B 28 -23.69 28.22 -67.97
C PHE B 28 -23.58 28.52 -66.47
N LEU B 29 -24.73 28.73 -65.84
CA LEU B 29 -24.81 29.29 -64.50
C LEU B 29 -24.50 28.33 -63.35
N LYS B 30 -23.84 28.85 -62.32
CA LYS B 30 -23.63 28.13 -61.07
C LYS B 30 -24.90 28.20 -60.23
N VAL B 31 -25.16 27.17 -59.43
CA VAL B 31 -26.39 27.11 -58.65
C VAL B 31 -26.11 26.84 -57.17
N PHE B 32 -26.71 27.62 -56.28
CA PHE B 32 -26.62 27.40 -54.85
C PHE B 32 -27.30 26.07 -54.51
N GLY B 33 -26.91 25.44 -53.41
CA GLY B 33 -27.50 24.17 -53.04
C GLY B 33 -27.54 23.89 -51.56
N GLY B 34 -28.45 23.00 -51.16
CA GLY B 34 -28.59 22.59 -49.77
C GLY B 34 -28.88 23.74 -48.81
N GLU B 35 -28.21 23.71 -47.66
CA GLU B 35 -28.35 24.76 -46.67
C GLU B 35 -27.01 25.45 -46.39
N VAL B 36 -27.09 26.70 -45.92
CA VAL B 36 -25.91 27.54 -45.72
C VAL B 36 -25.10 27.09 -44.53
N LEU B 37 -23.83 27.50 -44.48
CA LEU B 37 -23.00 27.20 -43.32
C LEU B 37 -23.02 28.35 -42.32
N THR B 38 -23.62 28.09 -41.16
CA THR B 38 -23.50 28.99 -40.02
C THR B 38 -22.17 28.71 -39.36
N ALA B 39 -21.62 29.69 -38.66
CA ALA B 39 -20.47 29.46 -37.82
C ALA B 39 -20.97 28.69 -36.60
N PHE B 40 -20.14 27.80 -36.07
CA PHE B 40 -20.54 27.00 -34.92
C PHE B 40 -20.75 27.87 -33.68
N ALA B 41 -21.91 27.73 -33.04
CA ALA B 41 -22.20 28.45 -31.82
C ALA B 41 -21.35 27.88 -30.69
N ARG B 42 -21.10 28.70 -29.66
CA ARG B 42 -20.32 28.26 -28.51
C ARG B 42 -21.21 27.74 -27.38
N THR B 43 -20.59 27.49 -26.24
CA THR B 43 -21.27 26.89 -25.10
C THR B 43 -21.33 27.89 -23.95
N SER B 44 -22.27 27.67 -23.03
CA SER B 44 -22.44 28.54 -21.87
C SER B 44 -21.16 28.68 -21.04
N VAL B 45 -20.40 27.59 -20.93
CA VAL B 45 -19.20 27.55 -20.10
C VAL B 45 -19.52 28.01 -18.67
N THR B 46 -18.96 29.16 -18.28
CA THR B 46 -19.13 29.71 -16.94
C THR B 46 -20.52 30.31 -16.77
N THR B 47 -20.71 31.01 -15.64
CA THR B 47 -21.97 31.70 -15.29
C THR B 47 -23.13 30.77 -14.94
N SER B 48 -22.97 29.49 -15.25
CA SER B 48 -23.93 28.46 -14.83
C SER B 48 -23.46 27.87 -13.51
N ARG B 49 -22.38 28.43 -12.97
CA ARG B 49 -21.75 27.92 -11.75
C ARG B 49 -21.59 28.97 -10.65
N HIS B 50 -20.81 30.01 -10.93
CA HIS B 50 -20.38 30.94 -9.87
C HIS B 50 -21.51 31.82 -9.34
N MET B 51 -21.18 32.66 -8.37
CA MET B 51 -22.18 33.43 -7.65
C MET B 51 -22.62 34.68 -8.40
N VAL B 52 -23.91 34.78 -8.72
CA VAL B 52 -24.47 35.99 -9.30
C VAL B 52 -25.27 36.73 -8.23
N ARG B 53 -25.78 37.91 -8.58
CA ARG B 53 -26.73 38.62 -7.74
C ARG B 53 -27.57 39.54 -8.62
N SER B 54 -28.77 39.89 -8.17
CA SER B 54 -29.70 40.66 -8.99
C SER B 54 -30.32 41.83 -8.23
N ILE B 55 -30.28 43.01 -8.84
CA ILE B 55 -30.85 44.21 -8.24
C ILE B 55 -31.66 45.04 -9.24
N SER B 56 -32.78 45.60 -8.77
CA SER B 56 -33.49 46.64 -9.49
C SER B 56 -33.21 47.92 -8.71
N SER B 57 -32.44 48.83 -9.29
CA SER B 57 -31.70 49.79 -8.48
C SER B 57 -30.89 50.84 -9.23
N GLY B 58 -30.21 51.67 -8.46
CA GLY B 58 -29.42 52.79 -8.93
C GLY B 58 -28.04 52.36 -9.36
N LYS B 59 -27.04 53.21 -9.11
CA LYS B 59 -25.78 53.19 -9.85
C LYS B 59 -24.89 51.96 -9.62
N SER B 60 -24.33 51.81 -8.43
CA SER B 60 -23.40 50.69 -8.20
C SER B 60 -23.59 49.97 -6.85
N ALA B 61 -23.79 48.66 -6.91
CA ALA B 61 -23.91 47.85 -5.70
C ALA B 61 -22.55 47.68 -5.03
N GLN B 62 -22.56 47.37 -3.74
CA GLN B 62 -21.32 47.20 -2.98
C GLN B 62 -21.45 46.09 -1.94
N PHE B 63 -20.31 45.63 -1.42
CA PHE B 63 -20.34 44.62 -0.36
C PHE B 63 -19.32 44.94 0.73
N PRO B 64 -19.70 44.72 2.00
CA PRO B 64 -18.77 44.90 3.12
C PRO B 64 -17.83 43.71 3.20
N VAL B 65 -16.71 43.84 3.90
CA VAL B 65 -15.89 42.69 4.23
C VAL B 65 -15.87 42.54 5.75
N LEU B 66 -15.20 41.50 6.25
CA LEU B 66 -15.10 41.31 7.69
C LEU B 66 -13.71 40.80 8.04
N GLY B 67 -13.13 41.38 9.07
CA GLY B 67 -11.77 41.06 9.47
C GLY B 67 -11.65 39.72 10.17
N ARG B 68 -10.45 39.46 10.70
CA ARG B 68 -10.20 38.23 11.45
C ARG B 68 -9.45 38.57 12.74
N THR B 69 -9.90 37.98 13.85
CA THR B 69 -9.47 38.41 15.18
C THR B 69 -8.04 38.04 15.58
N GLN B 70 -7.67 38.45 16.79
CA GLN B 70 -6.36 38.17 17.36
C GLN B 70 -6.55 37.93 18.86
N ALA B 71 -5.75 37.04 19.44
CA ALA B 71 -5.88 36.71 20.86
C ALA B 71 -4.60 37.05 21.62
N ALA B 72 -4.75 37.28 22.93
CA ALA B 72 -3.61 37.60 23.79
C ALA B 72 -3.82 37.12 25.22
N TYR B 73 -2.80 37.30 26.06
CA TYR B 73 -2.81 36.71 27.41
C TYR B 73 -3.54 37.45 28.54
N LEU B 74 -3.64 38.77 28.46
CA LEU B 74 -4.32 39.54 29.51
C LEU B 74 -3.69 39.27 30.87
N ALA B 75 -2.47 39.79 31.07
CA ALA B 75 -1.73 39.62 32.32
C ALA B 75 -2.53 40.13 33.52
N PRO B 76 -2.25 39.59 34.72
CA PRO B 76 -2.98 40.06 35.91
C PRO B 76 -2.68 41.51 36.23
N GLY B 77 -3.69 42.26 36.66
CA GLY B 77 -3.53 43.67 36.96
C GLY B 77 -3.21 44.48 35.73
N GLU B 78 -4.00 44.30 34.67
CA GLU B 78 -3.82 45.04 33.43
C GLU B 78 -5.14 45.66 32.97
N ASN B 79 -5.07 46.90 32.51
CA ASN B 79 -6.24 47.64 32.05
C ASN B 79 -6.97 46.93 30.92
N LEU B 80 -8.30 47.04 30.90
CA LEU B 80 -9.13 46.36 29.91
C LEU B 80 -8.94 46.92 28.51
N ASP B 81 -8.77 48.23 28.42
CA ASP B 81 -8.89 48.94 27.15
C ASP B 81 -7.71 48.81 26.17
N ASP B 82 -6.53 49.29 26.55
CA ASP B 82 -5.40 49.47 25.63
C ASP B 82 -5.08 48.24 24.77
N LYS B 83 -5.39 47.05 25.30
CA LYS B 83 -5.22 45.79 24.57
C LYS B 83 -5.85 45.79 23.18
N ARG B 84 -7.16 45.97 23.12
CA ARG B 84 -7.94 45.75 21.90
C ARG B 84 -7.41 46.47 20.67
N LYS B 85 -7.25 45.72 19.59
CA LYS B 85 -6.81 46.29 18.33
C LYS B 85 -8.03 46.63 17.47
N ASP B 86 -9.22 46.29 17.98
CA ASP B 86 -10.48 46.74 17.38
C ASP B 86 -10.64 46.28 15.93
N ILE B 87 -11.01 45.02 15.73
CA ILE B 87 -10.99 44.38 14.41
C ILE B 87 -11.61 45.28 13.35
N LYS B 88 -10.85 45.46 12.28
CA LYS B 88 -11.16 46.47 11.27
C LYS B 88 -11.65 45.85 9.98
N HIS B 89 -12.75 46.38 9.46
CA HIS B 89 -13.24 46.00 8.16
C HIS B 89 -13.27 47.20 7.23
N THR B 90 -12.37 47.21 6.26
CA THR B 90 -12.38 48.25 5.24
C THR B 90 -12.98 47.64 3.99
N GLU B 91 -14.21 48.05 3.67
CA GLU B 91 -15.00 47.38 2.63
C GLU B 91 -14.49 47.65 1.23
N LYS B 92 -15.20 47.09 0.25
CA LYS B 92 -14.90 47.36 -1.16
C LYS B 92 -16.19 47.42 -1.98
N VAL B 93 -16.05 47.65 -3.28
CA VAL B 93 -17.20 47.93 -4.12
C VAL B 93 -17.04 47.35 -5.53
N ILE B 94 -18.15 47.00 -6.17
CA ILE B 94 -18.14 46.61 -7.57
C ILE B 94 -18.89 47.69 -8.35
N THR B 95 -18.58 47.84 -9.63
CA THR B 95 -19.22 48.86 -10.44
C THR B 95 -19.83 48.28 -11.71
N ILE B 96 -21.16 48.33 -11.80
CA ILE B 96 -21.85 47.93 -13.01
C ILE B 96 -21.78 49.06 -14.03
N ASP B 97 -21.21 48.77 -15.19
CA ASP B 97 -21.14 49.75 -16.27
C ASP B 97 -21.73 49.16 -17.54
N GLY B 98 -22.85 49.74 -17.97
CA GLY B 98 -23.45 49.38 -19.24
C GLY B 98 -22.91 50.31 -20.31
N LEU B 99 -23.64 50.41 -21.42
CA LEU B 99 -24.81 49.59 -21.65
C LEU B 99 -24.50 48.65 -22.81
N LEU B 100 -24.28 47.37 -22.50
CA LEU B 100 -23.73 46.44 -23.49
C LEU B 100 -24.78 46.04 -24.50
N THR B 101 -24.47 46.24 -25.77
CA THR B 101 -25.42 45.90 -26.82
C THR B 101 -24.74 45.55 -28.13
N ALA B 102 -25.54 45.15 -29.10
CA ALA B 102 -25.09 44.98 -30.47
C ALA B 102 -26.33 45.10 -31.33
N ASP B 103 -26.16 45.06 -32.65
CA ASP B 103 -27.25 45.27 -33.57
C ASP B 103 -26.82 45.08 -35.01
N VAL B 104 -27.78 44.87 -35.89
CA VAL B 104 -27.49 44.75 -37.32
C VAL B 104 -28.69 45.23 -38.11
N LEU B 105 -28.44 45.72 -39.33
CA LEU B 105 -29.50 46.19 -40.20
C LEU B 105 -29.51 45.47 -41.55
N ILE B 106 -30.71 45.23 -42.06
CA ILE B 106 -30.87 44.62 -43.37
C ILE B 106 -31.68 45.58 -44.25
N TYR B 107 -31.11 45.97 -45.38
CA TYR B 107 -31.82 46.83 -46.32
C TYR B 107 -32.88 45.98 -47.04
N ASP B 108 -33.97 46.62 -47.46
CA ASP B 108 -35.07 45.90 -48.10
C ASP B 108 -34.69 45.39 -49.49
N ILE B 109 -34.21 46.31 -50.33
CA ILE B 109 -33.90 45.99 -51.73
C ILE B 109 -32.76 44.99 -51.89
N GLU B 110 -31.64 45.25 -51.22
CA GLU B 110 -30.46 44.39 -51.35
C GLU B 110 -30.69 43.02 -50.71
N ASP B 111 -31.80 42.89 -49.97
CA ASP B 111 -32.20 41.61 -49.39
C ASP B 111 -32.86 40.72 -50.43
N ALA B 112 -33.70 41.31 -51.27
CA ALA B 112 -34.53 40.57 -52.21
C ALA B 112 -33.76 39.69 -53.19
N MET B 113 -34.33 38.53 -53.51
CA MET B 113 -33.76 37.60 -54.47
C MET B 113 -32.39 37.07 -54.05
N ASN B 114 -32.14 37.01 -52.74
CA ASN B 114 -30.93 36.38 -52.21
C ASN B 114 -31.16 34.93 -51.75
N HIS B 115 -32.37 34.43 -51.97
CA HIS B 115 -32.74 33.00 -51.81
C HIS B 115 -32.65 32.36 -50.41
N TYR B 116 -32.15 33.10 -49.42
CA TYR B 116 -32.22 32.64 -48.02
C TYR B 116 -32.50 33.78 -47.03
N ASP B 117 -33.35 33.50 -46.04
CA ASP B 117 -33.90 34.53 -45.15
C ASP B 117 -32.87 35.19 -44.21
N VAL B 118 -32.13 34.37 -43.46
CA VAL B 118 -31.01 34.80 -42.62
C VAL B 118 -31.34 35.55 -41.31
N ARG B 119 -32.60 35.94 -41.14
CA ARG B 119 -33.03 36.67 -39.94
C ARG B 119 -32.74 35.91 -38.65
N SER B 120 -33.22 34.66 -38.62
CA SER B 120 -33.01 33.75 -37.50
C SER B 120 -31.56 33.67 -37.05
N GLU B 121 -30.71 33.23 -37.97
CA GLU B 121 -29.27 33.10 -37.73
C GLU B 121 -28.65 34.39 -37.18
N TYR B 122 -29.16 35.53 -37.64
CA TYR B 122 -28.71 36.82 -37.14
C TYR B 122 -29.06 36.98 -35.65
N THR B 123 -30.33 36.75 -35.32
CA THR B 123 -30.76 36.80 -33.92
C THR B 123 -29.89 35.91 -33.02
N SER B 124 -29.73 34.67 -33.45
CA SER B 124 -28.88 33.70 -32.76
C SER B 124 -27.46 34.22 -32.53
N GLN B 125 -26.84 34.67 -33.62
CA GLN B 125 -25.50 35.24 -33.59
C GLN B 125 -25.38 36.33 -32.54
N LEU B 126 -26.37 37.23 -32.52
CA LEU B 126 -26.40 38.29 -31.52
C LEU B 126 -26.40 37.74 -30.09
N GLY B 127 -27.35 36.86 -29.79
CA GLY B 127 -27.44 36.28 -28.46
C GLY B 127 -26.16 35.60 -27.98
N GLU B 128 -25.64 34.68 -28.79
CA GLU B 128 -24.43 33.95 -28.42
C GLU B 128 -23.23 34.89 -28.28
N SER B 129 -23.17 35.91 -29.15
CA SER B 129 -22.12 36.92 -29.07
C SER B 129 -22.15 37.59 -27.71
N LEU B 130 -23.32 38.03 -27.29
CA LEU B 130 -23.50 38.63 -25.97
C LEU B 130 -23.03 37.70 -24.84
N ALA B 131 -23.50 36.45 -24.88
CA ALA B 131 -23.10 35.46 -23.88
C ALA B 131 -21.57 35.30 -23.75
N MET B 132 -20.94 34.89 -24.85
CA MET B 132 -19.50 34.66 -24.86
C MET B 132 -18.71 35.92 -24.51
N ALA B 133 -19.29 37.08 -24.83
CA ALA B 133 -18.68 38.35 -24.44
C ALA B 133 -18.64 38.47 -22.92
N ALA B 134 -19.79 38.26 -22.28
CA ALA B 134 -19.86 38.28 -20.82
C ALA B 134 -18.87 37.30 -20.16
N ASP B 135 -18.87 36.06 -20.65
CA ASP B 135 -17.96 35.03 -20.15
C ASP B 135 -16.48 35.44 -20.25
N GLY B 136 -16.07 35.84 -21.46
CA GLY B 136 -14.70 36.29 -21.68
C GLY B 136 -14.34 37.44 -20.76
N ALA B 137 -15.28 38.35 -20.56
CA ALA B 137 -15.12 39.45 -19.62
C ALA B 137 -14.79 38.95 -18.21
N VAL B 138 -15.69 38.16 -17.62
CA VAL B 138 -15.47 37.61 -16.28
C VAL B 138 -14.13 36.87 -16.14
N LEU B 139 -13.84 36.01 -17.10
CA LEU B 139 -12.61 35.21 -17.06
C LEU B 139 -11.35 36.06 -17.19
N ALA B 140 -11.46 37.18 -17.90
CA ALA B 140 -10.38 38.17 -17.92
C ALA B 140 -10.24 38.80 -16.53
N GLU B 141 -11.38 39.08 -15.91
CA GLU B 141 -11.44 39.73 -14.60
C GLU B 141 -10.78 38.95 -13.46
N ILE B 142 -11.16 37.67 -13.29
CA ILE B 142 -10.66 36.86 -12.17
C ILE B 142 -9.13 36.93 -12.03
N ALA B 143 -8.44 36.81 -13.16
CA ALA B 143 -7.00 36.92 -13.18
C ALA B 143 -6.55 38.38 -13.06
N GLY B 144 -6.94 39.18 -14.05
CA GLY B 144 -6.51 40.57 -14.17
C GLY B 144 -6.63 41.44 -12.93
N LEU B 145 -7.67 41.22 -12.14
CA LEU B 145 -7.87 42.01 -10.92
C LEU B 145 -7.07 41.39 -9.75
N CYS B 146 -7.53 40.22 -9.32
CA CYS B 146 -7.00 39.59 -8.12
C CYS B 146 -5.49 39.31 -8.16
N ASN B 147 -5.01 38.76 -9.27
CA ASN B 147 -3.65 38.21 -9.30
C ASN B 147 -2.50 39.19 -9.52
N VAL B 148 -2.65 40.11 -10.47
CA VAL B 148 -1.52 40.91 -10.95
C VAL B 148 -1.26 42.28 -10.31
N GLU B 149 -2.03 42.63 -9.27
CA GLU B 149 -1.87 43.93 -8.63
C GLU B 149 -0.58 44.08 -7.81
N SER B 150 -0.16 45.33 -7.59
CA SER B 150 0.99 45.62 -6.74
C SER B 150 0.54 45.73 -5.29
N LYS B 151 1.09 44.89 -4.43
CA LYS B 151 0.58 44.69 -3.06
C LYS B 151 -0.95 44.61 -3.08
N TYR B 152 -1.60 45.49 -2.32
CA TYR B 152 -3.04 45.71 -2.43
C TYR B 152 -3.88 44.43 -2.41
N ASN B 153 -3.89 43.75 -1.26
CA ASN B 153 -4.74 42.59 -1.09
C ASN B 153 -5.89 42.95 -0.17
N GLU B 154 -7.06 42.34 -0.39
CA GLU B 154 -8.27 42.68 0.35
C GLU B 154 -8.07 42.55 1.86
N ASN B 155 -8.76 43.39 2.63
CA ASN B 155 -8.55 43.51 4.07
C ASN B 155 -7.08 43.84 4.35
N ILE B 156 -6.51 43.28 5.41
CA ILE B 156 -5.06 43.34 5.61
C ILE B 156 -4.49 41.97 5.98
N GLU B 157 -4.75 41.54 7.21
CA GLU B 157 -4.40 40.21 7.74
C GLU B 157 -3.02 39.68 7.35
N GLY B 158 -2.96 38.39 7.02
CA GLY B 158 -1.76 37.80 6.45
C GLY B 158 -1.99 37.36 5.02
N LEU B 159 -3.14 37.70 4.47
CA LEU B 159 -3.61 37.10 3.23
C LEU B 159 -3.03 37.68 1.94
N GLY B 160 -2.71 36.80 1.01
CA GLY B 160 -2.39 37.18 -0.35
C GLY B 160 -2.69 36.02 -1.29
N THR B 161 -2.99 36.33 -2.54
CA THR B 161 -3.42 35.30 -3.50
C THR B 161 -2.25 34.73 -4.29
N ALA B 162 -2.25 33.42 -4.51
CA ALA B 162 -1.10 32.72 -5.05
C ALA B 162 -1.06 32.63 -6.57
N THR B 163 0.13 32.83 -7.13
CA THR B 163 0.41 32.55 -8.53
C THR B 163 1.36 31.36 -8.53
N VAL B 164 0.89 30.20 -8.98
CA VAL B 164 1.69 28.99 -8.88
C VAL B 164 2.59 28.82 -10.11
N ILE B 165 3.89 28.90 -9.88
CA ILE B 165 4.89 28.80 -10.94
C ILE B 165 5.18 27.34 -11.24
N GLU B 166 6.21 27.11 -12.06
CA GLU B 166 6.61 25.74 -12.38
C GLU B 166 8.12 25.61 -12.41
N THR B 167 8.60 24.41 -12.08
CA THR B 167 10.01 24.08 -12.15
C THR B 167 10.37 23.77 -13.60
N THR B 168 11.54 23.18 -13.80
CA THR B 168 12.08 22.95 -15.14
C THR B 168 12.32 24.26 -15.87
N GLN B 169 11.69 24.43 -17.02
CA GLN B 169 12.07 25.53 -17.92
C GLN B 169 10.91 26.15 -18.71
N ASN B 170 11.29 26.98 -19.67
CA ASN B 170 10.36 27.77 -20.48
C ASN B 170 9.47 26.94 -21.40
N LYS B 171 8.39 27.57 -21.87
CA LYS B 171 7.41 26.94 -22.75
C LYS B 171 8.01 26.25 -23.97
N ALA B 172 9.14 26.77 -24.44
CA ALA B 172 9.78 26.23 -25.63
C ALA B 172 10.78 25.13 -25.29
N ALA B 173 11.04 24.94 -24.00
CA ALA B 173 12.07 24.00 -23.56
C ALA B 173 11.53 22.61 -23.17
N LEU B 174 10.22 22.40 -23.31
CA LEU B 174 9.65 21.09 -23.02
C LEU B 174 8.95 20.47 -24.24
N THR B 175 7.86 21.09 -24.68
CA THR B 175 7.14 20.69 -25.90
C THR B 175 6.87 19.18 -25.99
N ASP B 176 6.09 18.66 -25.05
CA ASP B 176 5.76 17.24 -25.01
C ASP B 176 4.47 17.01 -24.23
N GLN B 177 3.82 15.87 -24.45
CA GLN B 177 2.63 15.52 -23.68
C GLN B 177 2.96 14.91 -22.32
N VAL B 178 3.94 14.00 -22.30
CA VAL B 178 4.37 13.34 -21.07
C VAL B 178 4.92 14.30 -20.01
N ALA B 179 6.07 14.91 -20.32
CA ALA B 179 6.76 15.80 -19.40
C ALA B 179 5.87 16.94 -18.92
N LEU B 180 5.34 17.70 -19.88
CA LEU B 180 4.42 18.79 -19.56
C LEU B 180 3.25 18.29 -18.74
N GLY B 181 2.69 17.13 -19.09
CA GLY B 181 1.58 16.57 -18.34
C GLY B 181 1.89 16.35 -16.87
N LYS B 182 2.96 15.62 -16.61
CA LYS B 182 3.41 15.35 -15.24
C LYS B 182 3.63 16.66 -14.48
N GLU B 183 4.28 17.60 -15.14
CA GLU B 183 4.51 18.92 -14.53
C GLU B 183 3.20 19.65 -14.19
N ILE B 184 2.23 19.55 -15.08
CA ILE B 184 0.91 20.12 -14.87
C ILE B 184 0.24 19.51 -13.64
N ILE B 185 0.32 18.18 -13.53
CA ILE B 185 -0.24 17.50 -12.36
C ILE B 185 0.40 17.98 -11.06
N ALA B 186 1.73 18.02 -11.05
CA ALA B 186 2.49 18.52 -9.90
C ALA B 186 2.04 19.93 -9.50
N ALA B 187 1.96 20.81 -10.49
CA ALA B 187 1.47 22.17 -10.26
C ALA B 187 0.04 22.17 -9.73
N LEU B 188 -0.76 21.20 -10.16
CA LEU B 188 -2.18 21.13 -9.78
C LEU B 188 -2.36 20.74 -8.33
N THR B 189 -1.61 19.75 -7.85
CA THR B 189 -1.68 19.39 -6.44
C THR B 189 -1.02 20.47 -5.57
N LYS B 190 0.02 21.09 -6.11
CA LYS B 190 0.70 22.19 -5.46
C LYS B 190 -0.29 23.32 -5.15
N ALA B 191 -0.97 23.79 -6.18
CA ALA B 191 -2.00 24.81 -6.05
C ALA B 191 -3.20 24.33 -5.23
N ARG B 192 -3.51 23.04 -5.34
CA ARG B 192 -4.58 22.42 -4.57
C ARG B 192 -4.38 22.62 -3.08
N ALA B 193 -3.19 22.26 -2.59
CA ALA B 193 -2.85 22.46 -1.20
C ALA B 193 -2.73 23.95 -0.87
N ALA B 194 -2.13 24.70 -1.80
CA ALA B 194 -1.96 26.14 -1.63
C ALA B 194 -3.28 26.87 -1.43
N LEU B 195 -4.37 26.26 -1.90
CA LEU B 195 -5.71 26.81 -1.73
C LEU B 195 -6.28 26.52 -0.34
N THR B 196 -6.01 25.32 0.17
CA THR B 196 -6.63 24.86 1.42
C THR B 196 -5.94 25.46 2.65
N LYS B 197 -4.89 26.23 2.42
CA LYS B 197 -4.38 27.16 3.43
C LYS B 197 -4.92 28.56 3.09
N ASN B 198 -5.21 29.34 4.12
CA ASN B 198 -6.17 30.46 4.07
C ASN B 198 -7.54 29.87 3.77
N TYR B 199 -7.62 28.57 4.02
CA TYR B 199 -8.78 27.68 3.91
C TYR B 199 -9.57 27.81 2.62
N VAL B 200 -10.83 27.37 2.71
CA VAL B 200 -11.97 27.60 1.80
C VAL B 200 -12.95 26.52 2.23
N PRO B 201 -14.26 26.76 2.14
CA PRO B 201 -15.03 25.52 2.18
C PRO B 201 -14.82 24.75 0.87
N ALA B 202 -14.44 23.47 0.96
CA ALA B 202 -14.38 22.61 -0.22
C ALA B 202 -14.94 21.24 0.17
N ALA B 203 -16.06 20.79 -0.41
CA ALA B 203 -16.89 21.43 -1.44
C ALA B 203 -16.32 21.69 -2.85
N ASP B 204 -16.59 22.88 -3.38
CA ASP B 204 -16.62 23.08 -4.83
C ASP B 204 -15.29 23.27 -5.54
N ARG B 205 -14.73 24.47 -5.37
CA ARG B 205 -13.71 25.05 -6.25
C ARG B 205 -14.13 25.05 -7.72
N VAL B 206 -13.15 24.85 -8.61
CA VAL B 206 -13.34 24.84 -10.06
C VAL B 206 -11.96 24.79 -10.73
N PHE B 207 -11.92 24.56 -12.04
CA PHE B 207 -10.68 24.74 -12.80
C PHE B 207 -10.95 25.14 -14.25
N TYR B 208 -10.04 25.93 -14.82
CA TYR B 208 -10.14 26.37 -16.20
C TYR B 208 -8.82 26.12 -16.94
N CYS B 209 -8.91 25.68 -18.19
CA CYS B 209 -7.70 25.32 -18.95
C CYS B 209 -7.69 25.78 -20.40
N ASP B 210 -6.62 26.48 -20.77
CA ASP B 210 -6.29 26.67 -22.17
C ASP B 210 -6.17 25.27 -22.75
N PRO B 211 -7.00 24.96 -23.76
CA PRO B 211 -7.28 23.59 -24.22
C PRO B 211 -6.04 22.70 -24.46
N ASP B 212 -4.90 23.31 -24.80
CA ASP B 212 -3.66 22.56 -24.96
C ASP B 212 -3.25 21.92 -23.64
N SER B 213 -3.41 22.66 -22.55
CA SER B 213 -3.17 22.15 -21.21
C SER B 213 -4.07 20.95 -20.92
N TYR B 214 -5.32 21.05 -21.36
CA TYR B 214 -6.27 19.96 -21.21
C TYR B 214 -5.77 18.73 -21.94
N SER B 215 -5.26 18.93 -23.15
CA SER B 215 -4.62 17.86 -23.92
C SER B 215 -3.45 17.24 -23.16
N ALA B 216 -2.64 18.10 -22.55
CA ALA B 216 -1.50 17.69 -21.73
C ALA B 216 -1.93 16.76 -20.60
N ILE B 217 -2.78 17.26 -19.70
CA ILE B 217 -3.34 16.47 -18.61
C ILE B 217 -3.91 15.14 -19.11
N LEU B 218 -4.75 15.21 -20.14
CA LEU B 218 -5.42 14.01 -20.65
C LEU B 218 -4.44 12.99 -21.21
N ALA B 219 -3.33 13.47 -21.76
CA ALA B 219 -2.30 12.58 -22.33
C ALA B 219 -1.30 12.12 -21.27
N ALA B 220 -1.34 12.75 -20.11
CA ALA B 220 -0.46 12.38 -19.00
C ALA B 220 -0.94 11.08 -18.35
N LEU B 221 -2.26 10.94 -18.23
CA LEU B 221 -2.83 9.71 -17.67
C LEU B 221 -3.53 8.92 -18.78
N MET B 222 -2.89 7.81 -19.17
CA MET B 222 -3.34 6.93 -20.26
C MET B 222 -2.52 5.65 -20.12
N PRO B 223 -2.66 4.71 -21.07
CA PRO B 223 -1.66 3.63 -21.17
C PRO B 223 -0.27 4.17 -21.53
N ASN B 224 0.70 3.29 -21.77
CA ASN B 224 2.10 3.72 -21.86
C ASN B 224 2.49 4.40 -20.55
N ALA B 225 2.69 5.71 -20.61
CA ALA B 225 3.04 6.50 -19.43
C ALA B 225 1.95 6.42 -18.36
N ALA B 226 2.34 6.74 -17.13
CA ALA B 226 1.57 6.52 -15.91
C ALA B 226 1.18 5.05 -15.66
N ASN B 227 0.01 4.81 -15.05
CA ASN B 227 -0.29 3.49 -14.47
C ASN B 227 -1.76 3.14 -14.20
N TYR B 228 -2.01 1.84 -14.02
CA TYR B 228 -3.24 1.25 -13.44
C TYR B 228 -4.61 1.73 -13.93
N ALA B 229 -5.59 1.77 -13.03
CA ALA B 229 -6.96 2.07 -13.42
C ALA B 229 -7.11 3.55 -13.74
N ALA B 230 -6.35 4.37 -13.03
CA ALA B 230 -6.43 5.82 -13.15
C ALA B 230 -7.86 6.33 -13.01
N LEU B 231 -8.27 7.14 -13.97
CA LEU B 231 -9.59 7.75 -13.96
C LEU B 231 -10.14 7.91 -15.38
N ILE B 232 -11.20 8.70 -15.49
CA ILE B 232 -11.93 8.98 -16.73
C ILE B 232 -12.35 7.73 -17.51
N ASP B 233 -12.49 7.85 -18.83
CA ASP B 233 -12.37 6.76 -19.77
C ASP B 233 -11.82 7.39 -21.04
N PRO B 234 -10.89 6.71 -21.72
CA PRO B 234 -10.49 7.37 -22.98
C PRO B 234 -11.21 6.86 -24.22
N GLU B 235 -12.53 6.77 -24.18
CA GLU B 235 -13.33 6.62 -25.39
C GLU B 235 -13.80 8.02 -25.77
N LYS B 236 -13.54 8.95 -24.84
CA LYS B 236 -13.92 10.36 -24.98
C LYS B 236 -13.15 11.17 -23.94
N GLY B 237 -13.42 12.46 -23.88
CA GLY B 237 -12.69 13.35 -22.97
C GLY B 237 -13.45 13.84 -21.75
N SER B 238 -14.53 13.15 -21.39
CA SER B 238 -15.44 13.59 -20.34
C SER B 238 -14.75 13.85 -19.00
N ILE B 239 -13.56 13.27 -18.85
CA ILE B 239 -12.72 13.38 -17.64
C ILE B 239 -13.47 13.06 -16.32
N ARG B 240 -13.19 13.82 -15.26
CA ARG B 240 -13.67 13.54 -13.92
C ARG B 240 -13.08 14.62 -13.04
N ASN B 241 -13.38 14.58 -11.75
CA ASN B 241 -12.81 15.55 -10.84
C ASN B 241 -11.42 15.08 -10.45
N VAL B 242 -10.39 15.84 -10.85
CA VAL B 242 -9.00 15.46 -10.58
C VAL B 242 -8.73 15.37 -9.08
N MET B 243 -8.66 16.53 -8.44
CA MET B 243 -8.83 16.66 -6.99
C MET B 243 -10.30 17.01 -6.83
N GLY B 244 -10.71 17.47 -5.65
CA GLY B 244 -12.00 18.10 -5.59
C GLY B 244 -11.84 19.31 -6.48
N PHE B 245 -12.61 19.33 -7.57
CA PHE B 245 -12.43 20.26 -8.68
C PHE B 245 -13.40 19.83 -9.76
N GLU B 246 -13.65 20.71 -10.73
CA GLU B 246 -14.23 20.27 -11.99
C GLU B 246 -13.42 20.96 -13.09
N VAL B 247 -12.67 20.17 -13.87
CA VAL B 247 -11.85 20.76 -14.91
C VAL B 247 -12.73 21.04 -16.12
N VAL B 248 -12.84 22.32 -16.47
CA VAL B 248 -13.73 22.74 -17.54
C VAL B 248 -12.94 23.27 -18.71
N GLU B 249 -13.16 22.67 -19.87
CA GLU B 249 -12.55 23.13 -21.11
C GLU B 249 -13.01 24.56 -21.41
N VAL B 250 -12.06 25.47 -21.56
CA VAL B 250 -12.38 26.83 -22.01
C VAL B 250 -11.71 27.14 -23.34
N PRO B 251 -12.50 27.22 -24.41
CA PRO B 251 -11.99 27.51 -25.77
C PRO B 251 -11.46 28.92 -25.88
N HIS B 252 -12.13 29.86 -25.22
CA HIS B 252 -11.75 31.27 -25.29
C HIS B 252 -11.12 31.74 -23.98
N LEU B 253 -9.81 31.96 -23.99
CA LEU B 253 -9.14 32.48 -22.80
C LEU B 253 -8.56 33.86 -23.10
N THR B 254 -8.39 34.65 -22.04
CA THR B 254 -8.02 36.06 -22.17
C THR B 254 -9.03 36.79 -23.05
N ALA B 255 -8.53 37.69 -23.90
CA ALA B 255 -9.40 38.55 -24.71
C ALA B 255 -10.50 39.17 -23.85
N GLY B 256 -11.74 39.03 -24.30
CA GLY B 256 -12.90 39.40 -23.50
C GLY B 256 -12.91 40.81 -22.95
N GLY B 257 -12.27 41.73 -23.66
CA GLY B 257 -12.26 43.12 -23.24
C GLY B 257 -13.64 43.75 -23.35
N ALA B 258 -14.22 43.67 -24.55
CA ALA B 258 -15.57 44.15 -24.81
C ALA B 258 -15.81 45.59 -24.36
N GLY B 259 -15.21 46.54 -25.06
CA GLY B 259 -15.38 47.94 -24.72
C GLY B 259 -15.22 48.91 -25.88
N THR B 260 -15.80 50.09 -25.72
CA THR B 260 -15.72 51.18 -26.69
C THR B 260 -16.14 50.77 -28.11
N ALA B 261 -15.21 50.84 -29.05
CA ALA B 261 -15.48 50.50 -30.44
C ALA B 261 -15.71 49.01 -30.65
N ARG B 262 -16.35 48.67 -31.76
CA ARG B 262 -16.69 47.29 -32.08
C ARG B 262 -15.44 46.50 -32.51
N GLU B 263 -14.34 47.22 -32.74
CA GLU B 263 -13.09 46.58 -33.13
C GLU B 263 -12.45 45.88 -31.93
N GLY B 264 -11.56 44.93 -32.19
CA GLY B 264 -11.00 44.08 -31.15
C GLY B 264 -10.20 44.78 -30.06
N THR B 265 -9.18 45.54 -30.46
CA THR B 265 -8.32 46.25 -29.52
C THR B 265 -8.83 47.66 -29.25
N THR B 266 -8.00 48.50 -28.64
CA THR B 266 -8.28 49.93 -28.50
C THR B 266 -9.51 50.35 -27.70
N GLY B 267 -9.42 50.29 -26.37
CA GLY B 267 -10.49 50.77 -25.51
C GLY B 267 -11.32 49.74 -24.77
N GLN B 268 -10.81 48.51 -24.68
CA GLN B 268 -11.40 47.50 -23.81
C GLN B 268 -11.41 48.03 -22.37
N LYS B 269 -12.58 48.02 -21.73
CA LYS B 269 -12.68 48.44 -20.33
C LYS B 269 -11.92 47.46 -19.44
N HIS B 270 -12.17 46.17 -19.64
CA HIS B 270 -11.43 45.14 -18.93
C HIS B 270 -10.22 44.70 -19.76
N VAL B 271 -9.11 44.44 -19.07
CA VAL B 271 -7.84 44.19 -19.76
C VAL B 271 -7.19 42.87 -19.37
N PHE B 272 -6.66 42.15 -20.36
CA PHE B 272 -5.78 41.02 -20.12
C PHE B 272 -4.41 41.35 -20.70
N PRO B 273 -3.41 41.56 -19.83
CA PRO B 273 -2.06 41.97 -20.19
C PRO B 273 -1.44 41.08 -21.26
N ALA B 274 -0.69 41.67 -22.19
CA ALA B 274 -0.15 40.94 -23.32
C ALA B 274 1.08 40.10 -22.98
N ASN B 275 1.91 40.60 -22.09
CA ASN B 275 3.18 39.94 -21.74
C ASN B 275 3.68 40.29 -20.35
N LYS B 276 4.94 39.94 -20.08
CA LYS B 276 5.56 40.14 -18.77
C LYS B 276 5.45 41.59 -18.27
N GLY B 277 5.27 42.52 -19.20
CA GLY B 277 5.01 43.90 -18.86
C GLY B 277 6.14 44.60 -18.15
N GLU B 278 5.82 45.69 -17.46
CA GLU B 278 6.81 46.51 -16.77
C GLU B 278 7.37 45.80 -15.53
N GLY B 279 6.73 44.70 -15.14
CA GLY B 279 7.15 43.97 -13.95
C GLY B 279 6.16 44.15 -12.81
N ASN B 280 5.11 44.92 -13.05
CA ASN B 280 4.01 45.05 -12.10
C ASN B 280 3.09 43.84 -12.23
N VAL B 281 3.19 43.17 -13.37
CA VAL B 281 2.34 42.02 -13.68
C VAL B 281 3.11 40.69 -13.61
N LYS B 282 2.66 39.81 -12.73
CA LYS B 282 3.29 38.50 -12.54
C LYS B 282 2.86 37.52 -13.63
N VAL B 283 1.58 37.59 -13.99
CA VAL B 283 0.99 36.65 -14.95
C VAL B 283 0.28 37.39 -16.09
N ALA B 284 0.52 36.96 -17.32
CA ALA B 284 -0.09 37.59 -18.48
C ALA B 284 -0.69 36.60 -19.48
N LYS B 285 -1.26 37.15 -20.56
CA LYS B 285 -1.83 36.35 -21.64
C LYS B 285 -0.74 35.63 -22.42
N ASP B 286 0.45 36.20 -22.42
CA ASP B 286 1.61 35.62 -23.10
C ASP B 286 1.82 34.17 -22.67
N ASN B 287 1.98 33.97 -21.37
CA ASN B 287 2.03 32.62 -20.81
C ASN B 287 1.09 32.44 -19.61
N VAL B 288 0.03 31.65 -19.80
CA VAL B 288 -0.81 31.19 -18.70
C VAL B 288 -1.39 29.82 -19.02
N ILE B 289 -1.36 28.90 -18.05
CA ILE B 289 -1.91 27.56 -18.26
C ILE B 289 -3.30 27.43 -17.65
N GLY B 290 -3.73 28.45 -16.91
CA GLY B 290 -5.04 28.43 -16.30
C GLY B 290 -5.13 29.12 -14.96
N LEU B 291 -6.28 28.97 -14.33
CA LEU B 291 -6.56 29.63 -13.06
C LEU B 291 -7.66 28.88 -12.32
N PHE B 292 -8.04 29.37 -11.14
CA PHE B 292 -9.02 28.66 -10.31
C PHE B 292 -9.76 29.58 -9.34
N MET B 293 -10.90 29.11 -8.85
CA MET B 293 -11.67 29.80 -7.82
C MET B 293 -12.58 28.83 -7.07
N HIS B 294 -13.06 29.24 -5.90
CA HIS B 294 -13.97 28.45 -5.07
C HIS B 294 -15.39 28.74 -5.50
N ARG B 295 -15.48 29.50 -6.58
CA ARG B 295 -16.44 30.58 -6.83
C ARG B 295 -16.30 31.65 -5.73
N SER B 296 -17.36 32.40 -5.47
CA SER B 296 -17.42 33.42 -4.42
C SER B 296 -16.23 34.40 -4.44
N ALA B 297 -15.44 34.36 -5.51
CA ALA B 297 -14.35 35.32 -5.71
C ALA B 297 -14.71 36.35 -6.76
N VAL B 298 -15.80 36.09 -7.47
CA VAL B 298 -16.30 37.01 -8.47
C VAL B 298 -17.81 36.95 -8.51
N GLY B 299 -18.45 38.13 -8.46
CA GLY B 299 -19.89 38.21 -8.57
C GLY B 299 -20.27 38.79 -9.92
N THR B 300 -21.57 38.92 -10.15
CA THR B 300 -22.08 39.68 -11.27
C THR B 300 -23.24 40.54 -10.77
N VAL B 301 -23.79 41.37 -11.65
CA VAL B 301 -24.97 42.17 -11.29
C VAL B 301 -25.95 42.18 -12.45
N LYS B 302 -27.20 41.81 -12.17
CA LYS B 302 -28.24 41.87 -13.17
C LYS B 302 -29.19 43.03 -12.88
N LEU B 303 -29.35 43.92 -13.86
CA LEU B 303 -30.38 44.96 -13.81
C LEU B 303 -30.97 45.11 -15.19
N ARG B 304 -32.31 45.14 -15.26
CA ARG B 304 -33.04 45.19 -16.53
C ARG B 304 -32.91 43.90 -17.35
N ASP B 305 -32.13 42.96 -16.83
CA ASP B 305 -31.92 41.65 -17.45
C ASP B 305 -31.35 41.77 -18.87
N LEU B 306 -31.89 40.98 -19.79
CA LEU B 306 -31.44 41.00 -21.18
C LEU B 306 -32.64 40.83 -22.12
N ALA B 307 -32.66 41.61 -23.20
CA ALA B 307 -33.70 41.48 -24.21
C ALA B 307 -33.21 42.00 -25.56
N LEU B 308 -33.92 41.59 -26.61
CA LEU B 308 -33.66 42.09 -27.96
C LEU B 308 -34.95 42.73 -28.50
N GLU B 309 -34.81 43.54 -29.53
CA GLU B 309 -35.97 44.13 -30.19
C GLU B 309 -35.74 44.25 -31.69
N ARG B 310 -36.84 44.34 -32.43
CA ARG B 310 -36.78 44.54 -33.87
C ARG B 310 -37.50 45.84 -34.24
N ALA B 311 -36.75 46.78 -34.80
CA ALA B 311 -37.32 48.08 -35.15
C ALA B 311 -37.16 48.39 -36.64
N ARG B 312 -38.12 49.14 -37.17
CA ARG B 312 -38.09 49.54 -38.58
C ARG B 312 -37.70 51.01 -38.74
N ARG B 313 -36.62 51.26 -39.47
CA ARG B 313 -36.17 52.62 -39.75
C ARG B 313 -36.47 52.96 -41.20
N ALA B 314 -37.43 53.85 -41.40
CA ALA B 314 -37.99 54.11 -42.73
C ALA B 314 -37.16 55.03 -43.63
N ASN B 315 -36.33 55.88 -43.03
CA ASN B 315 -35.57 56.88 -43.78
C ASN B 315 -34.81 56.33 -44.98
N PHE B 316 -34.12 55.21 -44.77
CA PHE B 316 -33.36 54.55 -45.83
C PHE B 316 -34.19 53.43 -46.45
N GLN B 317 -35.43 53.29 -45.98
CA GLN B 317 -36.31 52.18 -46.37
C GLN B 317 -35.64 50.84 -46.06
N ALA B 318 -35.45 50.56 -44.78
CA ALA B 318 -34.72 49.37 -44.35
C ALA B 318 -35.29 48.79 -43.05
N ASP B 319 -34.59 47.81 -42.50
CA ASP B 319 -35.03 47.12 -41.28
C ASP B 319 -33.85 46.96 -40.33
N GLN B 320 -34.11 46.92 -39.02
CA GLN B 320 -33.05 46.75 -38.04
C GLN B 320 -33.43 45.85 -36.86
N ILE B 321 -32.44 45.15 -36.31
CA ILE B 321 -32.63 44.33 -35.12
C ILE B 321 -31.49 44.56 -34.13
N ILE B 322 -31.85 44.89 -32.89
CA ILE B 322 -30.85 45.15 -31.85
C ILE B 322 -31.02 44.21 -30.65
N ALA B 323 -29.94 44.06 -29.88
CA ALA B 323 -29.97 43.28 -28.64
C ALA B 323 -29.21 44.04 -27.57
N LYS B 324 -29.83 44.22 -26.40
CA LYS B 324 -29.28 45.07 -25.36
C LYS B 324 -29.43 44.50 -23.96
N TYR B 325 -28.44 44.77 -23.11
CA TYR B 325 -28.51 44.44 -21.69
C TYR B 325 -27.41 45.17 -20.90
N ALA B 326 -27.42 45.01 -19.58
CA ALA B 326 -26.40 45.61 -18.73
C ALA B 326 -26.06 44.70 -17.56
N MET B 327 -24.77 44.56 -17.29
CA MET B 327 -24.30 43.78 -16.16
C MET B 327 -23.07 44.42 -15.56
N GLY B 328 -22.42 43.72 -14.65
CA GLY B 328 -21.17 44.19 -14.10
C GLY B 328 -20.30 43.04 -13.66
N HIS B 329 -18.99 43.27 -13.64
CA HIS B 329 -18.05 42.25 -13.26
C HIS B 329 -16.94 42.89 -12.43
N GLY B 330 -16.61 42.26 -11.30
CA GLY B 330 -15.50 42.70 -10.50
C GLY B 330 -15.06 41.63 -9.53
N GLY B 331 -13.79 41.67 -9.13
CA GLY B 331 -13.27 40.68 -8.22
C GLY B 331 -13.39 41.15 -6.78
N LEU B 332 -13.53 40.17 -5.89
CA LEU B 332 -13.50 40.44 -4.46
C LEU B 332 -13.08 39.15 -3.79
N ARG B 333 -12.52 39.27 -2.58
CA ARG B 333 -12.04 38.11 -1.82
C ARG B 333 -11.07 37.20 -2.56
N PRO B 334 -9.86 37.70 -2.87
CA PRO B 334 -8.74 36.74 -2.93
C PRO B 334 -8.39 36.43 -1.48
N GLU B 335 -8.05 35.21 -1.11
CA GLU B 335 -7.77 34.07 -1.97
C GLU B 335 -9.02 33.36 -2.46
N ALA B 336 -8.81 32.15 -2.98
CA ALA B 336 -9.75 31.44 -3.87
C ALA B 336 -9.78 32.13 -5.22
N ALA B 337 -8.65 32.74 -5.55
CA ALA B 337 -8.33 33.15 -6.91
C ALA B 337 -6.83 32.98 -7.09
N GLY B 338 -6.42 32.44 -8.22
CA GLY B 338 -5.00 32.23 -8.50
C GLY B 338 -4.79 31.49 -9.79
N ALA B 339 -3.57 31.57 -10.34
CA ALA B 339 -3.31 31.01 -11.66
C ALA B 339 -2.10 30.07 -11.68
N VAL B 340 -1.78 29.56 -12.86
CA VAL B 340 -0.60 28.73 -13.06
C VAL B 340 0.15 29.20 -14.32
N VAL B 341 1.45 29.46 -14.19
CA VAL B 341 2.23 30.08 -15.26
C VAL B 341 3.47 29.29 -15.62
N PHE B 342 4.27 29.86 -16.52
CA PHE B 342 5.58 29.34 -16.87
C PHE B 342 6.66 30.30 -16.40
N LYS B 343 7.79 29.75 -15.94
CA LYS B 343 8.94 30.57 -15.56
C LYS B 343 9.51 31.29 -16.78
N VAL B 344 10.11 32.45 -16.54
CA VAL B 344 10.77 33.24 -17.59
C VAL B 344 9.83 33.61 -18.73
N ALA C 2 14.63 -52.99 -59.52
CA ALA C 2 14.16 -53.75 -60.66
C ALA C 2 12.98 -53.05 -61.34
N SER C 3 12.07 -53.85 -61.92
CA SER C 3 10.98 -53.32 -62.72
C SER C 3 10.04 -54.42 -63.22
N MET C 4 8.96 -54.01 -63.86
CA MET C 4 8.07 -54.92 -64.57
C MET C 4 8.19 -54.59 -66.04
N THR C 5 7.89 -55.57 -66.89
CA THR C 5 7.91 -55.33 -68.33
C THR C 5 6.47 -55.35 -68.83
N GLY C 6 6.31 -55.15 -70.13
CA GLY C 6 4.99 -55.03 -70.72
C GLY C 6 4.57 -53.58 -70.80
N GLY C 7 5.12 -52.75 -69.90
CA GLY C 7 5.06 -51.31 -70.07
C GLY C 7 3.68 -50.74 -70.26
N GLN C 8 3.53 -50.14 -71.44
CA GLN C 8 2.28 -49.63 -72.01
C GLN C 8 1.84 -48.26 -71.51
N GLN C 9 2.27 -47.87 -70.30
CA GLN C 9 2.49 -46.46 -69.93
C GLN C 9 1.60 -45.45 -70.67
N MET C 10 0.30 -45.49 -70.42
CA MET C 10 -0.71 -44.98 -71.35
C MET C 10 -0.37 -43.63 -71.99
N GLY C 11 -0.35 -42.57 -71.18
CA GLY C 11 0.13 -41.30 -71.68
C GLY C 11 1.63 -41.33 -71.95
N THR C 12 2.01 -41.01 -73.18
CA THR C 12 3.40 -40.83 -73.58
C THR C 12 3.44 -40.45 -75.06
N ASN C 13 4.54 -39.85 -75.51
CA ASN C 13 4.65 -39.38 -76.89
C ASN C 13 4.69 -40.53 -77.89
N GLN C 14 5.69 -41.40 -77.73
CA GLN C 14 5.95 -42.48 -78.69
C GLN C 14 5.92 -41.99 -80.14
N GLY C 15 5.20 -42.69 -81.00
CA GLY C 15 5.12 -42.32 -82.39
C GLY C 15 6.39 -42.65 -83.14
N LYS C 16 6.46 -42.24 -84.41
CA LYS C 16 7.58 -42.59 -85.27
C LYS C 16 8.97 -42.15 -84.79
N GLY C 17 9.24 -40.85 -84.88
CA GLY C 17 10.59 -40.34 -84.68
C GLY C 17 10.92 -39.48 -83.47
N VAL C 18 10.00 -39.34 -82.52
CA VAL C 18 10.18 -38.34 -81.47
C VAL C 18 11.32 -38.65 -80.48
N VAL C 19 11.52 -39.93 -80.15
CA VAL C 19 12.54 -40.34 -79.18
C VAL C 19 12.43 -39.53 -77.89
N ALA C 20 13.47 -38.75 -77.60
CA ALA C 20 13.54 -37.82 -76.46
C ALA C 20 13.75 -38.48 -75.10
N ALA C 21 13.53 -39.79 -75.04
CA ALA C 21 13.85 -40.62 -73.87
C ALA C 21 13.51 -40.00 -72.51
N GLY C 22 12.23 -39.83 -72.22
CA GLY C 22 11.81 -39.28 -70.95
C GLY C 22 10.49 -38.53 -71.04
N ASP C 23 10.10 -37.89 -69.93
CA ASP C 23 8.85 -37.15 -69.85
C ASP C 23 7.66 -38.03 -70.22
N LYS C 24 7.34 -38.98 -69.34
CA LYS C 24 6.29 -39.95 -69.62
C LYS C 24 4.90 -39.38 -69.35
N LEU C 25 4.86 -38.14 -68.87
CA LEU C 25 3.59 -37.44 -68.74
C LEU C 25 3.12 -37.01 -70.14
N ALA C 26 3.83 -36.05 -70.73
CA ALA C 26 3.58 -35.61 -72.09
C ALA C 26 2.13 -35.22 -72.35
N LEU C 27 1.48 -35.95 -73.26
CA LEU C 27 0.11 -35.61 -73.65
C LEU C 27 -0.92 -36.08 -72.62
N PHE C 28 -1.63 -35.11 -72.05
CA PHE C 28 -2.80 -35.37 -71.21
C PHE C 28 -3.62 -34.09 -71.16
N LEU C 29 -4.89 -34.20 -70.79
CA LEU C 29 -5.75 -33.03 -70.71
C LEU C 29 -5.54 -32.28 -69.40
N LYS C 30 -5.80 -30.97 -69.42
CA LYS C 30 -5.83 -30.18 -68.20
C LYS C 30 -7.24 -29.61 -67.99
N VAL C 31 -7.90 -30.08 -66.93
CA VAL C 31 -9.33 -29.87 -66.70
C VAL C 31 -9.63 -28.63 -65.86
N PHE C 32 -8.60 -27.83 -65.62
CA PHE C 32 -8.59 -26.67 -64.72
C PHE C 32 -9.17 -26.93 -63.31
N GLY C 33 -9.78 -25.91 -62.69
CA GLY C 33 -10.27 -26.08 -61.33
C GLY C 33 -11.77 -26.06 -61.11
N GLY C 34 -12.53 -25.77 -62.15
CA GLY C 34 -13.94 -25.48 -62.00
C GLY C 34 -14.18 -24.14 -61.31
N GLU C 35 -13.08 -23.48 -60.92
CA GLU C 35 -13.15 -22.23 -60.18
C GLU C 35 -12.07 -21.24 -60.58
N VAL C 36 -12.45 -19.98 -60.68
CA VAL C 36 -11.54 -18.90 -61.04
C VAL C 36 -11.20 -18.10 -59.78
N LEU C 37 -9.96 -17.63 -59.66
CA LEU C 37 -9.64 -16.70 -58.60
C LEU C 37 -9.84 -15.30 -59.14
N THR C 38 -10.88 -14.64 -58.65
CA THR C 38 -11.18 -13.27 -59.04
C THR C 38 -10.17 -12.37 -58.33
N ALA C 39 -10.01 -11.15 -58.84
CA ALA C 39 -9.18 -10.16 -58.17
C ALA C 39 -9.70 -10.03 -56.74
N PHE C 40 -8.78 -9.90 -55.78
CA PHE C 40 -9.17 -9.86 -54.37
C PHE C 40 -10.14 -8.72 -54.12
N ALA C 41 -11.15 -8.97 -53.30
CA ALA C 41 -12.21 -8.00 -53.12
C ALA C 41 -11.68 -6.79 -52.40
N ARG C 42 -11.80 -5.63 -53.05
CA ARG C 42 -11.42 -4.38 -52.43
C ARG C 42 -12.68 -3.56 -52.22
N THR C 43 -13.08 -3.45 -50.96
CA THR C 43 -14.23 -2.63 -50.58
C THR C 43 -13.68 -1.41 -49.89
N SER C 44 -14.30 -0.25 -50.14
CA SER C 44 -13.73 1.01 -49.68
C SER C 44 -14.56 1.70 -48.62
N VAL C 45 -13.88 2.50 -47.81
CA VAL C 45 -14.52 3.29 -46.76
C VAL C 45 -14.99 4.63 -47.33
N THR C 46 -15.35 5.56 -46.46
CA THR C 46 -15.78 6.90 -46.84
C THR C 46 -17.13 6.94 -47.57
N THR C 47 -17.73 5.76 -47.78
CA THR C 47 -19.10 5.64 -48.27
C THR C 47 -20.02 6.56 -47.49
N SER C 48 -20.16 6.27 -46.20
CA SER C 48 -20.82 7.15 -45.26
C SER C 48 -19.82 8.20 -44.79
N ARG C 49 -20.19 8.94 -43.75
CA ARG C 49 -19.31 9.95 -43.14
C ARG C 49 -18.86 11.01 -44.16
N HIS C 50 -19.83 11.77 -44.66
CA HIS C 50 -19.57 12.79 -45.69
C HIS C 50 -20.86 13.53 -46.02
N MET C 51 -20.72 14.71 -46.62
CA MET C 51 -21.87 15.48 -47.10
C MET C 51 -22.67 14.70 -48.12
N VAL C 52 -22.06 14.52 -49.29
CA VAL C 52 -22.68 13.83 -50.43
C VAL C 52 -24.12 14.31 -50.71
N ARG C 53 -24.25 15.54 -51.18
CA ARG C 53 -25.57 16.09 -51.50
C ARG C 53 -25.82 16.04 -53.00
N SER C 54 -27.03 15.66 -53.40
CA SER C 54 -27.38 15.51 -54.80
C SER C 54 -27.90 16.82 -55.40
N ILE C 55 -27.42 17.15 -56.58
CA ILE C 55 -27.87 18.35 -57.31
C ILE C 55 -27.93 18.07 -58.81
N SER C 56 -29.01 18.51 -59.44
CA SER C 56 -29.17 18.41 -60.90
C SER C 56 -28.70 19.69 -61.57
N SER C 57 -29.00 19.84 -62.85
CA SER C 57 -28.80 21.10 -63.57
C SER C 57 -27.36 21.59 -63.68
N GLY C 58 -27.11 22.79 -63.16
CA GLY C 58 -25.97 23.61 -63.52
C GLY C 58 -24.56 23.09 -63.29
N LYS C 59 -23.60 23.85 -63.82
CA LYS C 59 -22.18 23.50 -63.83
C LYS C 59 -21.63 23.20 -62.44
N SER C 60 -21.73 24.18 -61.56
CA SER C 60 -21.12 24.09 -60.25
C SER C 60 -22.08 24.47 -59.15
N ALA C 61 -21.78 24.06 -57.92
CA ALA C 61 -22.61 24.46 -56.79
C ALA C 61 -21.77 25.28 -55.83
N GLN C 62 -22.42 26.09 -54.99
CA GLN C 62 -21.68 26.95 -54.08
C GLN C 62 -22.32 27.00 -52.70
N PHE C 63 -21.56 27.43 -51.71
CA PHE C 63 -22.14 27.69 -50.40
C PHE C 63 -21.62 29.00 -49.86
N PRO C 64 -22.52 29.81 -49.27
CA PRO C 64 -22.14 31.01 -48.52
C PRO C 64 -21.71 30.65 -47.11
N VAL C 65 -20.91 31.50 -46.47
CA VAL C 65 -20.59 31.32 -45.06
C VAL C 65 -20.70 32.65 -44.32
N LEU C 66 -21.14 32.60 -43.08
CA LEU C 66 -21.35 33.80 -42.26
C LEU C 66 -21.30 33.46 -40.79
N GLY C 67 -21.08 34.47 -39.96
CA GLY C 67 -21.13 34.28 -38.52
C GLY C 67 -20.14 35.14 -37.76
N ARG C 68 -19.97 34.82 -36.49
CA ARG C 68 -18.95 35.44 -35.63
C ARG C 68 -19.05 36.95 -35.52
N THR C 69 -20.10 37.41 -34.85
CA THR C 69 -20.21 38.81 -34.49
C THR C 69 -19.41 39.08 -33.23
N GLN C 70 -19.36 40.34 -32.82
CA GLN C 70 -18.78 40.72 -31.55
C GLN C 70 -19.49 41.97 -31.09
N ALA C 71 -19.55 42.20 -29.79
CA ALA C 71 -20.30 43.34 -29.28
C ALA C 71 -19.37 44.37 -28.64
N ALA C 72 -19.98 45.47 -28.22
CA ALA C 72 -19.30 46.57 -27.57
C ALA C 72 -20.38 47.38 -26.89
N TYR C 73 -20.03 48.53 -26.35
CA TYR C 73 -21.05 49.39 -25.75
C TYR C 73 -20.79 50.88 -25.80
N LEU C 74 -21.76 51.65 -25.31
CA LEU C 74 -21.75 53.09 -25.43
C LEU C 74 -22.36 53.76 -24.20
N ALA C 75 -21.84 54.92 -23.83
CA ALA C 75 -22.43 55.73 -22.79
C ALA C 75 -23.74 56.30 -23.31
N PRO C 76 -24.66 56.68 -22.39
CA PRO C 76 -25.92 57.29 -22.81
C PRO C 76 -25.68 58.61 -23.55
N GLY C 77 -26.66 59.02 -24.36
CA GLY C 77 -26.52 60.23 -25.15
C GLY C 77 -25.90 59.99 -26.52
N GLU C 78 -25.37 58.78 -26.73
CA GLU C 78 -24.76 58.44 -28.01
C GLU C 78 -25.79 58.36 -29.12
N ASN C 79 -25.33 58.47 -30.36
CA ASN C 79 -26.22 58.50 -31.52
C ASN C 79 -26.64 57.10 -31.96
N LEU C 80 -26.09 56.11 -31.25
CA LEU C 80 -26.41 54.68 -31.39
C LEU C 80 -26.04 54.03 -32.74
N ASP C 81 -25.79 54.87 -33.74
CA ASP C 81 -25.26 54.40 -35.03
C ASP C 81 -23.77 54.65 -35.28
N ASP C 82 -23.09 55.32 -34.35
CA ASP C 82 -21.72 55.81 -34.58
C ASP C 82 -20.71 54.69 -34.88
N LYS C 83 -21.05 53.48 -34.46
CA LYS C 83 -20.22 52.31 -34.77
C LYS C 83 -21.06 51.21 -35.41
N ARG C 84 -20.79 50.92 -36.68
CA ARG C 84 -21.45 49.80 -37.37
C ARG C 84 -20.43 48.96 -38.14
N LYS C 85 -20.25 47.73 -37.69
CA LYS C 85 -19.39 46.77 -38.39
C LYS C 85 -20.22 45.53 -38.69
N ASP C 86 -20.28 45.16 -39.97
CA ASP C 86 -21.15 44.07 -40.41
C ASP C 86 -20.69 42.71 -39.87
N ILE C 87 -21.61 41.76 -39.87
CA ILE C 87 -21.32 40.36 -39.55
C ILE C 87 -20.53 39.77 -40.71
N LYS C 88 -20.37 40.61 -41.74
CA LYS C 88 -19.79 40.27 -43.04
C LYS C 88 -20.52 39.12 -43.69
N HIS C 89 -19.76 38.30 -44.42
CA HIS C 89 -20.26 37.17 -45.20
C HIS C 89 -19.06 36.63 -45.97
N THR C 90 -19.18 35.42 -46.49
CA THR C 90 -18.22 34.94 -47.50
C THR C 90 -18.82 33.82 -48.34
N GLU C 91 -18.23 33.60 -49.52
CA GLU C 91 -18.68 32.57 -50.43
C GLU C 91 -17.80 31.34 -50.30
N LYS C 92 -18.10 30.33 -51.11
CA LYS C 92 -17.25 29.16 -51.30
C LYS C 92 -17.96 28.33 -52.35
N VAL C 93 -17.21 27.47 -53.04
CA VAL C 93 -17.76 26.80 -54.21
C VAL C 93 -17.14 25.43 -54.44
N ILE C 94 -17.97 24.48 -54.85
CA ILE C 94 -17.49 23.21 -55.40
C ILE C 94 -17.83 23.16 -56.88
N THR C 95 -16.86 22.74 -57.68
CA THR C 95 -16.98 22.76 -59.13
C THR C 95 -16.92 21.36 -59.72
N ILE C 96 -17.95 21.01 -60.50
CA ILE C 96 -17.93 19.74 -61.24
C ILE C 96 -16.77 19.80 -62.22
N ASP C 97 -16.13 18.65 -62.45
CA ASP C 97 -14.96 18.59 -63.31
C ASP C 97 -15.33 18.19 -64.73
N GLY C 98 -15.83 16.98 -64.88
CA GLY C 98 -16.23 16.45 -66.18
C GLY C 98 -16.58 14.98 -66.02
N LEU C 99 -16.93 14.33 -67.12
CA LEU C 99 -17.25 12.90 -67.04
C LEU C 99 -15.97 12.12 -66.80
N LEU C 100 -15.93 11.37 -65.70
CA LEU C 100 -14.82 10.47 -65.43
C LEU C 100 -15.30 9.02 -65.40
N THR C 101 -14.42 8.14 -65.86
CA THR C 101 -14.80 6.78 -66.19
C THR C 101 -13.61 5.94 -66.64
N ALA C 102 -13.86 4.65 -66.83
CA ALA C 102 -12.94 3.75 -67.50
C ALA C 102 -13.83 2.77 -68.26
N ASP C 103 -13.21 1.86 -69.01
CA ASP C 103 -13.96 0.85 -69.72
C ASP C 103 -13.08 -0.34 -70.13
N VAL C 104 -13.68 -1.29 -70.83
CA VAL C 104 -12.93 -2.35 -71.46
C VAL C 104 -13.72 -2.82 -72.69
N LEU C 105 -13.12 -3.70 -73.47
CA LEU C 105 -13.74 -4.19 -74.70
C LEU C 105 -13.43 -5.67 -74.89
N ILE C 106 -14.43 -6.42 -75.35
CA ILE C 106 -14.27 -7.86 -75.56
C ILE C 106 -14.33 -8.21 -77.05
N TYR C 107 -13.26 -8.82 -77.55
CA TYR C 107 -13.23 -9.37 -78.89
C TYR C 107 -14.05 -10.65 -78.90
N ASP C 108 -14.79 -10.89 -79.97
CA ASP C 108 -15.68 -12.05 -80.02
C ASP C 108 -14.92 -13.34 -80.31
N ILE C 109 -13.80 -13.25 -81.02
CA ILE C 109 -12.98 -14.43 -81.28
C ILE C 109 -12.24 -14.90 -80.04
N GLU C 110 -11.59 -13.96 -79.34
CA GLU C 110 -10.86 -14.28 -78.12
C GLU C 110 -11.80 -14.77 -77.03
N ASP C 111 -13.05 -14.31 -77.08
CA ASP C 111 -14.08 -14.75 -76.14
C ASP C 111 -14.75 -16.05 -76.61
N ALA C 112 -14.57 -16.38 -77.88
CA ALA C 112 -15.18 -17.58 -78.44
C ALA C 112 -14.54 -18.84 -77.89
N MET C 113 -13.21 -18.92 -78.00
CA MET C 113 -12.49 -20.07 -77.47
C MET C 113 -11.80 -19.73 -76.15
N ASN C 114 -12.38 -20.25 -75.07
CA ASN C 114 -11.87 -20.18 -73.70
C ASN C 114 -12.90 -20.76 -72.75
N HIS C 115 -12.55 -20.88 -71.48
CA HIS C 115 -13.47 -21.45 -70.49
C HIS C 115 -14.30 -20.36 -69.83
N TYR C 116 -15.07 -20.75 -68.82
CA TYR C 116 -15.85 -19.84 -67.97
C TYR C 116 -16.71 -18.80 -68.71
N ASP C 117 -16.81 -17.60 -68.15
CA ASP C 117 -17.64 -16.53 -68.71
C ASP C 117 -16.95 -15.16 -68.74
N VAL C 118 -16.66 -14.67 -67.53
CA VAL C 118 -16.39 -13.25 -67.25
C VAL C 118 -17.58 -12.40 -67.72
N ARG C 119 -17.30 -11.22 -68.28
CA ARG C 119 -18.34 -10.28 -68.73
C ARG C 119 -19.21 -9.72 -67.58
N SER C 120 -19.00 -10.24 -66.37
CA SER C 120 -19.74 -9.82 -65.18
C SER C 120 -18.78 -9.21 -64.16
N GLU C 121 -17.83 -10.03 -63.70
CA GLU C 121 -16.80 -9.58 -62.77
C GLU C 121 -15.98 -8.42 -63.36
N TYR C 122 -16.02 -8.30 -64.69
CA TYR C 122 -15.49 -7.13 -65.38
C TYR C 122 -16.22 -5.87 -64.92
N THR C 123 -17.55 -5.91 -65.00
CA THR C 123 -18.41 -4.81 -64.55
C THR C 123 -18.16 -4.53 -63.07
N SER C 124 -18.01 -5.60 -62.30
CA SER C 124 -17.67 -5.48 -60.89
C SER C 124 -16.40 -4.64 -60.72
N GLN C 125 -15.37 -5.01 -61.48
CA GLN C 125 -14.09 -4.28 -61.49
C GLN C 125 -14.26 -2.81 -61.86
N LEU C 126 -15.15 -2.54 -62.81
CA LEU C 126 -15.49 -1.16 -63.17
C LEU C 126 -15.99 -0.37 -61.96
N GLY C 127 -17.11 -0.81 -61.38
CA GLY C 127 -17.68 -0.16 -60.21
C GLY C 127 -16.67 0.07 -59.10
N GLU C 128 -15.90 -0.98 -58.81
CA GLU C 128 -14.84 -0.91 -57.81
C GLU C 128 -13.85 0.21 -58.11
N SER C 129 -13.28 0.17 -59.32
CA SER C 129 -12.29 1.15 -59.74
C SER C 129 -12.82 2.56 -59.57
N LEU C 130 -14.11 2.73 -59.87
CA LEU C 130 -14.72 4.06 -59.84
C LEU C 130 -14.89 4.56 -58.40
N ALA C 131 -15.69 3.86 -57.60
CA ALA C 131 -15.88 4.26 -56.20
C ALA C 131 -14.55 4.47 -55.45
N MET C 132 -13.63 3.54 -55.65
CA MET C 132 -12.28 3.65 -55.07
C MET C 132 -11.59 4.95 -55.49
N ALA C 133 -11.56 5.21 -56.78
CA ALA C 133 -10.97 6.44 -57.31
C ALA C 133 -11.58 7.68 -56.65
N ALA C 134 -12.89 7.67 -56.50
CA ALA C 134 -13.60 8.75 -55.81
C ALA C 134 -13.04 8.96 -54.40
N ASP C 135 -12.95 7.86 -53.64
CA ASP C 135 -12.40 7.91 -52.28
C ASP C 135 -10.99 8.53 -52.23
N GLY C 136 -10.09 7.99 -53.06
CA GLY C 136 -8.73 8.49 -53.12
C GLY C 136 -8.68 9.98 -53.42
N ALA C 137 -9.48 10.40 -54.40
CA ALA C 137 -9.60 11.81 -54.75
C ALA C 137 -10.04 12.68 -53.56
N VAL C 138 -11.05 12.20 -52.84
CA VAL C 138 -11.53 12.89 -51.63
C VAL C 138 -10.42 13.07 -50.58
N LEU C 139 -9.78 11.96 -50.20
CA LEU C 139 -8.72 12.02 -49.19
C LEU C 139 -7.58 12.96 -49.61
N ALA C 140 -7.19 12.86 -50.88
CA ALA C 140 -6.19 13.77 -51.44
C ALA C 140 -6.63 15.22 -51.27
N GLU C 141 -7.91 15.47 -51.54
CA GLU C 141 -8.47 16.82 -51.44
C GLU C 141 -8.46 17.40 -50.02
N ILE C 142 -9.03 16.67 -49.07
CA ILE C 142 -9.05 17.16 -47.69
C ILE C 142 -7.61 17.33 -47.19
N ALA C 143 -6.74 16.42 -47.59
CA ALA C 143 -5.32 16.52 -47.25
C ALA C 143 -4.70 17.83 -47.75
N GLY C 144 -4.55 17.95 -49.06
CA GLY C 144 -3.91 19.12 -49.64
C GLY C 144 -4.65 20.46 -49.58
N LEU C 145 -5.86 20.48 -50.12
CA LEU C 145 -6.59 21.74 -50.35
C LEU C 145 -6.90 22.51 -49.07
N CYS C 146 -7.24 21.79 -48.01
CA CYS C 146 -7.58 22.41 -46.73
C CYS C 146 -6.32 22.71 -45.92
N ASN C 147 -5.16 22.42 -46.51
CA ASN C 147 -3.87 22.61 -45.84
C ASN C 147 -2.87 23.43 -46.63
N VAL C 148 -2.45 22.91 -47.79
CA VAL C 148 -1.32 23.45 -48.53
C VAL C 148 -1.43 24.90 -48.99
N GLU C 149 -2.64 25.45 -48.95
CA GLU C 149 -2.86 26.83 -49.38
C GLU C 149 -2.01 27.83 -48.61
N SER C 150 -1.47 28.82 -49.33
CA SER C 150 -0.56 29.78 -48.73
C SER C 150 -1.22 31.14 -48.48
N LYS C 151 -1.14 31.59 -47.22
CA LYS C 151 -1.63 32.90 -46.81
C LYS C 151 -3.16 33.06 -46.91
N TYR C 152 -3.83 32.06 -47.46
CA TYR C 152 -5.29 32.10 -47.57
C TYR C 152 -5.92 31.13 -46.58
N ASN C 153 -6.58 31.68 -45.56
CA ASN C 153 -7.28 30.88 -44.56
C ASN C 153 -8.74 31.29 -44.52
N GLU C 154 -9.60 30.46 -43.92
CA GLU C 154 -11.03 30.70 -43.96
C GLU C 154 -11.48 32.00 -43.29
N ASN C 155 -12.28 32.76 -44.03
CA ASN C 155 -12.84 34.05 -43.60
C ASN C 155 -11.77 35.02 -43.11
N ILE C 156 -12.14 35.86 -42.14
CA ILE C 156 -11.18 36.73 -41.46
C ILE C 156 -10.86 36.27 -40.03
N GLU C 157 -11.57 35.25 -39.56
CA GLU C 157 -11.64 34.98 -38.12
C GLU C 157 -10.36 34.40 -37.52
N GLY C 158 -9.61 33.66 -38.33
CA GLY C 158 -8.40 33.02 -37.83
C GLY C 158 -8.58 31.54 -37.52
N LEU C 159 -9.64 30.93 -38.05
CA LEU C 159 -9.79 29.49 -37.90
C LEU C 159 -8.81 28.91 -38.90
N GLY C 160 -7.80 28.21 -38.40
CA GLY C 160 -6.61 27.99 -39.19
C GLY C 160 -6.25 26.63 -39.73
N THR C 161 -7.11 25.62 -39.60
CA THR C 161 -6.70 24.25 -39.92
C THR C 161 -5.46 24.02 -39.06
N ALA C 162 -4.30 24.07 -39.70
CA ALA C 162 -3.01 24.02 -39.02
C ALA C 162 -2.72 22.71 -38.32
N THR C 163 -2.40 21.72 -39.15
CA THR C 163 -1.92 20.43 -38.68
C THR C 163 -0.64 20.63 -37.90
N VAL C 164 -0.33 19.69 -37.01
CA VAL C 164 0.77 19.88 -36.07
C VAL C 164 2.01 19.08 -36.43
N ILE C 165 3.17 19.61 -36.07
CA ILE C 165 4.47 18.97 -36.31
C ILE C 165 4.64 17.78 -35.36
N GLU C 166 5.76 17.07 -35.43
CA GLU C 166 5.95 15.89 -34.58
C GLU C 166 7.23 15.88 -33.76
N THR C 167 7.22 15.04 -32.72
CA THR C 167 8.38 14.83 -31.85
C THR C 167 9.48 14.18 -32.67
N THR C 168 10.73 14.39 -32.25
CA THR C 168 11.92 13.92 -32.97
C THR C 168 11.92 14.38 -34.43
N GLN C 169 12.37 13.50 -35.31
CA GLN C 169 12.60 13.83 -36.71
C GLN C 169 12.80 12.56 -37.52
N ASN C 170 13.19 12.71 -38.80
CA ASN C 170 13.74 11.57 -39.53
C ASN C 170 12.80 10.38 -39.65
N LYS C 171 11.91 10.43 -40.64
CA LYS C 171 10.90 9.39 -40.83
C LYS C 171 11.49 7.98 -40.82
N ALA C 172 12.81 7.88 -41.02
CA ALA C 172 13.54 6.64 -40.85
C ALA C 172 14.25 6.48 -39.49
N ALA C 173 14.09 7.45 -38.59
CA ALA C 173 14.83 7.45 -37.32
C ALA C 173 14.51 6.27 -36.43
N LEU C 174 13.26 5.81 -36.48
CA LEU C 174 12.82 4.80 -35.52
C LEU C 174 12.79 3.39 -36.10
N THR C 175 11.77 3.08 -36.87
CA THR C 175 11.53 1.73 -37.40
C THR C 175 11.49 0.69 -36.27
N ASP C 176 11.17 1.14 -35.06
CA ASP C 176 11.15 0.27 -33.89
C ASP C 176 9.75 -0.31 -33.65
N GLN C 177 8.77 0.24 -34.36
CA GLN C 177 7.36 -0.16 -34.28
C GLN C 177 6.71 0.18 -32.93
N VAL C 178 7.55 0.50 -31.94
CA VAL C 178 7.12 1.08 -30.68
C VAL C 178 7.95 2.35 -30.57
N ALA C 179 7.72 3.18 -29.54
CA ALA C 179 8.35 4.49 -29.42
C ALA C 179 7.89 5.44 -30.53
N LEU C 180 7.06 4.91 -31.43
CA LEU C 180 6.41 5.64 -32.50
C LEU C 180 4.93 5.81 -32.17
N GLY C 181 4.24 4.68 -32.01
CA GLY C 181 2.83 4.67 -31.64
C GLY C 181 2.47 5.55 -30.46
N LYS C 182 3.37 5.66 -29.49
CA LYS C 182 3.20 6.57 -28.37
C LYS C 182 3.15 8.02 -28.87
N GLU C 183 4.04 8.34 -29.79
CA GLU C 183 4.06 9.68 -30.40
C GLU C 183 2.81 9.91 -31.23
N ILE C 184 2.23 8.82 -31.74
CA ILE C 184 0.96 8.90 -32.45
C ILE C 184 -0.19 9.19 -31.48
N ILE C 185 -0.11 8.63 -30.28
CA ILE C 185 -1.07 8.94 -29.21
C ILE C 185 -1.01 10.42 -28.85
N ALA C 186 0.20 10.87 -28.49
CA ALA C 186 0.45 12.28 -28.18
C ALA C 186 -0.05 13.20 -29.31
N ALA C 187 0.26 12.78 -30.53
CA ALA C 187 -0.24 13.45 -31.74
C ALA C 187 -1.75 13.61 -31.70
N LEU C 188 -2.47 12.48 -31.63
CA LEU C 188 -3.94 12.49 -31.55
C LEU C 188 -4.50 13.42 -30.46
N THR C 189 -3.84 13.45 -29.30
CA THR C 189 -4.24 14.38 -28.24
C THR C 189 -4.07 15.84 -28.70
N LYS C 190 -2.94 16.12 -29.34
CA LYS C 190 -2.72 17.45 -29.93
C LYS C 190 -3.79 17.78 -30.98
N ALA C 191 -4.28 16.75 -31.67
CA ALA C 191 -5.32 16.92 -32.66
C ALA C 191 -6.61 17.35 -31.97
N ARG C 192 -6.95 16.68 -30.87
CA ARG C 192 -8.07 17.12 -30.03
C ARG C 192 -7.91 18.59 -29.65
N ALA C 193 -6.70 18.95 -29.23
CA ALA C 193 -6.41 20.34 -28.85
C ALA C 193 -6.68 21.33 -29.98
N ALA C 194 -5.94 21.21 -31.06
CA ALA C 194 -6.04 22.14 -32.19
C ALA C 194 -7.41 22.12 -32.86
N LEU C 195 -8.19 21.06 -32.62
CA LEU C 195 -9.54 20.96 -33.17
C LEU C 195 -10.58 21.78 -32.41
N THR C 196 -10.51 21.75 -31.07
CA THR C 196 -11.54 22.34 -30.22
C THR C 196 -11.42 23.87 -30.08
N LYS C 197 -10.30 24.43 -30.57
CA LYS C 197 -10.15 25.88 -30.63
C LYS C 197 -11.15 26.47 -31.61
N ASN C 198 -11.54 25.64 -32.58
CA ASN C 198 -12.50 26.03 -33.61
C ASN C 198 -13.94 25.61 -33.30
N TYR C 199 -14.16 25.08 -32.10
CA TYR C 199 -15.49 24.83 -31.54
C TYR C 199 -16.25 23.62 -32.13
N VAL C 200 -15.66 22.95 -33.12
CA VAL C 200 -16.33 21.81 -33.75
C VAL C 200 -16.68 20.75 -32.70
N PRO C 201 -17.99 20.53 -32.50
CA PRO C 201 -18.63 19.87 -31.35
C PRO C 201 -18.93 18.39 -31.50
N ALA C 202 -19.60 17.85 -30.48
CA ALA C 202 -20.39 16.62 -30.56
C ALA C 202 -19.63 15.30 -30.51
N ALA C 203 -18.30 15.36 -30.58
CA ALA C 203 -17.47 14.16 -30.62
C ALA C 203 -17.89 13.19 -31.74
N ASP C 204 -18.26 13.75 -32.88
CA ASP C 204 -18.64 12.96 -34.06
C ASP C 204 -17.43 12.78 -34.98
N ARG C 205 -16.27 13.27 -34.53
CA ARG C 205 -15.09 13.36 -35.38
C ARG C 205 -14.61 12.00 -35.90
N VAL C 206 -13.96 12.02 -37.05
CA VAL C 206 -13.40 10.80 -37.63
C VAL C 206 -11.95 11.02 -38.06
N PHE C 207 -11.16 9.94 -38.04
CA PHE C 207 -9.74 10.01 -38.31
C PHE C 207 -9.33 8.95 -39.34
N TYR C 208 -8.30 9.24 -40.12
CA TYR C 208 -7.81 8.29 -41.11
C TYR C 208 -6.31 8.06 -40.95
N CYS C 209 -5.88 6.82 -41.14
CA CYS C 209 -4.49 6.42 -40.96
C CYS C 209 -4.12 5.29 -41.91
N ASP C 210 -2.87 5.30 -42.39
CA ASP C 210 -2.36 4.25 -43.27
C ASP C 210 -2.00 3.00 -42.45
N PRO C 211 -2.03 1.80 -43.08
CA PRO C 211 -2.03 0.54 -42.32
C PRO C 211 -0.85 0.29 -41.37
N ASP C 212 0.37 0.57 -41.81
CA ASP C 212 1.54 0.31 -40.98
C ASP C 212 1.54 1.14 -39.69
N SER C 213 1.05 2.38 -39.78
CA SER C 213 0.96 3.27 -38.64
C SER C 213 -0.20 2.87 -37.72
N TYR C 214 -1.25 2.31 -38.32
CA TYR C 214 -2.34 1.70 -37.58
C TYR C 214 -1.75 0.58 -36.72
N SER C 215 -0.83 -0.18 -37.32
CA SER C 215 -0.14 -1.24 -36.59
C SER C 215 0.92 -0.69 -35.65
N ALA C 216 1.28 0.57 -35.82
CA ALA C 216 2.16 1.24 -34.88
C ALA C 216 1.38 1.59 -33.62
N ILE C 217 0.11 1.95 -33.81
CA ILE C 217 -0.82 2.13 -32.69
C ILE C 217 -1.07 0.77 -32.01
N LEU C 218 -1.26 -0.26 -32.82
CA LEU C 218 -1.38 -1.62 -32.32
C LEU C 218 -0.21 -2.01 -31.42
N ALA C 219 0.98 -1.97 -31.98
CA ALA C 219 2.21 -2.28 -31.25
C ALA C 219 2.49 -1.28 -30.11
N ALA C 220 1.81 -0.15 -30.13
CA ALA C 220 2.00 0.87 -29.10
C ALA C 220 1.39 0.45 -27.78
N LEU C 221 0.36 -0.40 -27.82
CA LEU C 221 -0.29 -0.79 -26.59
C LEU C 221 0.19 -2.18 -26.16
N MET C 222 -0.39 -3.23 -26.74
CA MET C 222 0.11 -4.60 -26.56
C MET C 222 0.07 -5.10 -25.11
N PRO C 223 0.21 -6.43 -24.92
CA PRO C 223 0.47 -6.90 -23.57
C PRO C 223 1.83 -6.42 -23.08
N ASN C 224 2.84 -6.50 -23.95
CA ASN C 224 4.20 -6.11 -23.60
C ASN C 224 4.39 -4.61 -23.50
N ALA C 225 5.38 -4.21 -22.70
CA ALA C 225 5.63 -2.81 -22.37
C ALA C 225 4.36 -2.16 -21.86
N ALA C 226 4.15 -0.90 -22.24
CA ALA C 226 2.92 -0.16 -21.95
C ALA C 226 2.44 -0.35 -20.52
N ASN C 227 1.13 -0.58 -20.39
CA ASN C 227 0.50 -0.81 -19.09
C ASN C 227 -0.90 -1.42 -19.23
N TYR C 228 -1.68 -1.32 -18.16
CA TYR C 228 -3.01 -1.93 -18.06
C TYR C 228 -3.87 -1.74 -19.30
N ALA C 229 -4.63 -2.77 -19.66
CA ALA C 229 -5.52 -2.69 -20.80
C ALA C 229 -6.59 -1.63 -20.59
N ALA C 230 -6.79 -0.78 -21.60
CA ALA C 230 -7.83 0.23 -21.54
C ALA C 230 -8.70 0.21 -22.79
N LEU C 231 -8.14 0.68 -23.90
CA LEU C 231 -8.86 0.82 -25.16
C LEU C 231 -9.02 -0.48 -25.94
N ILE C 232 -7.92 -1.20 -26.11
CA ILE C 232 -7.87 -2.26 -27.11
C ILE C 232 -8.36 -3.61 -26.60
N ASP C 233 -8.42 -4.57 -27.51
CA ASP C 233 -8.56 -5.97 -27.18
C ASP C 233 -7.79 -6.72 -28.26
N PRO C 234 -7.20 -7.87 -27.93
CA PRO C 234 -6.51 -8.73 -28.90
C PRO C 234 -7.49 -9.38 -29.88
N GLU C 235 -7.03 -10.37 -30.64
CA GLU C 235 -7.77 -10.91 -31.77
C GLU C 235 -7.91 -9.81 -32.82
N LYS C 236 -9.13 -9.53 -33.26
CA LYS C 236 -9.29 -8.51 -34.29
C LYS C 236 -9.09 -7.15 -33.64
N GLY C 237 -8.05 -6.43 -34.05
CA GLY C 237 -7.91 -5.06 -33.60
C GLY C 237 -8.95 -4.20 -34.30
N SER C 238 -9.90 -3.69 -33.52
CA SER C 238 -10.76 -2.61 -33.96
C SER C 238 -10.27 -1.35 -33.30
N ILE C 239 -9.23 -1.50 -32.48
CA ILE C 239 -9.04 -0.68 -31.29
C ILE C 239 -10.38 -0.80 -30.57
N ARG C 240 -10.89 0.28 -30.00
CA ARG C 240 -12.30 0.40 -29.67
C ARG C 240 -12.68 1.78 -30.16
N ASN C 241 -12.14 2.75 -29.44
CA ASN C 241 -12.14 4.15 -29.81
C ASN C 241 -10.91 4.78 -29.15
N VAL C 242 -10.87 6.11 -29.21
CA VAL C 242 -9.80 6.92 -28.63
C VAL C 242 -10.58 8.14 -28.20
N MET C 243 -9.91 9.25 -27.96
CA MET C 243 -10.59 10.53 -27.98
C MET C 243 -11.34 10.53 -29.32
N GLY C 244 -12.48 11.22 -29.39
CA GLY C 244 -13.64 10.70 -30.11
C GLY C 244 -13.50 10.41 -31.59
N PHE C 245 -12.26 10.39 -32.08
CA PHE C 245 -12.01 9.93 -33.44
C PHE C 245 -12.21 8.41 -33.52
N GLU C 246 -12.07 7.87 -34.74
CA GLU C 246 -12.03 6.43 -34.96
C GLU C 246 -11.21 6.14 -36.23
N VAL C 247 -10.47 5.04 -36.24
CA VAL C 247 -9.57 4.73 -37.34
C VAL C 247 -10.19 3.75 -38.33
N VAL C 248 -10.28 4.17 -39.59
CA VAL C 248 -10.97 3.40 -40.64
C VAL C 248 -10.06 2.52 -41.51
N GLU C 249 -8.78 2.45 -41.14
CA GLU C 249 -7.78 1.58 -41.81
C GLU C 249 -7.75 1.61 -43.34
N VAL C 250 -7.27 2.71 -43.91
CA VAL C 250 -7.23 2.86 -45.37
C VAL C 250 -5.84 2.55 -45.96
N PRO C 251 -5.74 1.42 -46.69
CA PRO C 251 -4.50 0.96 -47.32
C PRO C 251 -4.08 1.86 -48.48
N HIS C 252 -5.06 2.43 -49.17
CA HIS C 252 -4.74 3.29 -50.30
C HIS C 252 -4.61 4.73 -49.82
N LEU C 253 -3.37 5.21 -49.82
CA LEU C 253 -3.08 6.56 -49.35
C LEU C 253 -2.39 7.26 -50.50
N THR C 254 -2.33 8.59 -50.45
CA THR C 254 -1.84 9.39 -51.56
C THR C 254 -2.70 9.03 -52.78
N ALA C 255 -2.07 8.90 -53.95
CA ALA C 255 -2.76 8.52 -55.19
C ALA C 255 -4.02 9.34 -55.42
N GLY C 256 -5.09 8.65 -55.83
CA GLY C 256 -6.41 9.25 -55.90
C GLY C 256 -6.60 10.27 -57.01
N GLY C 257 -5.52 10.59 -57.73
CA GLY C 257 -5.59 11.59 -58.79
C GLY C 257 -6.49 11.15 -59.92
N ALA C 258 -6.18 9.98 -60.49
CA ALA C 258 -6.98 9.36 -61.54
C ALA C 258 -7.29 10.30 -62.71
N GLY C 259 -6.37 11.21 -63.01
CA GLY C 259 -6.54 12.12 -64.13
C GLY C 259 -5.75 11.67 -65.34
N THR C 260 -5.89 12.42 -66.43
CA THR C 260 -5.15 12.16 -67.67
C THR C 260 -5.28 10.72 -68.18
N ALA C 261 -4.13 10.13 -68.50
CA ALA C 261 -4.07 8.77 -69.01
C ALA C 261 -4.34 7.73 -67.93
N ARG C 262 -4.64 6.51 -68.36
CA ARG C 262 -4.90 5.39 -67.46
C ARG C 262 -3.77 5.18 -66.44
N GLU C 263 -2.54 5.51 -66.85
CA GLU C 263 -1.40 5.40 -65.96
C GLU C 263 -1.45 6.52 -64.92
N GLY C 264 -0.96 6.23 -63.71
CA GLY C 264 -1.13 7.13 -62.58
C GLY C 264 -0.21 8.33 -62.54
N THR C 265 0.46 8.62 -63.66
CA THR C 265 1.41 9.74 -63.71
C THR C 265 0.96 10.81 -64.71
N THR C 266 1.81 11.82 -64.90
CA THR C 266 1.61 12.87 -65.89
C THR C 266 0.33 13.69 -65.72
N GLY C 267 0.31 14.55 -64.69
CA GLY C 267 -0.73 15.55 -64.57
C GLY C 267 -2.14 15.09 -64.27
N GLN C 268 -2.32 14.37 -63.17
CA GLN C 268 -3.66 14.04 -62.70
C GLN C 268 -4.30 15.32 -62.13
N LYS C 269 -5.54 15.24 -61.69
CA LYS C 269 -6.27 16.45 -61.30
C LYS C 269 -6.06 16.84 -59.84
N HIS C 270 -6.68 16.10 -58.93
CA HIS C 270 -6.43 16.33 -57.51
C HIS C 270 -5.12 15.64 -57.16
N VAL C 271 -4.13 16.42 -56.74
CA VAL C 271 -2.78 15.90 -56.60
C VAL C 271 -2.25 15.94 -55.17
N PHE C 272 -1.37 14.99 -54.86
CA PHE C 272 -0.63 15.00 -53.62
C PHE C 272 0.83 15.20 -53.99
N PRO C 273 1.40 16.36 -53.62
CA PRO C 273 2.74 16.80 -54.03
C PRO C 273 3.83 15.74 -53.82
N ALA C 274 4.78 15.69 -54.73
CA ALA C 274 5.88 14.72 -54.65
C ALA C 274 6.65 14.82 -53.34
N ASN C 275 7.35 15.92 -53.14
CA ASN C 275 8.17 16.11 -51.95
C ASN C 275 7.78 17.32 -51.10
N LYS C 276 8.20 17.31 -49.84
CA LYS C 276 7.72 18.28 -48.85
C LYS C 276 8.31 19.69 -48.92
N GLY C 277 9.63 19.82 -49.02
CA GLY C 277 10.24 21.12 -48.85
C GLY C 277 9.92 22.15 -49.93
N GLU C 278 10.31 21.84 -51.17
CA GLU C 278 10.08 22.71 -52.33
C GLU C 278 10.49 24.16 -52.03
N GLY C 279 9.74 25.12 -52.57
CA GLY C 279 9.77 26.48 -52.05
C GLY C 279 8.86 26.62 -50.85
N ASN C 280 7.60 26.21 -51.04
CA ASN C 280 6.63 26.11 -49.96
C ASN C 280 5.56 25.05 -50.23
N VAL C 281 5.23 24.31 -49.17
CA VAL C 281 4.08 23.40 -49.09
C VAL C 281 4.21 22.69 -47.75
N LYS C 282 3.15 22.05 -47.26
CA LYS C 282 3.20 21.44 -45.95
C LYS C 282 3.04 19.90 -45.98
N VAL C 283 1.82 19.42 -46.22
CA VAL C 283 1.61 17.97 -46.29
C VAL C 283 2.17 17.41 -47.61
N ALA C 284 2.79 16.25 -47.53
CA ALA C 284 3.41 15.63 -48.71
C ALA C 284 3.30 14.10 -48.71
N LYS C 285 3.87 13.49 -49.74
CA LYS C 285 3.86 12.03 -49.88
C LYS C 285 4.84 11.34 -48.95
N ASP C 286 6.08 11.81 -48.95
CA ASP C 286 7.15 11.15 -48.21
C ASP C 286 6.92 11.18 -46.70
N ASN C 287 6.60 12.35 -46.18
CA ASN C 287 6.27 12.47 -44.76
C ASN C 287 4.80 12.79 -44.56
N VAL C 288 4.06 11.79 -44.09
CA VAL C 288 2.64 11.93 -43.76
C VAL C 288 2.26 10.82 -42.79
N ILE C 289 1.20 11.01 -42.00
CA ILE C 289 0.76 10.00 -41.06
C ILE C 289 -0.74 9.73 -41.18
N GLY C 290 -1.53 10.73 -40.82
CA GLY C 290 -2.97 10.56 -40.83
C GLY C 290 -3.73 11.84 -41.05
N LEU C 291 -4.97 11.69 -41.54
CA LEU C 291 -5.78 12.85 -41.89
C LEU C 291 -7.06 12.83 -41.07
N PHE C 292 -7.26 13.87 -40.26
CA PHE C 292 -8.43 13.95 -39.38
C PHE C 292 -9.45 14.96 -39.90
N MET C 293 -10.72 14.69 -39.62
CA MET C 293 -11.77 15.64 -39.92
C MET C 293 -12.94 15.43 -38.97
N HIS C 294 -14.02 16.17 -39.17
CA HIS C 294 -15.25 15.97 -38.44
C HIS C 294 -16.25 15.36 -39.43
N ARG C 295 -16.77 16.25 -40.27
CA ARG C 295 -17.39 15.93 -41.54
C ARG C 295 -17.75 17.32 -42.00
N SER C 296 -17.82 17.53 -43.30
CA SER C 296 -18.22 18.82 -43.87
C SER C 296 -17.71 20.12 -43.21
N ALA C 297 -16.43 20.49 -43.22
CA ALA C 297 -15.19 19.70 -43.43
C ALA C 297 -14.83 19.08 -44.78
N VAL C 298 -15.80 18.97 -45.68
CA VAL C 298 -15.62 18.45 -47.04
C VAL C 298 -16.98 18.48 -47.71
N GLY C 299 -17.00 18.18 -49.02
CA GLY C 299 -18.26 17.98 -49.71
C GLY C 299 -18.12 17.35 -51.07
N THR C 300 -19.16 16.65 -51.50
CA THR C 300 -19.25 16.12 -52.84
C THR C 300 -20.66 16.35 -53.35
N VAL C 301 -20.79 16.97 -54.52
CA VAL C 301 -22.06 17.03 -55.20
C VAL C 301 -22.01 16.08 -56.39
N LYS C 302 -23.13 15.42 -56.69
CA LYS C 302 -23.16 14.49 -57.80
C LYS C 302 -24.33 14.72 -58.75
N LEU C 303 -24.05 14.60 -60.04
CA LEU C 303 -25.06 14.74 -61.09
C LEU C 303 -24.92 13.56 -62.04
N ARG C 304 -26.00 13.22 -62.73
CA ARG C 304 -26.01 12.10 -63.69
C ARG C 304 -25.88 10.72 -63.04
N ASP C 305 -25.75 10.71 -61.71
CA ASP C 305 -25.71 9.49 -60.91
C ASP C 305 -24.60 8.54 -61.33
N LEU C 306 -24.88 7.25 -61.38
CA LEU C 306 -23.89 6.25 -61.80
C LEU C 306 -24.54 5.21 -62.69
N ALA C 307 -23.94 4.98 -63.86
CA ALA C 307 -24.49 4.01 -64.81
C ALA C 307 -23.43 3.45 -65.75
N LEU C 308 -23.77 2.33 -66.39
CA LEU C 308 -22.92 1.72 -67.40
C LEU C 308 -23.73 1.52 -68.67
N GLU C 309 -23.04 1.28 -69.78
CA GLU C 309 -23.71 0.91 -71.02
C GLU C 309 -22.86 -0.06 -71.83
N ARG C 310 -23.54 -0.94 -72.56
CA ARG C 310 -22.87 -1.93 -73.39
C ARG C 310 -23.09 -1.60 -74.86
N ALA C 311 -22.05 -1.19 -75.55
CA ALA C 311 -22.18 -0.82 -76.95
C ALA C 311 -21.47 -1.79 -77.88
N ARG C 312 -22.24 -2.48 -78.72
CA ARG C 312 -21.67 -3.36 -79.73
C ARG C 312 -20.89 -2.52 -80.73
N ARG C 313 -19.72 -3.00 -81.13
CA ARG C 313 -18.88 -2.28 -82.08
C ARG C 313 -18.74 -3.07 -83.37
N ALA C 314 -18.48 -2.38 -84.48
CA ALA C 314 -18.54 -2.99 -85.81
C ALA C 314 -17.20 -3.40 -86.41
N ASN C 315 -16.42 -2.41 -86.85
CA ASN C 315 -15.20 -2.66 -87.62
C ASN C 315 -14.19 -3.60 -86.95
N PHE C 316 -14.16 -3.62 -85.63
CA PHE C 316 -13.27 -4.51 -84.90
C PHE C 316 -13.95 -5.81 -84.45
N GLN C 317 -15.22 -5.96 -84.83
CA GLN C 317 -15.99 -7.18 -84.59
C GLN C 317 -16.06 -7.53 -83.10
N ALA C 318 -15.92 -6.51 -82.27
CA ALA C 318 -15.90 -6.69 -80.82
C ALA C 318 -17.00 -5.85 -80.20
N ASP C 319 -17.15 -5.94 -78.88
CA ASP C 319 -18.04 -5.03 -78.18
C ASP C 319 -17.27 -4.33 -77.06
N GLN C 320 -17.93 -3.42 -76.36
CA GLN C 320 -17.29 -2.74 -75.23
C GLN C 320 -18.29 -2.36 -74.13
N ILE C 321 -17.82 -2.43 -72.89
CA ILE C 321 -18.65 -2.04 -71.75
C ILE C 321 -18.04 -0.81 -71.09
N ILE C 322 -18.83 0.26 -70.96
CA ILE C 322 -18.34 1.51 -70.40
C ILE C 322 -19.23 2.03 -69.27
N ALA C 323 -18.68 2.05 -68.06
CA ALA C 323 -19.36 2.63 -66.89
C ALA C 323 -18.77 4.00 -66.62
N LYS C 324 -19.62 4.97 -66.31
CA LYS C 324 -19.17 6.36 -66.17
C LYS C 324 -19.94 7.13 -65.11
N TYR C 325 -19.36 8.21 -64.62
CA TYR C 325 -20.14 9.21 -63.87
C TYR C 325 -19.42 10.55 -63.72
N ALA C 326 -20.10 11.51 -63.13
CA ALA C 326 -19.49 12.81 -62.85
C ALA C 326 -19.95 13.35 -61.51
N MET C 327 -18.99 13.77 -60.70
CA MET C 327 -19.28 14.43 -59.43
C MET C 327 -18.15 15.38 -59.08
N GLY C 328 -18.45 16.37 -58.25
CA GLY C 328 -17.45 17.34 -57.85
C GLY C 328 -16.80 16.99 -56.54
N HIS C 329 -15.66 17.62 -56.28
CA HIS C 329 -15.02 17.53 -54.97
C HIS C 329 -14.50 18.90 -54.60
N GLY C 330 -14.84 19.36 -53.39
CA GLY C 330 -14.38 20.65 -52.92
C GLY C 330 -14.32 20.70 -51.41
N GLY C 331 -13.46 21.58 -50.90
CA GLY C 331 -13.39 21.78 -49.46
C GLY C 331 -14.30 22.92 -49.04
N LEU C 332 -14.75 22.88 -47.79
CA LEU C 332 -15.53 23.96 -47.22
C LEU C 332 -15.30 23.95 -45.72
N ARG C 333 -15.43 25.12 -45.10
CA ARG C 333 -15.08 25.32 -43.68
C ARG C 333 -13.80 24.61 -43.24
N PRO C 334 -12.64 25.15 -43.66
CA PRO C 334 -11.32 24.66 -43.23
C PRO C 334 -11.19 24.73 -41.71
N GLU C 335 -12.12 25.44 -41.08
CA GLU C 335 -12.19 25.64 -39.64
C GLU C 335 -12.00 24.34 -38.86
N ALA C 336 -12.49 23.23 -39.39
CA ALA C 336 -12.11 21.93 -38.84
C ALA C 336 -11.58 21.02 -39.95
N ALA C 337 -10.27 20.80 -39.91
CA ALA C 337 -9.56 19.95 -40.86
C ALA C 337 -8.07 20.02 -40.53
N GLY C 338 -7.31 19.04 -41.03
CA GLY C 338 -5.88 19.01 -40.79
C GLY C 338 -5.33 17.59 -40.78
N ALA C 339 -4.03 17.47 -40.50
CA ALA C 339 -3.37 16.18 -40.53
C ALA C 339 -2.36 16.01 -39.40
N VAL C 340 -1.62 14.91 -39.43
CA VAL C 340 -0.48 14.74 -38.55
C VAL C 340 0.73 14.31 -39.40
N VAL C 341 1.90 14.86 -39.10
CA VAL C 341 3.06 14.67 -39.98
C VAL C 341 4.39 14.69 -39.23
N PHE C 342 5.36 13.90 -39.73
CA PHE C 342 6.71 13.86 -39.18
C PHE C 342 7.40 15.21 -39.35
N LYS C 343 8.43 15.46 -38.54
CA LYS C 343 9.19 16.70 -38.65
C LYS C 343 10.11 16.63 -39.88
N VAL C 344 10.81 17.74 -40.15
CA VAL C 344 11.73 17.85 -41.29
C VAL C 344 11.14 17.38 -42.62
N ALA D 2 22.85 -67.18 10.24
CA ALA D 2 22.01 -68.37 10.23
C ALA D 2 20.93 -68.29 9.15
N SER D 3 20.63 -69.43 8.55
CA SER D 3 19.61 -69.48 7.49
C SER D 3 19.00 -70.87 7.36
N MET D 4 18.04 -70.99 6.45
CA MET D 4 17.47 -72.28 6.09
C MET D 4 18.42 -72.93 5.08
N THR D 5 18.48 -74.25 5.08
CA THR D 5 19.33 -74.98 4.14
C THR D 5 18.56 -76.11 3.46
N GLY D 6 18.59 -76.13 2.14
CA GLY D 6 17.83 -77.11 1.39
C GLY D 6 16.34 -76.93 1.57
N GLY D 7 15.85 -75.73 1.28
CA GLY D 7 14.46 -75.37 1.54
C GLY D 7 13.51 -75.54 0.37
N GLN D 8 13.90 -76.37 -0.60
CA GLN D 8 13.05 -76.68 -1.76
C GLN D 8 12.66 -75.44 -2.57
N GLN D 9 13.64 -74.84 -3.26
CA GLN D 9 13.38 -73.72 -4.15
C GLN D 9 12.88 -74.21 -5.51
N MET D 10 11.68 -73.77 -5.89
CA MET D 10 11.02 -74.29 -7.08
C MET D 10 11.63 -73.80 -8.40
N GLY D 11 12.41 -72.72 -8.34
CA GLY D 11 13.19 -72.30 -9.49
C GLY D 11 14.49 -73.09 -9.50
N THR D 12 15.53 -72.56 -10.15
CA THR D 12 16.86 -73.16 -10.06
C THR D 12 16.87 -74.63 -10.51
N ASN D 13 16.83 -74.85 -11.82
CA ASN D 13 16.53 -76.16 -12.42
C ASN D 13 17.21 -77.34 -11.74
N GLN D 14 18.47 -77.17 -11.33
CA GLN D 14 19.18 -78.16 -10.52
C GLN D 14 19.26 -79.51 -11.23
N GLY D 15 19.22 -79.47 -12.56
CA GLY D 15 19.31 -80.69 -13.35
C GLY D 15 20.68 -81.33 -13.17
N LYS D 16 20.81 -82.58 -13.58
CA LYS D 16 22.07 -83.29 -13.42
C LYS D 16 23.17 -82.62 -14.25
N GLY D 17 24.26 -82.26 -13.58
CA GLY D 17 25.38 -81.61 -14.25
C GLY D 17 25.07 -80.19 -14.71
N VAL D 18 24.04 -79.58 -14.11
CA VAL D 18 23.72 -78.19 -14.42
C VAL D 18 24.85 -77.30 -13.94
N VAL D 19 25.06 -76.17 -14.62
CA VAL D 19 26.13 -75.25 -14.23
C VAL D 19 25.77 -74.58 -12.91
N ALA D 20 26.65 -74.71 -11.92
CA ALA D 20 26.43 -74.09 -10.63
C ALA D 20 26.71 -72.61 -10.72
N ALA D 21 25.71 -71.79 -10.40
CA ALA D 21 25.80 -70.36 -10.60
C ALA D 21 24.74 -69.61 -9.79
N GLY D 22 24.63 -68.31 -10.08
CA GLY D 22 23.60 -67.48 -9.48
C GLY D 22 22.32 -67.59 -10.28
N ASP D 23 21.54 -66.51 -10.32
CA ASP D 23 20.24 -66.51 -11.00
C ASP D 23 19.34 -67.57 -10.36
N LYS D 24 18.97 -67.32 -9.12
CA LYS D 24 18.25 -68.30 -8.30
C LYS D 24 16.76 -68.38 -8.62
N LEU D 25 16.21 -67.31 -9.18
CA LEU D 25 14.79 -67.26 -9.53
C LEU D 25 14.48 -67.64 -10.99
N ALA D 26 15.49 -68.11 -11.72
CA ALA D 26 15.32 -68.43 -13.12
C ALA D 26 14.43 -69.66 -13.30
N LEU D 27 14.25 -70.07 -14.56
CA LEU D 27 13.28 -71.11 -14.91
C LEU D 27 11.90 -70.68 -14.43
N PHE D 28 11.38 -69.61 -15.00
CA PHE D 28 10.01 -69.18 -14.75
C PHE D 28 9.39 -68.52 -15.99
N LEU D 29 8.11 -68.76 -16.20
CA LEU D 29 7.40 -68.25 -17.36
C LEU D 29 7.18 -66.76 -17.22
N LYS D 30 7.03 -66.07 -18.35
CA LYS D 30 6.73 -64.66 -18.34
C LYS D 30 5.49 -64.37 -19.19
N VAL D 31 4.42 -63.93 -18.54
CA VAL D 31 3.19 -63.60 -19.26
C VAL D 31 3.39 -62.24 -19.92
N PHE D 32 2.41 -61.79 -20.71
CA PHE D 32 2.52 -60.51 -21.38
C PHE D 32 1.62 -59.48 -20.70
N GLY D 33 1.68 -58.24 -21.17
CA GLY D 33 0.93 -57.16 -20.55
C GLY D 33 -0.54 -57.00 -20.90
N GLY D 34 -0.85 -57.10 -22.19
CA GLY D 34 -2.15 -56.68 -22.69
C GLY D 34 -2.12 -55.17 -22.88
N GLU D 35 -0.93 -54.62 -22.66
CA GLU D 35 -0.69 -53.18 -22.61
C GLU D 35 -0.19 -52.57 -23.92
N VAL D 36 -0.24 -53.34 -25.01
CA VAL D 36 0.55 -53.07 -26.22
C VAL D 36 0.52 -51.61 -26.67
N LEU D 37 1.69 -51.10 -27.05
CA LEU D 37 1.90 -49.66 -27.18
C LEU D 37 1.74 -49.11 -28.61
N THR D 38 1.09 -47.97 -28.72
CA THR D 38 0.67 -47.41 -30.00
C THR D 38 1.70 -46.47 -30.63
N ALA D 39 2.72 -46.09 -29.87
CA ALA D 39 3.62 -45.01 -30.24
C ALA D 39 2.83 -43.73 -30.53
N PHE D 40 1.84 -43.49 -29.67
CA PHE D 40 1.00 -42.28 -29.68
C PHE D 40 0.21 -41.96 -30.94
N ALA D 41 0.19 -40.67 -31.30
CA ALA D 41 -0.84 -40.12 -32.19
C ALA D 41 -0.44 -39.84 -33.64
N ARG D 42 0.53 -38.93 -33.79
CA ARG D 42 0.93 -38.31 -35.07
C ARG D 42 -0.05 -37.21 -35.47
N THR D 43 -1.22 -37.20 -34.82
CA THR D 43 -2.23 -36.15 -34.98
C THR D 43 -2.53 -35.79 -36.44
N SER D 44 -2.56 -34.48 -36.72
CA SER D 44 -2.85 -33.95 -38.03
C SER D 44 -2.74 -32.43 -38.02
N VAL D 45 -2.87 -31.83 -39.20
CA VAL D 45 -3.00 -30.38 -39.33
C VAL D 45 -3.65 -30.11 -40.69
N THR D 46 -3.82 -28.84 -41.06
CA THR D 46 -4.57 -28.46 -42.26
C THR D 46 -5.96 -29.08 -42.23
N THR D 47 -6.38 -29.69 -43.34
CA THR D 47 -7.67 -30.38 -43.41
C THR D 47 -8.85 -29.48 -43.03
N SER D 48 -9.18 -28.54 -43.91
CA SER D 48 -10.24 -27.53 -43.74
C SER D 48 -9.74 -26.32 -42.93
N ARG D 49 -8.50 -26.41 -42.46
CA ARG D 49 -7.80 -25.23 -41.96
C ARG D 49 -7.36 -24.45 -43.19
N HIS D 50 -7.38 -25.14 -44.34
CA HIS D 50 -7.21 -24.54 -45.65
C HIS D 50 -8.12 -25.27 -46.64
N MET D 51 -8.42 -24.65 -47.77
CA MET D 51 -9.42 -25.18 -48.70
C MET D 51 -8.83 -26.02 -49.84
N VAL D 52 -9.52 -27.11 -50.18
CA VAL D 52 -9.19 -27.93 -51.34
C VAL D 52 -10.45 -28.20 -52.15
N ARG D 53 -10.29 -28.61 -53.41
CA ARG D 53 -11.42 -29.11 -54.19
C ARG D 53 -10.98 -30.11 -55.26
N SER D 54 -11.84 -31.10 -55.50
CA SER D 54 -11.51 -32.22 -56.36
C SER D 54 -11.61 -31.90 -57.85
N ILE D 55 -10.85 -32.66 -58.64
CA ILE D 55 -11.01 -32.69 -60.10
C ILE D 55 -11.07 -34.15 -60.49
N SER D 56 -11.48 -34.43 -61.72
CA SER D 56 -11.45 -35.79 -62.25
C SER D 56 -10.64 -35.78 -63.53
N SER D 57 -10.56 -36.92 -64.21
CA SER D 57 -9.93 -37.01 -65.53
C SER D 57 -8.48 -36.53 -65.59
N GLY D 58 -8.25 -35.45 -66.33
CA GLY D 58 -6.93 -35.08 -66.80
C GLY D 58 -5.83 -34.78 -65.81
N LYS D 59 -4.63 -34.57 -66.36
CA LYS D 59 -3.38 -34.44 -65.62
C LYS D 59 -3.36 -33.36 -64.55
N SER D 60 -3.35 -32.10 -64.98
CA SER D 60 -3.13 -30.99 -64.05
C SER D 60 -4.25 -29.95 -64.06
N ALA D 61 -4.31 -29.18 -62.99
CA ALA D 61 -5.31 -28.11 -62.87
C ALA D 61 -4.72 -26.74 -63.18
N GLN D 62 -5.52 -25.92 -63.86
CA GLN D 62 -5.13 -24.56 -64.24
C GLN D 62 -6.10 -23.57 -63.58
N PHE D 63 -5.64 -22.35 -63.31
CA PHE D 63 -6.55 -21.33 -62.82
C PHE D 63 -6.29 -19.99 -63.51
N PRO D 64 -7.37 -19.27 -63.88
CA PRO D 64 -7.18 -17.90 -64.35
C PRO D 64 -7.05 -16.92 -63.19
N VAL D 65 -6.31 -15.84 -63.38
CA VAL D 65 -6.31 -14.73 -62.42
C VAL D 65 -6.28 -13.39 -63.16
N LEU D 66 -7.19 -12.49 -62.79
CA LEU D 66 -7.26 -11.16 -63.36
C LEU D 66 -7.29 -10.16 -62.22
N GLY D 67 -6.96 -8.90 -62.49
CA GLY D 67 -6.98 -7.93 -61.40
C GLY D 67 -7.10 -6.45 -61.69
N ARG D 68 -7.67 -5.77 -60.70
CA ARG D 68 -7.77 -4.32 -60.59
C ARG D 68 -8.27 -3.57 -61.83
N THR D 69 -7.74 -2.35 -61.97
CA THR D 69 -8.02 -1.41 -63.06
C THR D 69 -7.35 -0.10 -62.64
N GLN D 70 -7.39 0.90 -63.51
CA GLN D 70 -7.11 2.27 -63.06
C GLN D 70 -8.09 3.24 -63.72
N ALA D 71 -8.80 4.00 -62.89
CA ALA D 71 -9.80 4.94 -63.38
C ALA D 71 -9.14 6.08 -64.16
N ALA D 72 -9.92 6.74 -65.01
CA ALA D 72 -9.41 7.82 -65.82
C ALA D 72 -10.38 8.98 -65.98
N TYR D 73 -9.95 10.00 -66.69
CA TYR D 73 -10.77 11.19 -66.93
C TYR D 73 -11.08 11.32 -68.42
N LEU D 74 -12.18 12.00 -68.73
CA LEU D 74 -12.50 12.30 -70.12
C LEU D 74 -12.74 13.81 -70.27
N ALA D 75 -11.85 14.46 -71.01
CA ALA D 75 -12.00 15.87 -71.33
C ALA D 75 -12.67 15.98 -72.68
N PRO D 76 -13.95 16.38 -72.70
CA PRO D 76 -14.72 16.46 -73.94
C PRO D 76 -14.30 17.64 -74.82
N GLY D 77 -14.21 17.42 -76.12
CA GLY D 77 -14.37 16.09 -76.69
C GLY D 77 -13.03 15.40 -76.83
N GLU D 78 -13.03 14.07 -76.90
CA GLU D 78 -11.79 13.32 -77.01
C GLU D 78 -12.04 11.91 -77.53
N ASN D 79 -10.97 11.12 -77.63
CA ASN D 79 -11.06 9.75 -78.11
C ASN D 79 -11.05 8.76 -76.95
N LEU D 80 -12.18 8.11 -76.74
CA LEU D 80 -12.34 7.17 -75.63
C LEU D 80 -11.49 5.93 -75.86
N ASP D 81 -11.22 5.62 -77.13
CA ASP D 81 -10.48 4.40 -77.48
C ASP D 81 -8.97 4.59 -77.65
N ASP D 82 -8.47 5.79 -77.38
CA ASP D 82 -7.04 6.06 -77.56
C ASP D 82 -6.17 5.58 -76.41
N LYS D 83 -6.77 5.26 -75.26
CA LYS D 83 -6.03 4.70 -74.14
C LYS D 83 -6.75 3.56 -73.40
N ARG D 84 -6.10 2.40 -73.29
CA ARG D 84 -6.56 1.31 -72.44
C ARG D 84 -5.38 0.51 -71.91
N LYS D 85 -5.45 0.11 -70.64
CA LYS D 85 -4.33 -0.63 -70.05
C LYS D 85 -4.43 -2.14 -70.18
N ASP D 86 -5.59 -2.65 -70.56
CA ASP D 86 -5.74 -4.08 -70.84
C ASP D 86 -5.35 -4.94 -69.65
N ILE D 87 -6.26 -5.06 -68.67
CA ILE D 87 -5.96 -5.59 -67.33
C ILE D 87 -5.27 -6.95 -67.36
N LYS D 88 -5.19 -7.54 -68.55
CA LYS D 88 -4.50 -8.79 -68.81
C LYS D 88 -5.08 -9.93 -67.99
N HIS D 89 -4.21 -10.83 -67.54
CA HIS D 89 -4.57 -12.14 -67.03
C HIS D 89 -3.26 -12.84 -66.73
N THR D 90 -3.35 -14.07 -66.22
CA THR D 90 -2.21 -14.95 -66.06
C THR D 90 -2.81 -16.27 -65.57
N GLU D 91 -2.07 -17.36 -65.72
CA GLU D 91 -2.54 -18.63 -65.20
C GLU D 91 -1.89 -18.94 -63.87
N LYS D 92 -2.36 -20.00 -63.23
CA LYS D 92 -1.65 -20.62 -62.12
C LYS D 92 -1.78 -22.12 -62.33
N VAL D 93 -0.66 -22.78 -62.51
CA VAL D 93 -0.66 -24.20 -62.85
C VAL D 93 -0.26 -25.06 -61.67
N ILE D 94 -1.04 -26.11 -61.41
CA ILE D 94 -0.74 -27.04 -60.34
C ILE D 94 -0.91 -28.46 -60.84
N THR D 95 0.15 -29.27 -60.69
CA THR D 95 0.17 -30.61 -61.23
C THR D 95 0.00 -31.66 -60.14
N ILE D 96 -0.95 -32.57 -60.31
CA ILE D 96 -1.01 -33.76 -59.47
C ILE D 96 0.31 -34.48 -59.71
N ASP D 97 0.94 -34.95 -58.65
CA ASP D 97 2.30 -35.47 -58.77
C ASP D 97 2.30 -36.90 -59.30
N GLY D 98 1.85 -37.84 -58.47
CA GLY D 98 1.79 -39.23 -58.88
C GLY D 98 1.28 -40.12 -57.76
N LEU D 99 1.24 -41.42 -58.02
CA LEU D 99 0.74 -42.37 -57.02
C LEU D 99 1.62 -42.35 -55.77
N LEU D 100 0.99 -42.13 -54.62
CA LEU D 100 1.70 -42.13 -53.34
C LEU D 100 1.19 -43.29 -52.51
N THR D 101 2.09 -44.18 -52.10
CA THR D 101 1.66 -45.38 -51.39
C THR D 101 2.40 -45.63 -50.08
N ALA D 102 1.92 -46.65 -49.38
CA ALA D 102 2.54 -47.17 -48.17
C ALA D 102 1.95 -48.57 -48.07
N ASP D 103 2.60 -49.44 -47.30
CA ASP D 103 2.18 -50.84 -47.24
C ASP D 103 3.01 -51.63 -46.24
N VAL D 104 2.58 -52.87 -46.01
CA VAL D 104 3.40 -53.83 -45.29
C VAL D 104 2.89 -55.21 -45.68
N LEU D 105 3.59 -56.25 -45.24
CA LEU D 105 3.20 -57.63 -45.53
C LEU D 105 3.64 -58.51 -44.38
N ILE D 106 2.82 -59.52 -44.05
CA ILE D 106 3.12 -60.40 -42.94
C ILE D 106 3.12 -61.87 -43.33
N TYR D 107 4.16 -62.58 -42.90
CA TYR D 107 4.23 -64.02 -43.02
C TYR D 107 3.15 -64.60 -42.11
N ASP D 108 2.49 -65.67 -42.56
CA ASP D 108 1.36 -66.23 -41.83
C ASP D 108 1.75 -66.92 -40.53
N ILE D 109 2.70 -67.85 -40.61
CA ILE D 109 3.15 -68.59 -39.45
C ILE D 109 3.84 -67.69 -38.43
N GLU D 110 4.47 -66.63 -38.90
CA GLU D 110 5.10 -65.66 -38.02
C GLU D 110 4.04 -64.87 -37.26
N ASP D 111 2.84 -64.80 -37.82
CA ASP D 111 1.67 -64.27 -37.12
C ASP D 111 1.03 -65.34 -36.22
N ALA D 112 1.27 -66.60 -36.53
CA ALA D 112 0.80 -67.70 -35.68
C ALA D 112 1.72 -67.85 -34.47
N MET D 113 2.90 -67.28 -34.58
CA MET D 113 3.93 -67.40 -33.55
C MET D 113 3.80 -66.28 -32.51
N ASN D 114 2.78 -65.43 -32.66
CA ASN D 114 2.60 -64.30 -31.76
C ASN D 114 1.22 -64.29 -31.06
N HIS D 115 1.15 -63.61 -29.91
CA HIS D 115 -0.02 -63.66 -29.04
C HIS D 115 -1.03 -62.51 -29.19
N TYR D 116 -0.78 -61.58 -30.12
CA TYR D 116 -1.61 -60.38 -30.23
C TYR D 116 -1.81 -59.84 -31.65
N ASP D 117 -2.91 -59.12 -31.86
CA ASP D 117 -3.15 -58.41 -33.12
C ASP D 117 -2.86 -56.93 -32.94
N VAL D 118 -1.98 -56.26 -33.72
CA VAL D 118 -1.30 -56.66 -34.99
C VAL D 118 -2.08 -56.40 -36.31
N ARG D 119 -3.32 -55.93 -36.18
CA ARG D 119 -4.13 -55.60 -37.36
C ARG D 119 -4.49 -54.11 -37.44
N SER D 120 -5.41 -53.71 -36.55
CA SER D 120 -5.92 -52.34 -36.48
C SER D 120 -4.81 -51.32 -36.36
N GLU D 121 -3.80 -51.65 -35.55
CA GLU D 121 -2.65 -50.78 -35.36
C GLU D 121 -1.92 -50.53 -36.68
N TYR D 122 -1.68 -51.60 -37.43
CA TYR D 122 -1.06 -51.50 -38.74
C TYR D 122 -1.86 -50.61 -39.68
N THR D 123 -3.16 -50.89 -39.80
CA THR D 123 -4.03 -50.09 -40.67
C THR D 123 -3.98 -48.60 -40.32
N SER D 124 -4.26 -48.30 -39.06
CA SER D 124 -4.27 -46.95 -38.53
C SER D 124 -2.93 -46.25 -38.79
N GLN D 125 -1.85 -46.97 -38.58
CA GLN D 125 -0.51 -46.43 -38.83
C GLN D 125 -0.31 -46.03 -40.28
N LEU D 126 -0.76 -46.89 -41.20
CA LEU D 126 -0.72 -46.55 -42.62
C LEU D 126 -1.46 -45.23 -42.91
N GLY D 127 -2.73 -45.16 -42.49
CA GLY D 127 -3.53 -43.97 -42.72
C GLY D 127 -2.93 -42.68 -42.16
N GLU D 128 -2.59 -42.72 -40.88
CA GLU D 128 -2.04 -41.55 -40.18
C GLU D 128 -0.70 -41.09 -40.73
N SER D 129 0.20 -42.04 -40.99
CA SER D 129 1.49 -41.71 -41.59
C SER D 129 1.29 -41.04 -42.95
N LEU D 130 0.38 -41.60 -43.75
CA LEU D 130 0.00 -41.02 -45.03
C LEU D 130 -0.41 -39.54 -44.88
N ALA D 131 -1.47 -39.32 -44.10
CA ALA D 131 -1.97 -37.96 -43.87
C ALA D 131 -0.89 -36.99 -43.39
N MET D 132 -0.02 -37.47 -42.50
CA MET D 132 1.13 -36.68 -42.03
C MET D 132 2.00 -36.25 -43.20
N ALA D 133 2.35 -37.21 -44.05
CA ALA D 133 3.14 -36.91 -45.25
C ALA D 133 2.47 -35.85 -46.11
N ALA D 134 1.14 -35.92 -46.19
CA ALA D 134 0.36 -34.92 -46.94
C ALA D 134 0.50 -33.51 -46.36
N ASP D 135 0.23 -33.38 -45.06
CA ASP D 135 0.34 -32.09 -44.37
C ASP D 135 1.75 -31.51 -44.51
N GLY D 136 2.75 -32.35 -44.29
CA GLY D 136 4.14 -31.96 -44.46
C GLY D 136 4.40 -31.45 -45.86
N ALA D 137 3.88 -32.16 -46.85
CA ALA D 137 3.95 -31.73 -48.24
C ALA D 137 3.43 -30.30 -48.46
N VAL D 138 2.13 -30.11 -48.18
CA VAL D 138 1.51 -28.79 -48.30
C VAL D 138 2.33 -27.71 -47.61
N LEU D 139 2.47 -27.86 -46.29
CA LEU D 139 3.16 -26.87 -45.45
C LEU D 139 4.56 -26.53 -45.96
N ALA D 140 5.35 -27.54 -46.30
CA ALA D 140 6.69 -27.33 -46.82
C ALA D 140 6.67 -26.55 -48.14
N GLU D 141 5.77 -26.92 -49.05
CA GLU D 141 5.70 -26.27 -50.36
C GLU D 141 5.27 -24.80 -50.30
N ILE D 142 4.11 -24.55 -49.70
CA ILE D 142 3.41 -23.25 -49.81
C ILE D 142 4.31 -22.03 -49.58
N ALA D 143 4.75 -21.85 -48.34
CA ALA D 143 5.46 -20.64 -47.95
C ALA D 143 6.85 -20.64 -48.56
N GLY D 144 7.65 -21.63 -48.20
CA GLY D 144 9.02 -21.74 -48.68
C GLY D 144 9.18 -21.53 -50.16
N LEU D 145 8.35 -22.18 -50.98
CA LEU D 145 8.50 -22.00 -52.43
C LEU D 145 7.85 -20.73 -52.98
N CYS D 146 6.77 -20.25 -52.37
CA CYS D 146 6.21 -18.97 -52.78
C CYS D 146 7.17 -17.82 -52.49
N ASN D 147 8.03 -18.00 -51.49
CA ASN D 147 8.94 -16.94 -51.04
C ASN D 147 10.38 -17.00 -51.58
N VAL D 148 10.71 -18.01 -52.39
CA VAL D 148 12.07 -18.20 -52.90
C VAL D 148 12.51 -17.14 -53.94
N GLU D 149 11.73 -16.98 -55.00
CA GLU D 149 12.11 -16.17 -56.15
C GLU D 149 12.38 -14.69 -55.87
N SER D 150 13.37 -14.13 -56.57
CA SER D 150 13.72 -12.71 -56.44
C SER D 150 12.72 -11.83 -57.16
N LYS D 151 12.39 -12.23 -58.38
CA LYS D 151 11.37 -11.58 -59.19
C LYS D 151 10.35 -12.66 -59.53
N TYR D 152 9.44 -12.37 -60.46
CA TYR D 152 8.23 -13.17 -60.64
C TYR D 152 7.36 -13.12 -59.39
N ASN D 153 6.89 -11.92 -59.08
CA ASN D 153 5.83 -11.73 -58.11
C ASN D 153 4.59 -11.53 -58.96
N GLU D 154 3.68 -12.50 -58.90
CA GLU D 154 2.72 -12.74 -59.98
C GLU D 154 1.92 -11.51 -60.47
N ASN D 155 1.71 -11.47 -61.78
CA ASN D 155 1.32 -10.26 -62.51
C ASN D 155 2.27 -9.11 -62.21
N ILE D 156 1.73 -7.89 -62.17
CA ILE D 156 2.33 -6.79 -61.43
C ILE D 156 1.19 -6.06 -60.73
N GLU D 157 1.19 -6.10 -59.40
CA GLU D 157 0.09 -5.53 -58.62
C GLU D 157 0.44 -5.46 -57.12
N GLY D 158 -0.56 -5.15 -56.31
CA GLY D 158 -0.37 -4.93 -54.89
C GLY D 158 -0.02 -6.16 -54.07
N LEU D 159 0.24 -7.29 -54.73
CA LEU D 159 0.65 -8.49 -54.00
C LEU D 159 2.17 -8.53 -53.92
N GLY D 160 2.70 -8.30 -52.72
CA GLY D 160 4.13 -8.30 -52.50
C GLY D 160 4.66 -9.54 -51.81
N THR D 161 3.75 -10.34 -51.26
CA THR D 161 4.08 -11.56 -50.49
C THR D 161 5.25 -11.37 -49.53
N ALA D 162 5.19 -10.31 -48.74
CA ALA D 162 6.30 -9.88 -47.89
C ALA D 162 6.71 -10.90 -46.83
N THR D 163 7.99 -10.88 -46.48
CA THR D 163 8.53 -11.63 -45.36
C THR D 163 9.08 -10.63 -44.35
N VAL D 164 9.20 -11.04 -43.10
CA VAL D 164 9.63 -10.11 -42.06
C VAL D 164 10.97 -10.50 -41.41
N ILE D 165 11.95 -9.61 -41.51
CA ILE D 165 13.26 -9.79 -40.88
C ILE D 165 13.18 -9.32 -39.43
N GLU D 166 14.30 -9.29 -38.71
CA GLU D 166 14.29 -8.91 -37.30
C GLU D 166 15.53 -8.14 -36.85
N THR D 167 15.68 -8.03 -35.53
CA THR D 167 16.75 -7.25 -34.91
C THR D 167 17.76 -8.17 -34.22
N THR D 168 18.69 -7.56 -33.48
CA THR D 168 19.85 -8.26 -32.91
C THR D 168 20.65 -8.95 -34.00
N GLN D 169 21.12 -10.17 -33.75
CA GLN D 169 21.71 -10.98 -34.82
C GLN D 169 21.30 -12.44 -34.73
N ASN D 170 20.56 -12.91 -35.73
CA ASN D 170 20.22 -14.33 -35.89
C ASN D 170 19.83 -15.09 -34.61
N LYS D 171 20.40 -16.28 -34.44
CA LYS D 171 20.31 -17.04 -33.19
C LYS D 171 21.36 -16.62 -32.16
N ALA D 172 22.58 -16.37 -32.64
CA ALA D 172 23.79 -16.36 -31.80
C ALA D 172 23.72 -15.47 -30.55
N ALA D 173 23.45 -14.18 -30.75
CA ALA D 173 23.38 -13.27 -29.62
C ALA D 173 21.95 -13.14 -29.10
N LEU D 174 21.01 -13.68 -29.88
CA LEU D 174 19.58 -13.51 -29.60
C LEU D 174 19.03 -14.05 -28.28
N THR D 175 19.06 -15.37 -28.11
CA THR D 175 18.09 -16.01 -27.22
C THR D 175 18.47 -16.20 -25.75
N ASP D 176 17.80 -15.43 -24.90
CA ASP D 176 17.56 -15.78 -23.51
C ASP D 176 16.13 -16.33 -23.51
N GLN D 177 15.57 -16.37 -24.72
CA GLN D 177 14.24 -16.89 -25.05
C GLN D 177 13.08 -15.97 -24.66
N VAL D 178 13.34 -15.02 -23.76
CA VAL D 178 12.31 -14.02 -23.43
C VAL D 178 12.45 -12.70 -24.19
N ALA D 179 13.57 -12.51 -24.88
CA ALA D 179 13.75 -11.36 -25.77
C ALA D 179 13.08 -11.64 -27.11
N LEU D 180 13.36 -12.83 -27.63
CA LEU D 180 12.81 -13.31 -28.89
C LEU D 180 11.29 -13.31 -28.85
N GLY D 181 10.71 -13.62 -27.70
CA GLY D 181 9.27 -13.66 -27.57
C GLY D 181 8.62 -12.32 -27.85
N LYS D 182 9.04 -11.29 -27.11
CA LYS D 182 8.54 -9.93 -27.28
C LYS D 182 8.77 -9.47 -28.71
N GLU D 183 10.03 -9.58 -29.13
CA GLU D 183 10.46 -9.15 -30.46
C GLU D 183 9.59 -9.77 -31.57
N ILE D 184 9.26 -11.04 -31.41
CA ILE D 184 8.46 -11.78 -32.38
C ILE D 184 6.95 -11.51 -32.26
N ILE D 185 6.48 -11.07 -31.10
CA ILE D 185 5.11 -10.58 -30.97
C ILE D 185 4.99 -9.31 -31.82
N ALA D 186 5.96 -8.41 -31.65
CA ALA D 186 6.04 -7.20 -32.47
C ALA D 186 6.10 -7.57 -33.96
N ALA D 187 6.92 -8.55 -34.28
CA ALA D 187 7.03 -9.07 -35.65
C ALA D 187 5.68 -9.55 -36.18
N LEU D 188 4.90 -10.19 -35.32
CA LEU D 188 3.55 -10.65 -35.67
C LEU D 188 2.67 -9.46 -36.01
N THR D 189 2.74 -8.40 -35.20
CA THR D 189 1.99 -7.18 -35.50
C THR D 189 2.33 -6.60 -36.87
N LYS D 190 3.63 -6.41 -37.10
CA LYS D 190 4.12 -5.89 -38.38
C LYS D 190 3.66 -6.75 -39.56
N ALA D 191 3.69 -8.07 -39.36
CA ALA D 191 3.22 -9.02 -40.35
C ALA D 191 1.72 -8.81 -40.64
N ARG D 192 0.95 -8.57 -39.59
CA ARG D 192 -0.48 -8.26 -39.73
C ARG D 192 -0.68 -7.01 -40.59
N ALA D 193 0.18 -6.02 -40.40
CA ALA D 193 0.15 -4.82 -41.24
C ALA D 193 0.42 -5.15 -42.71
N ALA D 194 1.55 -5.81 -42.95
CA ALA D 194 2.00 -6.16 -44.29
C ALA D 194 0.98 -7.02 -45.02
N LEU D 195 0.18 -7.78 -44.27
CA LEU D 195 -0.90 -8.56 -44.84
C LEU D 195 -2.12 -7.68 -45.15
N THR D 196 -2.45 -6.78 -44.22
CA THR D 196 -3.62 -5.92 -44.35
C THR D 196 -3.54 -4.95 -45.54
N LYS D 197 -2.37 -4.35 -45.76
CA LYS D 197 -2.23 -3.33 -46.82
C LYS D 197 -2.50 -3.88 -48.23
N ASN D 198 -2.52 -5.19 -48.34
CA ASN D 198 -2.86 -5.89 -49.57
C ASN D 198 -4.34 -6.26 -49.64
N TYR D 199 -5.11 -5.70 -48.70
CA TYR D 199 -6.49 -6.11 -48.42
C TYR D 199 -6.59 -7.52 -47.86
N VAL D 200 -7.34 -8.38 -48.54
CA VAL D 200 -7.79 -9.70 -48.04
C VAL D 200 -8.81 -9.55 -46.90
N PRO D 201 -9.69 -10.55 -46.73
CA PRO D 201 -10.72 -10.43 -45.68
C PRO D 201 -10.14 -10.41 -44.28
N ALA D 202 -10.80 -9.72 -43.36
CA ALA D 202 -10.41 -9.70 -41.96
C ALA D 202 -10.66 -11.07 -41.32
N ALA D 203 -9.89 -11.39 -40.28
CA ALA D 203 -9.89 -12.71 -39.66
C ALA D 203 -9.74 -13.79 -40.70
N ASP D 204 -10.46 -14.91 -40.52
CA ASP D 204 -10.37 -16.05 -41.42
C ASP D 204 -8.91 -16.40 -41.72
N ARG D 205 -8.06 -16.31 -40.70
CA ARG D 205 -6.62 -16.44 -40.87
C ARG D 205 -6.06 -17.57 -40.03
N VAL D 206 -4.84 -17.99 -40.38
CA VAL D 206 -4.14 -19.02 -39.63
C VAL D 206 -2.64 -18.71 -39.60
N PHE D 207 -2.04 -18.88 -38.42
CA PHE D 207 -0.59 -18.71 -38.24
C PHE D 207 0.06 -20.01 -37.79
N TYR D 208 1.01 -20.49 -38.59
CA TYR D 208 1.78 -21.68 -38.26
C TYR D 208 3.12 -21.27 -37.65
N CYS D 209 3.58 -22.06 -36.68
CA CYS D 209 4.91 -21.87 -36.11
C CYS D 209 5.46 -23.20 -35.64
N ASP D 210 6.70 -23.18 -35.16
CA ASP D 210 7.32 -24.37 -34.58
C ASP D 210 7.01 -24.41 -33.09
N PRO D 211 7.06 -25.61 -32.48
CA PRO D 211 6.74 -25.73 -31.05
C PRO D 211 7.65 -24.88 -30.16
N ASP D 212 8.92 -24.78 -30.55
CA ASP D 212 9.88 -23.95 -29.85
C ASP D 212 9.45 -22.48 -29.85
N SER D 213 9.06 -21.99 -31.02
CA SER D 213 8.56 -20.62 -31.17
C SER D 213 7.28 -20.39 -30.36
N TYR D 214 6.36 -21.36 -30.42
CA TYR D 214 5.12 -21.31 -29.66
C TYR D 214 5.39 -21.16 -28.16
N SER D 215 6.07 -22.15 -27.60
CA SER D 215 6.43 -22.15 -26.19
C SER D 215 7.24 -20.90 -25.82
N ALA D 216 7.94 -20.35 -26.81
CA ALA D 216 8.69 -19.12 -26.61
C ALA D 216 7.78 -17.91 -26.43
N ILE D 217 6.70 -17.86 -27.21
CA ILE D 217 5.66 -16.86 -27.02
C ILE D 217 5.04 -17.03 -25.63
N LEU D 218 4.69 -18.28 -25.31
CA LEU D 218 4.09 -18.64 -24.03
C LEU D 218 4.95 -18.15 -22.87
N ALA D 219 6.27 -18.31 -23.01
CA ALA D 219 7.22 -17.95 -21.96
C ALA D 219 7.56 -16.47 -21.99
N ALA D 220 7.25 -15.81 -23.09
CA ALA D 220 7.43 -14.37 -23.18
C ALA D 220 6.32 -13.67 -22.42
N LEU D 221 5.10 -14.12 -22.67
CA LEU D 221 3.91 -13.47 -22.11
C LEU D 221 3.80 -13.39 -20.58
N MET D 222 3.52 -14.52 -19.94
CA MET D 222 2.86 -14.47 -18.62
C MET D 222 3.58 -13.74 -17.47
N PRO D 223 4.74 -14.25 -16.99
CA PRO D 223 5.30 -13.48 -15.88
C PRO D 223 6.39 -12.51 -16.34
N ASN D 224 6.91 -11.74 -15.39
CA ASN D 224 8.25 -11.15 -15.50
C ASN D 224 8.51 -10.17 -16.65
N ALA D 225 7.58 -10.10 -17.60
CA ALA D 225 7.71 -9.18 -18.73
C ALA D 225 6.43 -8.39 -18.96
N ALA D 226 5.40 -9.09 -19.42
CA ALA D 226 4.13 -8.45 -19.76
C ALA D 226 3.35 -7.96 -18.54
N ASN D 227 2.42 -7.05 -18.80
CA ASN D 227 1.52 -6.52 -17.77
C ASN D 227 0.08 -6.78 -18.16
N TYR D 228 -0.83 -6.71 -17.19
CA TYR D 228 -2.28 -6.83 -17.40
C TYR D 228 -2.81 -8.19 -17.92
N ALA D 229 -1.91 -9.08 -18.30
CA ALA D 229 -2.25 -10.48 -18.58
C ALA D 229 -3.36 -10.75 -19.59
N ALA D 230 -3.09 -10.54 -20.88
CA ALA D 230 -4.11 -10.83 -21.88
C ALA D 230 -3.77 -12.00 -22.79
N LEU D 231 -4.71 -12.33 -23.68
CA LEU D 231 -4.50 -13.25 -24.81
C LEU D 231 -4.21 -14.72 -24.45
N ILE D 232 -3.96 -15.02 -23.18
CA ILE D 232 -3.62 -16.38 -22.77
C ILE D 232 -4.34 -16.85 -21.52
N ASP D 233 -4.53 -18.16 -21.42
CA ASP D 233 -4.99 -18.80 -20.18
C ASP D 233 -3.77 -19.33 -19.48
N PRO D 234 -3.37 -18.68 -18.37
CA PRO D 234 -2.13 -18.99 -17.65
C PRO D 234 -2.01 -20.45 -17.25
N GLU D 235 -3.10 -21.05 -16.79
CA GLU D 235 -3.08 -22.40 -16.25
C GLU D 235 -3.21 -23.49 -17.33
N LYS D 236 -3.28 -23.08 -18.59
CA LYS D 236 -3.26 -24.04 -19.70
C LYS D 236 -2.24 -23.63 -20.75
N GLY D 237 -2.06 -24.47 -21.76
CA GLY D 237 -1.04 -24.23 -22.78
C GLY D 237 -1.55 -23.84 -24.14
N SER D 238 -2.85 -23.63 -24.27
CA SER D 238 -3.45 -23.28 -25.55
C SER D 238 -3.77 -21.80 -25.64
N ILE D 239 -3.03 -21.08 -26.48
CA ILE D 239 -3.22 -19.64 -26.65
C ILE D 239 -4.50 -19.36 -27.45
N ARG D 240 -5.23 -18.35 -27.03
CA ARG D 240 -6.39 -17.88 -27.79
C ARG D 240 -5.87 -17.11 -29.00
N ASN D 241 -6.79 -16.61 -29.83
CA ASN D 241 -6.40 -15.79 -30.97
C ASN D 241 -5.69 -14.52 -30.47
N VAL D 242 -4.65 -14.09 -31.19
CA VAL D 242 -3.80 -12.98 -30.73
C VAL D 242 -4.11 -11.68 -31.45
N MET D 243 -3.67 -11.57 -32.70
CA MET D 243 -4.18 -10.57 -33.62
C MET D 243 -5.25 -11.32 -34.40
N GLY D 244 -5.80 -10.74 -35.45
CA GLY D 244 -6.71 -11.53 -36.23
C GLY D 244 -5.85 -12.61 -36.84
N PHE D 245 -6.10 -13.85 -36.40
CA PHE D 245 -5.22 -14.99 -36.66
C PHE D 245 -5.74 -16.16 -35.83
N GLU D 246 -5.28 -17.37 -36.15
CA GLU D 246 -5.46 -18.50 -35.25
C GLU D 246 -4.09 -19.14 -35.08
N VAL D 247 -3.54 -19.07 -33.88
CA VAL D 247 -2.19 -19.60 -33.67
C VAL D 247 -2.27 -21.11 -33.51
N VAL D 248 -1.66 -21.82 -34.45
CA VAL D 248 -1.63 -23.27 -34.42
C VAL D 248 -0.24 -23.70 -34.88
N GLU D 249 0.39 -24.61 -34.13
CA GLU D 249 1.72 -25.06 -34.49
C GLU D 249 1.72 -26.51 -34.93
N VAL D 250 2.87 -26.98 -35.39
CA VAL D 250 3.12 -28.38 -35.65
C VAL D 250 4.59 -28.66 -35.38
N PRO D 251 4.89 -29.84 -34.82
CA PRO D 251 6.29 -30.24 -34.66
C PRO D 251 6.93 -30.63 -35.99
N HIS D 252 6.10 -31.10 -36.91
CA HIS D 252 6.57 -31.90 -38.04
C HIS D 252 6.88 -31.21 -39.37
N LEU D 253 6.85 -29.89 -39.42
CA LEU D 253 7.06 -29.23 -40.72
C LEU D 253 8.50 -29.44 -41.19
N THR D 254 8.65 -30.09 -42.34
CA THR D 254 9.91 -30.35 -43.02
C THR D 254 9.57 -31.24 -44.22
N ALA D 255 10.44 -31.27 -45.23
CA ALA D 255 10.43 -32.32 -46.25
C ALA D 255 9.04 -32.67 -46.81
N GLY D 256 8.69 -33.95 -46.70
CA GLY D 256 7.35 -34.39 -47.02
C GLY D 256 7.21 -35.05 -48.38
N GLY D 257 8.15 -34.76 -49.28
CA GLY D 257 8.14 -35.32 -50.61
C GLY D 257 8.19 -36.84 -50.60
N ALA D 258 9.16 -37.38 -49.84
CA ALA D 258 9.33 -38.81 -49.69
C ALA D 258 9.43 -39.56 -51.02
N GLY D 259 10.12 -38.95 -51.98
CA GLY D 259 10.33 -39.60 -53.26
C GLY D 259 11.23 -40.81 -53.14
N THR D 260 11.00 -41.81 -53.98
CA THR D 260 11.81 -43.03 -54.03
C THR D 260 11.94 -43.78 -52.71
N ALA D 261 13.17 -43.86 -52.20
CA ALA D 261 13.52 -44.70 -51.06
C ALA D 261 12.64 -44.51 -49.83
N ARG D 262 12.29 -45.64 -49.20
CA ARG D 262 11.46 -45.65 -48.01
C ARG D 262 12.22 -45.06 -46.82
N GLU D 263 13.54 -45.03 -46.92
CA GLU D 263 14.38 -44.49 -45.86
C GLU D 263 15.34 -43.42 -46.39
N GLY D 264 15.21 -42.21 -45.87
CA GLY D 264 16.08 -41.11 -46.27
C GLY D 264 15.42 -40.10 -47.19
N THR D 265 16.20 -39.11 -47.60
CA THR D 265 15.70 -37.99 -48.41
C THR D 265 15.95 -38.19 -49.91
N THR D 266 16.49 -39.33 -50.30
CA THR D 266 16.93 -39.56 -51.68
C THR D 266 15.84 -39.34 -52.71
N GLY D 267 16.13 -38.49 -53.70
CA GLY D 267 15.20 -38.19 -54.77
C GLY D 267 13.88 -37.62 -54.30
N GLN D 268 13.93 -36.54 -53.53
CA GLN D 268 12.74 -35.95 -52.94
C GLN D 268 12.00 -35.02 -53.92
N LYS D 269 10.68 -35.04 -53.85
CA LYS D 269 9.84 -34.27 -54.78
C LYS D 269 9.48 -32.88 -54.26
N HIS D 270 9.80 -32.63 -53.00
CA HIS D 270 9.58 -31.33 -52.38
C HIS D 270 10.70 -31.06 -51.39
N VAL D 271 11.17 -29.82 -51.32
CA VAL D 271 12.29 -29.49 -50.44
C VAL D 271 12.14 -28.17 -49.68
N PHE D 272 12.41 -28.22 -48.38
CA PHE D 272 12.66 -27.00 -47.61
C PHE D 272 14.17 -26.89 -47.55
N PRO D 273 14.74 -25.94 -48.32
CA PRO D 273 16.20 -25.84 -48.49
C PRO D 273 16.92 -25.64 -47.17
N ALA D 274 18.19 -26.01 -47.12
CA ALA D 274 18.96 -25.91 -45.89
C ALA D 274 19.37 -24.47 -45.60
N ASN D 275 20.30 -23.94 -46.40
CA ASN D 275 20.88 -22.63 -46.15
C ASN D 275 20.34 -21.52 -47.04
N LYS D 276 20.23 -20.32 -46.47
CA LYS D 276 19.73 -19.14 -47.18
C LYS D 276 20.77 -18.51 -48.11
N GLY D 277 21.97 -18.31 -47.59
CA GLY D 277 23.00 -17.55 -48.28
C GLY D 277 23.45 -18.11 -49.62
N GLU D 278 23.46 -19.43 -49.74
CA GLU D 278 23.94 -20.11 -50.95
C GLU D 278 23.20 -19.69 -52.23
N GLY D 279 21.92 -20.07 -52.32
CA GLY D 279 21.16 -19.90 -53.54
C GLY D 279 20.23 -18.71 -53.60
N ASN D 280 19.14 -18.87 -54.34
CA ASN D 280 18.17 -17.81 -54.58
C ASN D 280 17.13 -17.71 -53.45
N VAL D 281 17.22 -18.62 -52.49
CA VAL D 281 16.22 -18.72 -51.43
C VAL D 281 16.62 -18.04 -50.11
N LYS D 282 15.79 -17.09 -49.67
CA LYS D 282 16.04 -16.38 -48.41
C LYS D 282 15.26 -16.94 -47.21
N VAL D 283 14.43 -17.96 -47.45
CA VAL D 283 13.70 -18.62 -46.37
C VAL D 283 13.96 -20.13 -46.38
N ALA D 284 14.64 -20.62 -45.35
CA ALA D 284 15.14 -21.99 -45.37
C ALA D 284 15.03 -22.73 -44.03
N LYS D 285 15.49 -23.97 -44.02
CA LYS D 285 15.37 -24.84 -42.86
C LYS D 285 16.35 -24.51 -41.74
N ASP D 286 17.48 -23.91 -42.10
CA ASP D 286 18.47 -23.48 -41.13
C ASP D 286 17.85 -22.55 -40.10
N ASN D 287 17.18 -21.51 -40.61
CA ASN D 287 16.50 -20.54 -39.77
C ASN D 287 15.10 -20.23 -40.30
N VAL D 288 14.10 -20.47 -39.44
CA VAL D 288 12.72 -20.09 -39.73
C VAL D 288 11.97 -20.01 -38.40
N ILE D 289 10.84 -19.31 -38.38
CA ILE D 289 10.03 -19.23 -37.18
C ILE D 289 8.59 -19.62 -37.49
N GLY D 290 7.91 -18.81 -38.29
CA GLY D 290 6.53 -19.06 -38.63
C GLY D 290 6.06 -18.49 -39.95
N LEU D 291 4.79 -18.72 -40.25
CA LEU D 291 4.19 -18.29 -41.50
C LEU D 291 2.70 -18.11 -41.31
N PHE D 292 2.01 -17.64 -42.35
CA PHE D 292 0.61 -17.25 -42.20
C PHE D 292 -0.16 -17.36 -43.51
N MET D 293 -1.48 -17.56 -43.42
CA MET D 293 -2.35 -17.46 -44.60
C MET D 293 -3.81 -17.19 -44.24
N HIS D 294 -4.58 -16.74 -45.21
CA HIS D 294 -6.02 -16.48 -45.07
C HIS D 294 -6.74 -17.78 -45.39
N ARG D 295 -5.93 -18.81 -45.55
CA ARG D 295 -6.06 -19.93 -46.47
C ARG D 295 -6.26 -19.43 -47.90
N SER D 296 -6.89 -20.25 -48.75
CA SER D 296 -6.97 -20.00 -50.19
C SER D 296 -5.64 -19.50 -50.76
N ALA D 297 -4.53 -19.81 -50.07
CA ALA D 297 -3.20 -19.40 -50.50
C ALA D 297 -2.45 -20.58 -51.08
N VAL D 298 -3.02 -21.76 -50.92
CA VAL D 298 -2.46 -22.99 -51.48
C VAL D 298 -3.60 -23.93 -51.82
N GLY D 299 -3.55 -24.54 -53.00
CA GLY D 299 -4.55 -25.52 -53.36
C GLY D 299 -4.06 -26.95 -53.26
N THR D 300 -5.00 -27.88 -53.25
CA THR D 300 -4.70 -29.30 -53.44
C THR D 300 -5.85 -29.88 -54.25
N VAL D 301 -5.60 -30.95 -54.98
CA VAL D 301 -6.66 -31.58 -55.76
C VAL D 301 -6.73 -33.08 -55.52
N LYS D 302 -7.86 -33.53 -55.00
CA LYS D 302 -8.09 -34.94 -54.74
C LYS D 302 -8.28 -35.70 -56.06
N LEU D 303 -7.44 -36.71 -56.28
CA LEU D 303 -7.61 -37.61 -57.41
C LEU D 303 -7.61 -39.05 -56.92
N ARG D 304 -8.75 -39.70 -57.05
CA ARG D 304 -8.96 -41.06 -56.54
C ARG D 304 -8.81 -41.15 -55.02
N ASP D 305 -9.16 -40.07 -54.33
CA ASP D 305 -9.36 -40.04 -52.88
C ASP D 305 -8.23 -40.69 -52.08
N LEU D 306 -8.59 -41.69 -51.28
CA LEU D 306 -7.62 -42.53 -50.58
C LEU D 306 -8.21 -43.93 -50.41
N ALA D 307 -7.36 -44.96 -50.42
CA ALA D 307 -7.86 -46.32 -50.23
C ALA D 307 -6.81 -47.31 -49.72
N LEU D 308 -7.27 -48.53 -49.47
CA LEU D 308 -6.39 -49.65 -49.15
C LEU D 308 -6.99 -50.93 -49.70
N GLU D 309 -6.16 -51.81 -50.24
CA GLU D 309 -6.65 -53.09 -50.76
C GLU D 309 -5.75 -54.24 -50.34
N ARG D 310 -6.32 -55.19 -49.59
CA ARG D 310 -5.56 -56.33 -49.11
C ARG D 310 -5.41 -57.38 -50.20
N ALA D 311 -4.37 -58.19 -50.09
CA ALA D 311 -4.15 -59.27 -51.04
C ALA D 311 -3.65 -60.52 -50.34
N ARG D 312 -3.48 -61.59 -51.10
CA ARG D 312 -2.90 -62.82 -50.60
C ARG D 312 -1.92 -63.32 -51.65
N ARG D 313 -0.65 -63.48 -51.25
CA ARG D 313 0.38 -63.92 -52.19
C ARG D 313 0.78 -65.37 -51.92
N ALA D 314 1.11 -66.09 -53.00
CA ALA D 314 1.42 -67.51 -52.91
C ALA D 314 2.88 -67.79 -52.54
N ASN D 315 3.79 -67.36 -53.41
CA ASN D 315 5.21 -67.70 -53.32
C ASN D 315 5.84 -67.50 -51.94
N PHE D 316 5.49 -66.40 -51.28
CA PHE D 316 6.06 -66.09 -49.97
C PHE D 316 5.17 -66.54 -48.81
N GLN D 317 4.04 -67.16 -49.14
CA GLN D 317 3.12 -67.73 -48.16
C GLN D 317 2.69 -66.68 -47.13
N ALA D 318 2.50 -65.45 -47.59
CA ALA D 318 2.20 -64.33 -46.72
C ALA D 318 0.92 -63.62 -47.17
N ASP D 319 0.58 -62.54 -46.48
CA ASP D 319 -0.48 -61.66 -46.97
C ASP D 319 -0.08 -60.19 -46.83
N GLN D 320 -0.42 -59.37 -47.81
CA GLN D 320 0.10 -58.00 -47.89
C GLN D 320 -0.99 -56.93 -47.89
N ILE D 321 -0.91 -56.01 -46.94
CA ILE D 321 -1.81 -54.86 -46.89
C ILE D 321 -1.14 -53.67 -47.57
N ILE D 322 -1.84 -53.04 -48.51
CA ILE D 322 -1.31 -51.85 -49.20
C ILE D 322 -2.33 -50.71 -49.24
N ALA D 323 -1.93 -49.56 -48.70
CA ALA D 323 -2.76 -48.36 -48.72
C ALA D 323 -2.13 -47.29 -49.60
N LYS D 324 -2.91 -46.71 -50.48
CA LYS D 324 -2.40 -45.72 -51.42
C LYS D 324 -3.42 -44.64 -51.76
N TYR D 325 -2.93 -43.53 -52.32
CA TYR D 325 -3.78 -42.47 -52.83
C TYR D 325 -3.03 -41.55 -53.80
N ALA D 326 -3.74 -40.58 -54.36
CA ALA D 326 -3.13 -39.64 -55.28
C ALA D 326 -3.73 -38.25 -55.11
N MET D 327 -2.88 -37.23 -55.22
CA MET D 327 -3.32 -35.84 -55.19
C MET D 327 -2.22 -34.94 -55.73
N GLY D 328 -2.40 -33.64 -55.58
CA GLY D 328 -1.38 -32.70 -55.98
C GLY D 328 -1.36 -31.50 -55.08
N HIS D 329 -0.26 -30.77 -55.10
CA HIS D 329 -0.08 -29.62 -54.22
C HIS D 329 0.73 -28.54 -54.90
N GLY D 330 0.35 -27.29 -54.68
CA GLY D 330 1.02 -26.15 -55.27
C GLY D 330 0.46 -24.87 -54.70
N GLY D 331 1.10 -23.75 -55.00
CA GLY D 331 0.64 -22.48 -54.48
C GLY D 331 -0.19 -21.68 -55.47
N LEU D 332 -0.89 -20.68 -54.96
CA LEU D 332 -1.56 -19.68 -55.78
C LEU D 332 -1.74 -18.43 -54.91
N ARG D 333 -2.26 -17.36 -55.51
CA ARG D 333 -2.39 -16.08 -54.84
C ARG D 333 -1.14 -15.75 -54.03
N PRO D 334 0.02 -15.67 -54.71
CA PRO D 334 1.28 -15.51 -53.95
C PRO D 334 1.35 -14.15 -53.26
N GLU D 335 0.46 -13.94 -52.31
CA GLU D 335 0.37 -12.72 -51.52
C GLU D 335 0.25 -13.05 -50.03
N ALA D 336 -0.84 -13.72 -49.69
CA ALA D 336 -1.16 -14.08 -48.31
C ALA D 336 0.00 -14.79 -47.60
N ALA D 337 0.57 -15.78 -48.26
CA ALA D 337 1.69 -16.53 -47.70
C ALA D 337 2.92 -15.65 -47.50
N GLY D 338 3.66 -15.91 -46.43
CA GLY D 338 4.89 -15.20 -46.14
C GLY D 338 5.51 -15.75 -44.87
N ALA D 339 6.80 -15.52 -44.68
CA ALA D 339 7.52 -16.10 -43.55
C ALA D 339 8.10 -15.05 -42.61
N VAL D 340 8.28 -15.44 -41.35
CA VAL D 340 8.98 -14.60 -40.38
C VAL D 340 10.28 -15.30 -40.00
N VAL D 341 11.40 -14.69 -40.36
CA VAL D 341 12.70 -15.36 -40.23
C VAL D 341 13.68 -14.60 -39.34
N PHE D 342 14.86 -15.17 -39.16
CA PHE D 342 15.96 -14.50 -38.48
C PHE D 342 16.68 -13.62 -39.47
N LYS D 343 17.81 -13.03 -39.06
CA LYS D 343 18.57 -12.14 -39.92
C LYS D 343 20.01 -12.63 -40.03
N VAL D 344 20.71 -12.19 -41.07
CA VAL D 344 22.11 -12.53 -41.26
C VAL D 344 22.85 -11.42 -42.02
N ALA E 2 19.52 -14.59 55.57
CA ALA E 2 19.20 -15.52 56.65
C ALA E 2 17.78 -16.07 56.50
N SER E 3 17.62 -17.05 55.62
CA SER E 3 16.33 -17.69 55.39
C SER E 3 15.89 -18.50 56.60
N MET E 4 14.60 -18.77 56.69
CA MET E 4 14.07 -19.56 57.81
C MET E 4 14.62 -20.97 57.79
N THR E 5 14.64 -21.61 58.96
CA THR E 5 15.31 -22.90 59.10
C THR E 5 14.48 -23.94 59.85
N GLY E 6 14.94 -25.18 59.77
CA GLY E 6 14.33 -26.30 60.46
C GLY E 6 13.49 -27.14 59.51
N GLY E 7 12.98 -26.49 58.46
CA GLY E 7 12.39 -27.21 57.34
C GLY E 7 11.12 -27.98 57.59
N GLN E 8 10.55 -28.48 56.50
CA GLN E 8 9.52 -29.51 56.54
C GLN E 8 9.99 -30.61 55.60
N GLN E 9 10.16 -30.23 54.33
CA GLN E 9 10.78 -31.09 53.33
C GLN E 9 10.07 -32.42 53.09
N MET E 10 8.92 -32.36 52.41
CA MET E 10 8.31 -33.56 51.86
C MET E 10 9.38 -34.30 51.07
N GLY E 11 9.98 -33.58 50.12
CA GLY E 11 11.12 -34.11 49.39
C GLY E 11 12.37 -34.24 50.24
N THR E 12 12.85 -35.48 50.33
CA THR E 12 14.12 -35.84 50.97
C THR E 12 14.15 -37.37 50.92
N ASN E 13 15.29 -37.98 51.26
CA ASN E 13 15.36 -39.43 51.26
C ASN E 13 15.29 -40.03 52.67
N GLN E 14 16.28 -39.69 53.48
CA GLN E 14 16.43 -40.27 54.82
C GLN E 14 16.58 -41.79 54.79
N GLY E 15 15.66 -42.51 55.42
CA GLY E 15 15.96 -43.90 55.76
C GLY E 15 16.85 -43.83 56.98
N LYS E 16 17.96 -44.55 57.01
CA LYS E 16 18.77 -44.50 58.22
C LYS E 16 20.02 -43.61 58.10
N GLY E 17 21.11 -44.11 57.55
CA GLY E 17 22.25 -43.24 57.33
C GLY E 17 22.15 -42.34 56.11
N VAL E 18 22.22 -42.99 54.95
CA VAL E 18 21.96 -42.41 53.62
C VAL E 18 22.83 -41.21 53.22
N VAL E 19 23.39 -40.54 54.22
CA VAL E 19 24.32 -39.40 54.06
C VAL E 19 24.03 -38.44 52.91
N ALA E 20 25.11 -38.02 52.25
CA ALA E 20 25.12 -37.40 50.93
C ALA E 20 24.47 -36.02 50.79
N ALA E 21 23.57 -35.66 51.70
CA ALA E 21 22.89 -34.36 51.69
C ALA E 21 22.44 -33.93 50.28
N GLY E 22 22.06 -34.91 49.46
CA GLY E 22 22.06 -34.74 48.02
C GLY E 22 21.09 -33.77 47.37
N ASP E 23 19.80 -33.99 47.56
CA ASP E 23 18.79 -33.26 46.80
C ASP E 23 17.54 -32.98 47.61
N LYS E 24 17.02 -31.76 47.49
CA LYS E 24 15.73 -31.41 48.06
C LYS E 24 14.67 -32.26 47.38
N LEU E 25 14.83 -32.42 46.06
CA LEU E 25 13.90 -33.14 45.21
C LEU E 25 14.30 -34.62 45.01
N ALA E 26 13.65 -35.24 44.03
CA ALA E 26 13.91 -36.62 43.61
C ALA E 26 13.57 -37.71 44.63
N LEU E 27 12.70 -37.40 45.58
CA LEU E 27 11.95 -38.45 46.26
C LEU E 27 10.62 -38.57 45.53
N PHE E 28 10.35 -37.61 44.66
CA PHE E 28 9.04 -37.50 44.04
C PHE E 28 8.89 -38.41 42.84
N LEU E 29 7.70 -38.39 42.25
CA LEU E 29 7.37 -39.31 41.17
C LEU E 29 6.87 -38.58 39.93
N LYS E 30 7.64 -38.66 38.85
CA LYS E 30 7.21 -38.11 37.56
C LYS E 30 6.01 -38.90 37.07
N VAL E 31 5.10 -38.23 36.37
CA VAL E 31 3.86 -38.87 35.96
C VAL E 31 3.68 -38.88 34.44
N PHE E 32 2.55 -39.41 33.98
CA PHE E 32 2.25 -39.52 32.56
C PHE E 32 1.96 -38.15 31.94
N GLY E 33 2.62 -37.86 30.82
CA GLY E 33 2.49 -36.58 30.16
C GLY E 33 1.09 -36.26 29.68
N GLY E 34 0.39 -37.27 29.18
CA GLY E 34 -0.97 -37.11 28.73
C GLY E 34 -1.15 -37.10 27.22
N GLU E 35 -0.07 -36.84 26.49
CA GLU E 35 -0.10 -36.91 25.04
C GLU E 35 1.03 -37.77 24.51
N VAL E 36 0.70 -38.90 23.90
CA VAL E 36 1.71 -39.72 23.24
C VAL E 36 2.22 -38.96 22.02
N LEU E 37 3.54 -38.92 21.87
CA LEU E 37 4.14 -38.21 20.74
C LEU E 37 4.63 -39.19 19.66
N THR E 38 3.95 -39.20 18.52
CA THR E 38 4.37 -40.01 17.39
C THR E 38 5.11 -39.14 16.40
N ALA E 39 5.63 -39.74 15.34
CA ALA E 39 6.26 -38.99 14.25
C ALA E 39 5.18 -38.60 13.25
N PHE E 40 5.29 -37.39 12.70
CA PHE E 40 4.30 -36.90 11.76
C PHE E 40 4.12 -37.85 10.58
N ALA E 41 2.86 -38.09 10.19
CA ALA E 41 2.54 -39.11 9.20
C ALA E 41 2.97 -38.72 7.79
N ARG E 42 3.75 -39.60 7.17
CA ARG E 42 4.08 -39.47 5.76
C ARG E 42 2.83 -39.80 4.96
N THR E 43 2.75 -39.32 3.73
CA THR E 43 1.62 -39.62 2.88
C THR E 43 2.09 -40.28 1.58
N SER E 44 1.17 -40.96 0.89
CA SER E 44 1.51 -41.62 -0.35
C SER E 44 1.17 -40.75 -1.56
N VAL E 45 2.20 -40.39 -2.32
CA VAL E 45 2.00 -39.71 -3.60
C VAL E 45 2.41 -40.73 -4.67
N THR E 46 2.30 -40.35 -5.95
CA THR E 46 2.52 -41.27 -7.08
C THR E 46 1.43 -42.36 -7.14
N THR E 47 0.56 -42.37 -6.13
CA THR E 47 -0.61 -43.24 -6.10
C THR E 47 -1.87 -42.38 -5.92
N SER E 48 -2.74 -42.38 -6.94
CA SER E 48 -2.50 -43.11 -8.19
C SER E 48 -2.43 -42.16 -9.38
N ARG E 49 -1.30 -42.19 -10.09
CA ARG E 49 -1.13 -41.40 -11.29
C ARG E 49 -0.65 -42.29 -12.45
N HIS E 50 0.53 -42.88 -12.27
CA HIS E 50 1.12 -43.77 -13.27
C HIS E 50 0.22 -44.94 -13.65
N MET E 51 0.31 -45.37 -14.90
CA MET E 51 -0.48 -46.50 -15.39
C MET E 51 -0.03 -47.80 -14.71
N VAL E 52 -0.97 -48.48 -14.06
CA VAL E 52 -0.65 -49.71 -13.32
C VAL E 52 -1.58 -50.86 -13.68
N ARG E 53 -1.00 -52.01 -13.97
CA ARG E 53 -1.77 -53.20 -14.34
C ARG E 53 -1.37 -54.39 -13.50
N SER E 54 -2.37 -55.06 -12.91
CA SER E 54 -2.10 -56.20 -12.04
C SER E 54 -2.15 -57.52 -12.80
N ILE E 55 -1.13 -58.36 -12.58
CA ILE E 55 -1.03 -59.67 -13.24
C ILE E 55 -0.90 -60.78 -12.21
N SER E 56 -0.70 -62.01 -12.68
CA SER E 56 -0.55 -63.16 -11.80
C SER E 56 0.62 -64.04 -12.27
N SER E 57 0.73 -65.21 -11.66
CA SER E 57 1.66 -66.26 -12.10
C SER E 57 3.14 -65.87 -12.13
N GLY E 58 3.72 -65.87 -13.33
CA GLY E 58 5.16 -65.95 -13.49
C GLY E 58 6.02 -64.78 -13.05
N LYS E 59 7.31 -64.90 -13.36
CA LYS E 59 8.35 -64.01 -12.83
C LYS E 59 8.29 -62.58 -13.35
N SER E 60 7.92 -62.41 -14.63
CA SER E 60 8.05 -61.11 -15.28
C SER E 60 6.99 -60.83 -16.33
N ALA E 61 6.82 -59.54 -16.65
CA ALA E 61 5.89 -59.12 -17.69
C ALA E 61 6.61 -58.32 -18.77
N GLN E 62 6.09 -58.38 -19.99
CA GLN E 62 6.69 -57.66 -21.13
C GLN E 62 5.62 -56.94 -21.94
N PHE E 63 6.03 -55.93 -22.68
CA PHE E 63 5.14 -55.23 -23.61
C PHE E 63 5.92 -54.91 -24.87
N PRO E 64 5.28 -54.99 -26.04
CA PRO E 64 5.97 -54.58 -27.27
C PRO E 64 5.74 -53.10 -27.55
N VAL E 65 6.39 -52.58 -28.58
CA VAL E 65 6.14 -51.22 -29.07
C VAL E 65 6.15 -51.30 -30.59
N LEU E 66 5.90 -50.18 -31.27
CA LEU E 66 5.99 -50.17 -32.73
C LEU E 66 6.66 -48.91 -33.30
N GLY E 67 6.85 -48.90 -34.61
CA GLY E 67 7.68 -47.89 -35.25
C GLY E 67 7.02 -46.73 -35.98
N ARG E 68 5.73 -46.84 -36.29
CA ARG E 68 4.99 -45.75 -36.91
C ARG E 68 5.64 -45.31 -38.24
N THR E 69 5.45 -46.12 -39.28
CA THR E 69 6.28 -46.02 -40.49
C THR E 69 6.07 -44.74 -41.30
N GLN E 70 6.79 -44.63 -42.40
CA GLN E 70 6.77 -43.44 -43.25
C GLN E 70 6.68 -43.83 -44.72
N ALA E 71 5.75 -43.19 -45.44
CA ALA E 71 5.43 -43.58 -46.82
C ALA E 71 6.42 -43.03 -47.85
N ALA E 72 6.20 -43.39 -49.11
CA ALA E 72 7.05 -42.94 -50.21
C ALA E 72 6.31 -43.00 -51.54
N TYR E 73 6.85 -42.30 -52.54
CA TYR E 73 6.20 -42.23 -53.85
C TYR E 73 6.27 -43.55 -54.60
N LEU E 74 5.66 -43.59 -55.78
CA LEU E 74 5.77 -44.75 -56.65
C LEU E 74 5.96 -44.31 -58.09
N ALA E 75 7.03 -44.79 -58.71
CA ALA E 75 7.28 -44.54 -60.12
C ALA E 75 6.21 -45.26 -60.93
N PRO E 76 5.90 -44.74 -62.14
CA PRO E 76 4.84 -45.37 -62.92
C PRO E 76 5.27 -46.72 -63.50
N GLY E 77 4.33 -47.66 -63.55
CA GLY E 77 4.57 -48.97 -64.14
C GLY E 77 5.78 -49.72 -63.61
N GLU E 78 6.15 -49.46 -62.35
CA GLU E 78 7.28 -50.13 -61.73
C GLU E 78 6.87 -50.84 -60.45
N ASN E 79 7.69 -51.77 -59.99
CA ASN E 79 7.34 -52.68 -58.90
C ASN E 79 7.77 -52.23 -57.50
N LEU E 80 6.91 -52.49 -56.51
CA LEU E 80 7.15 -52.08 -55.13
C LEU E 80 7.87 -53.14 -54.30
N ASP E 81 8.11 -54.31 -54.89
CA ASP E 81 8.82 -55.39 -54.20
C ASP E 81 10.29 -55.03 -53.99
N ASP E 82 10.75 -53.99 -54.69
CA ASP E 82 12.11 -53.50 -54.55
C ASP E 82 12.38 -52.95 -53.15
N LYS E 83 11.50 -52.07 -52.67
CA LYS E 83 11.73 -51.41 -51.39
C LYS E 83 10.53 -51.38 -50.44
N ARG E 84 10.72 -51.94 -49.25
CA ARG E 84 9.84 -51.70 -48.11
C ARG E 84 10.56 -52.01 -46.81
N LYS E 85 10.10 -51.42 -45.72
CA LYS E 85 10.68 -51.68 -44.41
C LYS E 85 9.54 -51.91 -43.42
N ASP E 86 9.67 -52.94 -42.60
CA ASP E 86 8.62 -53.26 -41.64
C ASP E 86 8.61 -52.23 -40.51
N ILE E 87 7.66 -52.40 -39.59
CA ILE E 87 7.46 -51.42 -38.52
C ILE E 87 8.52 -51.57 -37.44
N LYS E 88 9.24 -52.69 -37.46
CA LYS E 88 10.29 -52.98 -36.49
C LYS E 88 9.77 -52.93 -35.05
N HIS E 89 8.94 -53.91 -34.69
CA HIS E 89 8.36 -53.96 -33.36
C HIS E 89 9.22 -54.76 -32.39
N THR E 90 9.76 -54.06 -31.39
CA THR E 90 10.62 -54.71 -30.39
C THR E 90 10.00 -54.58 -29.01
N GLU E 91 10.41 -55.44 -28.09
CA GLU E 91 9.74 -55.55 -26.79
C GLU E 91 10.63 -55.19 -25.61
N LYS E 92 10.00 -54.78 -24.52
CA LYS E 92 10.71 -54.47 -23.28
C LYS E 92 10.01 -55.06 -22.05
N VAL E 93 10.79 -55.33 -21.01
CA VAL E 93 10.36 -56.19 -19.91
C VAL E 93 10.58 -55.54 -18.54
N ILE E 94 9.75 -55.91 -17.56
CA ILE E 94 9.98 -55.51 -16.17
C ILE E 94 10.23 -56.77 -15.32
N THR E 95 10.90 -56.61 -14.18
CA THR E 95 11.22 -57.75 -13.33
C THR E 95 10.72 -57.54 -11.89
N ILE E 96 9.86 -58.46 -11.43
CA ILE E 96 9.34 -58.42 -10.07
C ILE E 96 10.46 -58.82 -9.11
N ASP E 97 10.42 -58.30 -7.88
CA ASP E 97 11.55 -58.40 -6.96
C ASP E 97 11.38 -59.51 -5.91
N GLY E 98 10.53 -59.25 -4.93
CA GLY E 98 10.32 -60.21 -3.85
C GLY E 98 9.72 -59.60 -2.60
N LEU E 99 9.68 -60.39 -1.53
CA LEU E 99 9.01 -59.98 -0.30
C LEU E 99 9.64 -58.75 0.36
N LEU E 100 8.83 -57.74 0.63
CA LEU E 100 9.29 -56.57 1.37
C LEU E 100 8.98 -56.78 2.84
N THR E 101 10.03 -56.88 3.65
CA THR E 101 9.87 -57.23 5.05
C THR E 101 9.69 -55.99 5.92
N ALA E 102 8.49 -55.86 6.48
CA ALA E 102 8.23 -54.91 7.54
C ALA E 102 7.80 -55.72 8.74
N ASP E 103 8.65 -55.73 9.76
CA ASP E 103 8.45 -56.62 10.91
C ASP E 103 8.63 -55.89 12.22
N VAL E 104 8.09 -56.47 13.29
CA VAL E 104 8.25 -55.93 14.63
C VAL E 104 8.12 -57.10 15.59
N LEU E 105 8.59 -56.97 16.82
CA LEU E 105 8.42 -58.01 17.82
C LEU E 105 8.21 -57.36 19.19
N ILE E 106 7.31 -57.92 19.98
CA ILE E 106 7.03 -57.37 21.30
C ILE E 106 7.35 -58.39 22.39
N TYR E 107 8.38 -58.11 23.18
CA TYR E 107 8.66 -58.90 24.37
C TYR E 107 7.46 -58.66 25.28
N ASP E 108 6.77 -59.72 25.68
CA ASP E 108 5.44 -59.56 26.29
C ASP E 108 5.43 -59.09 27.76
N ILE E 109 6.25 -59.73 28.60
CA ILE E 109 6.34 -59.32 29.99
C ILE E 109 6.90 -57.89 30.04
N GLU E 110 7.80 -57.60 29.11
CA GLU E 110 8.37 -56.27 28.96
C GLU E 110 7.42 -55.34 28.17
N ASP E 111 6.36 -55.92 27.60
CA ASP E 111 5.31 -55.14 26.96
C ASP E 111 4.29 -54.58 27.95
N ALA E 112 3.88 -55.42 28.89
CA ALA E 112 2.74 -55.11 29.75
C ALA E 112 3.12 -54.26 30.95
N MET E 113 4.41 -53.99 31.11
CA MET E 113 4.91 -53.21 32.24
C MET E 113 5.03 -51.72 31.91
N ASN E 114 4.61 -51.34 30.71
CA ASN E 114 4.60 -49.92 30.34
C ASN E 114 3.22 -49.40 29.96
N HIS E 115 3.01 -48.11 30.20
CA HIS E 115 1.67 -47.51 30.30
C HIS E 115 0.88 -47.25 29.01
N TYR E 116 1.50 -46.64 28.00
CA TYR E 116 0.77 -46.25 26.79
C TYR E 116 0.40 -47.42 25.88
N ASP E 117 -0.23 -47.13 24.75
CA ASP E 117 -0.87 -48.15 23.93
C ASP E 117 0.08 -48.98 23.05
N VAL E 118 1.06 -48.32 22.43
CA VAL E 118 1.89 -48.95 21.39
C VAL E 118 0.97 -49.57 20.34
N ARG E 119 1.23 -50.84 19.98
CA ARG E 119 0.35 -51.60 19.10
C ARG E 119 0.05 -50.94 17.74
N SER E 120 -1.20 -50.55 17.54
CA SER E 120 -1.71 -50.03 16.25
C SER E 120 -0.80 -48.99 15.58
N GLU E 121 -0.18 -48.14 16.40
CA GLU E 121 0.79 -47.16 15.91
C GLU E 121 1.87 -47.85 15.05
N TYR E 122 2.31 -49.02 15.50
CA TYR E 122 3.25 -49.84 14.74
C TYR E 122 2.67 -50.28 13.39
N THR E 123 1.39 -50.62 13.38
CA THR E 123 0.71 -51.05 12.15
C THR E 123 0.68 -49.93 11.10
N SER E 124 0.14 -48.78 11.51
CA SER E 124 0.08 -47.62 10.62
C SER E 124 1.49 -47.23 10.15
N GLN E 125 2.44 -47.26 11.09
CA GLN E 125 3.86 -47.04 10.79
C GLN E 125 4.33 -47.96 9.66
N LEU E 126 3.97 -49.24 9.76
CA LEU E 126 4.33 -50.21 8.74
C LEU E 126 3.76 -49.86 7.37
N GLY E 127 2.44 -49.66 7.30
CA GLY E 127 1.81 -49.31 6.05
C GLY E 127 2.42 -48.11 5.36
N GLU E 128 2.56 -47.01 6.12
CA GLU E 128 3.14 -45.79 5.57
C GLU E 128 4.60 -45.98 5.15
N SER E 129 5.33 -46.80 5.90
CA SER E 129 6.71 -47.13 5.55
C SER E 129 6.80 -47.83 4.20
N LEU E 130 5.96 -48.84 4.00
CA LEU E 130 5.89 -49.54 2.71
C LEU E 130 5.58 -48.57 1.57
N ALA E 131 4.56 -47.73 1.77
CA ALA E 131 4.21 -46.72 0.77
C ALA E 131 5.42 -45.85 0.39
N MET E 132 6.14 -45.40 1.41
CA MET E 132 7.38 -44.63 1.23
C MET E 132 8.39 -45.36 0.34
N ALA E 133 8.67 -46.62 0.68
CA ALA E 133 9.63 -47.42 -0.06
C ALA E 133 9.25 -47.54 -1.55
N ALA E 134 8.03 -48.01 -1.78
CA ALA E 134 7.51 -48.15 -3.13
C ALA E 134 7.66 -46.85 -3.92
N ASP E 135 7.17 -45.75 -3.33
CA ASP E 135 7.26 -44.42 -3.92
C ASP E 135 8.68 -44.03 -4.39
N GLY E 136 9.61 -44.01 -3.44
CA GLY E 136 11.00 -43.70 -3.73
C GLY E 136 11.55 -44.53 -4.88
N ALA E 137 11.32 -45.84 -4.81
CA ALA E 137 11.74 -46.74 -5.88
C ALA E 137 11.19 -46.30 -7.25
N VAL E 138 9.87 -46.08 -7.30
CA VAL E 138 9.21 -45.57 -8.51
C VAL E 138 9.95 -44.37 -9.09
N LEU E 139 9.90 -43.26 -8.35
CA LEU E 139 10.48 -41.99 -8.83
C LEU E 139 11.92 -42.16 -9.32
N ALA E 140 12.73 -42.83 -8.49
CA ALA E 140 14.11 -43.14 -8.85
C ALA E 140 14.20 -43.79 -10.23
N GLU E 141 13.36 -44.79 -10.46
CA GLU E 141 13.27 -45.42 -11.77
C GLU E 141 12.90 -44.43 -12.89
N ILE E 142 11.67 -43.91 -12.83
CA ILE E 142 11.11 -43.13 -13.93
C ILE E 142 12.00 -41.96 -14.36
N ALA E 143 12.64 -41.33 -13.39
CA ALA E 143 13.51 -40.22 -13.72
C ALA E 143 14.91 -40.69 -14.05
N GLY E 144 15.56 -41.29 -13.05
CA GLY E 144 16.96 -41.68 -13.15
C GLY E 144 17.31 -42.54 -14.35
N LEU E 145 16.61 -43.65 -14.54
CA LEU E 145 17.09 -44.66 -15.50
C LEU E 145 16.86 -44.34 -16.97
N CYS E 146 15.71 -43.75 -17.30
CA CYS E 146 15.31 -43.54 -18.70
C CYS E 146 16.25 -42.64 -19.51
N ASN E 147 16.88 -41.68 -18.84
CA ASN E 147 17.72 -40.70 -19.55
C ASN E 147 19.22 -41.03 -19.57
N VAL E 148 19.62 -42.10 -18.88
CA VAL E 148 21.04 -42.40 -18.65
C VAL E 148 21.80 -43.06 -19.81
N GLU E 149 21.15 -44.03 -20.47
CA GLU E 149 21.85 -44.92 -21.41
C GLU E 149 22.59 -44.17 -22.51
N SER E 150 23.89 -44.45 -22.62
CA SER E 150 24.79 -43.71 -23.51
C SER E 150 24.40 -43.74 -25.00
N LYS E 151 24.60 -44.88 -25.64
CA LYS E 151 24.37 -45.02 -27.07
C LYS E 151 22.98 -45.60 -27.33
N TYR E 152 22.28 -45.93 -26.25
CA TYR E 152 20.95 -46.52 -26.34
C TYR E 152 19.87 -45.51 -25.99
N ASN E 153 18.78 -45.54 -26.76
CA ASN E 153 17.56 -44.80 -26.47
C ASN E 153 16.43 -45.70 -26.94
N GLU E 154 15.20 -45.19 -26.99
CA GLU E 154 14.08 -45.99 -27.48
C GLU E 154 14.39 -46.53 -28.88
N ASN E 155 14.12 -47.81 -29.10
CA ASN E 155 14.64 -48.53 -30.26
C ASN E 155 16.15 -48.33 -30.34
N ILE E 156 16.59 -47.74 -31.44
CA ILE E 156 17.95 -47.23 -31.56
C ILE E 156 17.82 -45.77 -31.98
N GLU E 157 17.20 -45.55 -33.13
CA GLU E 157 16.81 -44.21 -33.58
C GLU E 157 15.91 -43.56 -32.54
N GLY E 158 15.96 -42.23 -32.43
CA GLY E 158 15.10 -41.54 -31.49
C GLY E 158 14.71 -40.16 -31.99
N LEU E 159 13.61 -39.57 -31.51
CA LEU E 159 12.62 -40.12 -30.55
C LEU E 159 13.10 -40.29 -29.10
N GLY E 160 14.37 -40.00 -28.84
CA GLY E 160 14.90 -40.08 -27.49
C GLY E 160 14.34 -38.99 -26.60
N THR E 161 14.38 -39.22 -25.29
CA THR E 161 13.89 -38.22 -24.34
C THR E 161 14.89 -37.07 -24.25
N ALA E 162 14.55 -36.04 -23.47
CA ALA E 162 15.39 -34.86 -23.39
C ALA E 162 15.53 -34.33 -21.97
N THR E 163 16.76 -33.98 -21.60
CA THR E 163 17.04 -33.38 -20.30
C THR E 163 17.26 -31.88 -20.49
N VAL E 164 16.34 -31.07 -19.97
CA VAL E 164 16.47 -29.63 -20.05
C VAL E 164 17.74 -29.19 -19.31
N ILE E 165 18.61 -28.47 -19.99
CA ILE E 165 19.87 -28.01 -19.39
C ILE E 165 19.56 -26.74 -18.59
N GLU E 166 20.57 -26.21 -17.91
CA GLU E 166 20.37 -25.02 -17.10
C GLU E 166 21.08 -23.82 -17.70
N THR E 167 20.37 -22.69 -17.78
CA THR E 167 20.96 -21.45 -18.27
C THR E 167 21.90 -20.88 -17.21
N THR E 168 22.45 -19.71 -17.50
CA THR E 168 23.49 -19.11 -16.66
C THR E 168 24.67 -20.06 -16.47
N GLN E 169 24.92 -20.45 -15.22
CA GLN E 169 26.06 -21.30 -14.88
C GLN E 169 25.84 -22.07 -13.58
N ASN E 170 26.93 -22.60 -13.04
CA ASN E 170 26.91 -23.43 -11.84
C ASN E 170 26.13 -22.81 -10.69
N LYS E 171 25.47 -23.67 -9.92
CA LYS E 171 24.58 -23.29 -8.82
C LYS E 171 25.13 -22.21 -7.88
N ALA E 172 26.27 -22.50 -7.26
CA ALA E 172 26.76 -21.73 -6.11
C ALA E 172 26.77 -20.21 -6.26
N ALA E 173 26.93 -19.71 -7.49
CA ALA E 173 26.91 -18.28 -7.71
C ALA E 173 25.54 -17.75 -8.18
N LEU E 174 24.61 -18.66 -8.45
CA LEU E 174 23.33 -18.27 -9.04
C LEU E 174 22.15 -18.10 -8.06
N THR E 175 22.34 -18.41 -6.78
CA THR E 175 21.16 -18.57 -5.94
C THR E 175 20.76 -17.27 -5.24
N ASP E 176 19.71 -16.65 -5.77
CA ASP E 176 19.09 -15.49 -5.13
C ASP E 176 17.76 -15.82 -4.45
N GLN E 177 17.33 -17.08 -4.59
CA GLN E 177 15.98 -17.53 -4.21
C GLN E 177 14.88 -16.94 -5.13
N VAL E 178 15.27 -16.06 -6.05
CA VAL E 178 14.33 -15.45 -6.99
C VAL E 178 14.69 -15.70 -8.46
N ALA E 179 15.85 -15.20 -8.88
CA ALA E 179 16.33 -15.42 -10.25
C ALA E 179 16.35 -16.91 -10.60
N LEU E 180 16.74 -17.70 -9.61
CA LEU E 180 16.67 -19.16 -9.70
C LEU E 180 15.28 -19.60 -10.11
N GLY E 181 14.26 -19.07 -9.43
CA GLY E 181 12.87 -19.41 -9.74
C GLY E 181 12.45 -19.05 -11.15
N LYS E 182 12.80 -17.84 -11.59
CA LYS E 182 12.50 -17.38 -12.94
C LYS E 182 13.11 -18.33 -13.98
N GLU E 183 14.39 -18.63 -13.81
CA GLU E 183 15.08 -19.56 -14.69
C GLU E 183 14.41 -20.93 -14.68
N ILE E 184 13.95 -21.36 -13.51
CA ILE E 184 13.20 -22.61 -13.38
C ILE E 184 11.91 -22.61 -14.20
N ILE E 185 11.18 -21.49 -14.17
CA ILE E 185 9.94 -21.35 -14.96
C ILE E 185 10.21 -21.37 -16.48
N ALA E 186 11.21 -20.60 -16.92
CA ALA E 186 11.60 -20.59 -18.33
C ALA E 186 11.96 -22.02 -18.77
N ALA E 187 12.74 -22.69 -17.93
CA ALA E 187 13.11 -24.08 -18.17
C ALA E 187 11.88 -24.99 -18.19
N LEU E 188 10.84 -24.62 -17.44
CA LEU E 188 9.62 -25.43 -17.37
C LEU E 188 8.84 -25.31 -18.68
N THR E 189 8.70 -24.10 -19.19
CA THR E 189 8.04 -23.88 -20.48
C THR E 189 8.80 -24.56 -21.61
N LYS E 190 10.13 -24.40 -21.61
CA LYS E 190 10.95 -25.06 -22.63
C LYS E 190 10.83 -26.58 -22.52
N ALA E 191 10.67 -27.07 -21.29
CA ALA E 191 10.44 -28.49 -21.05
C ALA E 191 9.10 -28.95 -21.61
N ARG E 192 8.09 -28.08 -21.50
CA ARG E 192 6.78 -28.32 -22.09
C ARG E 192 6.91 -28.46 -23.60
N ALA E 193 7.68 -27.57 -24.19
CA ALA E 193 8.00 -27.65 -25.61
C ALA E 193 8.62 -29.00 -25.96
N ALA E 194 9.77 -29.29 -25.36
CA ALA E 194 10.51 -30.53 -25.63
C ALA E 194 9.67 -31.78 -25.37
N LEU E 195 8.67 -31.67 -24.49
CA LEU E 195 7.78 -32.80 -24.20
C LEU E 195 6.70 -32.98 -25.26
N THR E 196 6.09 -31.88 -25.70
CA THR E 196 4.98 -31.96 -26.64
C THR E 196 5.46 -32.19 -28.07
N LYS E 197 6.77 -32.05 -28.29
CA LYS E 197 7.33 -32.51 -29.56
C LYS E 197 7.38 -34.03 -29.42
N ASN E 198 7.70 -34.73 -30.50
CA ASN E 198 7.48 -36.17 -30.56
C ASN E 198 6.08 -36.51 -30.05
N TYR E 199 5.15 -35.61 -30.32
CA TYR E 199 3.75 -35.74 -29.93
C TYR E 199 3.48 -35.83 -28.42
N VAL E 200 2.81 -36.91 -28.02
CA VAL E 200 2.21 -37.05 -26.68
C VAL E 200 1.02 -36.09 -26.57
N PRO E 201 -0.03 -36.49 -25.85
CA PRO E 201 -1.19 -35.60 -25.66
C PRO E 201 -0.98 -34.60 -24.54
N ALA E 202 -1.70 -33.49 -24.55
CA ALA E 202 -1.85 -32.76 -23.31
C ALA E 202 -3.25 -33.02 -22.81
N ALA E 203 -3.34 -33.95 -21.86
CA ALA E 203 -4.57 -34.22 -21.11
C ALA E 203 -4.19 -34.38 -19.65
N ASP E 204 -3.49 -35.48 -19.40
CA ASP E 204 -2.96 -35.78 -18.08
C ASP E 204 -1.44 -35.72 -18.17
N ARG E 205 -0.86 -34.72 -17.50
CA ARG E 205 0.58 -34.63 -17.37
C ARG E 205 0.86 -34.30 -15.91
N VAL E 206 2.10 -34.50 -15.46
CA VAL E 206 2.44 -34.17 -14.08
C VAL E 206 3.91 -33.78 -13.95
N PHE E 207 4.22 -33.06 -12.88
CA PHE E 207 5.58 -32.59 -12.65
C PHE E 207 5.95 -32.75 -11.17
N TYR E 208 7.15 -33.27 -10.92
CA TYR E 208 7.65 -33.46 -9.56
C TYR E 208 8.78 -32.49 -9.27
N CYS E 209 8.92 -32.08 -8.01
CA CYS E 209 10.01 -31.21 -7.60
C CYS E 209 10.37 -31.41 -6.13
N ASP E 210 11.62 -31.12 -5.81
CA ASP E 210 12.07 -31.07 -4.43
C ASP E 210 11.33 -29.94 -3.73
N PRO E 211 11.23 -29.99 -2.40
CA PRO E 211 10.57 -28.92 -1.64
C PRO E 211 11.18 -27.53 -1.89
N ASP E 212 12.50 -27.45 -1.93
CA ASP E 212 13.21 -26.18 -2.15
C ASP E 212 12.85 -25.48 -3.45
N SER E 213 12.95 -26.20 -4.56
CA SER E 213 12.58 -25.65 -5.87
C SER E 213 11.12 -25.22 -5.85
N TYR E 214 10.29 -26.02 -5.19
CA TYR E 214 8.88 -25.70 -5.03
C TYR E 214 8.69 -24.40 -4.25
N SER E 215 9.65 -24.07 -3.40
CA SER E 215 9.63 -22.76 -2.74
C SER E 215 10.10 -21.67 -3.69
N ALA E 216 11.13 -21.98 -4.48
CA ALA E 216 11.68 -21.04 -5.45
C ALA E 216 10.62 -20.53 -6.43
N ILE E 217 9.77 -21.44 -6.92
CA ILE E 217 8.67 -21.06 -7.81
C ILE E 217 7.74 -20.03 -7.14
N LEU E 218 7.40 -20.28 -5.87
CA LEU E 218 6.62 -19.35 -5.08
C LEU E 218 7.30 -17.98 -5.07
N ALA E 219 8.54 -17.97 -4.62
CA ALA E 219 9.31 -16.73 -4.49
C ALA E 219 9.40 -15.95 -5.80
N ALA E 220 9.37 -16.66 -6.92
CA ALA E 220 9.35 -16.01 -8.23
C ALA E 220 7.95 -15.43 -8.53
N LEU E 221 6.92 -16.16 -8.13
CA LEU E 221 5.54 -15.76 -8.40
C LEU E 221 4.96 -14.80 -7.34
N MET E 222 5.67 -14.65 -6.23
CA MET E 222 5.21 -13.78 -5.14
C MET E 222 5.11 -12.31 -5.56
N PRO E 223 4.27 -11.53 -4.84
CA PRO E 223 3.95 -10.15 -5.23
C PRO E 223 5.14 -9.20 -5.41
N ASN E 224 6.29 -9.54 -4.83
CA ASN E 224 7.46 -8.67 -4.90
C ASN E 224 7.89 -8.34 -6.34
N ALA E 225 8.20 -9.37 -7.11
CA ALA E 225 8.38 -9.20 -8.54
C ALA E 225 7.82 -10.42 -9.29
N ALA E 226 6.93 -10.22 -10.26
CA ALA E 226 6.35 -8.93 -10.62
C ALA E 226 5.01 -9.23 -11.29
N ASN E 227 4.41 -8.23 -11.92
CA ASN E 227 3.39 -8.47 -12.94
C ASN E 227 2.11 -9.23 -12.57
N TYR E 228 1.18 -8.51 -11.94
CA TYR E 228 -0.20 -8.95 -11.67
C TYR E 228 -0.38 -10.25 -10.87
N ALA E 229 -1.43 -11.01 -11.18
CA ALA E 229 -1.80 -12.16 -10.36
C ALA E 229 -1.86 -13.48 -11.14
N ALA E 230 -2.88 -13.62 -11.96
CA ALA E 230 -3.12 -14.84 -12.73
C ALA E 230 -3.24 -16.11 -11.88
N LEU E 231 -2.35 -17.05 -12.12
CA LEU E 231 -2.45 -18.41 -11.57
C LEU E 231 -2.16 -18.55 -10.06
N ILE E 232 -1.05 -17.97 -9.61
CA ILE E 232 -0.59 -18.16 -8.24
C ILE E 232 -1.52 -17.54 -7.20
N ASP E 233 -1.92 -18.36 -6.23
CA ASP E 233 -2.71 -17.90 -5.09
C ASP E 233 -1.78 -17.32 -4.04
N PRO E 234 -2.09 -16.13 -3.53
CA PRO E 234 -1.25 -15.62 -2.43
C PRO E 234 -1.43 -16.50 -1.19
N GLU E 235 -0.60 -16.25 -0.17
CA GLU E 235 -0.49 -17.10 1.01
C GLU E 235 -0.46 -18.60 0.65
N LYS E 236 -0.97 -19.44 1.56
CA LYS E 236 -1.40 -20.82 1.28
C LYS E 236 -0.35 -21.76 0.66
N GLY E 237 0.69 -21.18 0.06
CA GLY E 237 1.77 -21.93 -0.58
C GLY E 237 1.37 -23.09 -1.49
N SER E 238 0.17 -23.03 -2.07
CA SER E 238 -0.37 -24.20 -2.78
C SER E 238 -0.22 -24.21 -4.31
N ILE E 239 0.25 -23.11 -4.89
CA ILE E 239 0.31 -22.94 -6.35
C ILE E 239 -1.03 -23.32 -7.04
N ARG E 240 -0.92 -24.01 -8.17
CA ARG E 240 -2.03 -24.36 -9.06
C ARG E 240 -1.42 -25.05 -10.27
N ASN E 241 -2.25 -25.49 -11.20
CA ASN E 241 -1.74 -25.98 -12.49
C ASN E 241 -0.90 -24.89 -13.16
N VAL E 242 0.16 -25.27 -13.86
CA VAL E 242 0.99 -24.28 -14.54
C VAL E 242 0.64 -24.24 -16.03
N MET E 243 1.13 -25.20 -16.80
CA MET E 243 0.59 -25.44 -18.14
C MET E 243 0.44 -26.93 -18.41
N GLY E 244 -0.80 -27.42 -18.49
CA GLY E 244 -1.05 -28.83 -18.74
C GLY E 244 -0.61 -29.71 -17.59
N PHE E 245 0.06 -29.10 -16.62
CA PHE E 245 0.69 -29.83 -15.53
C PHE E 245 -0.08 -29.71 -14.22
N GLU E 246 0.40 -30.44 -13.22
CA GLU E 246 0.16 -30.11 -11.83
C GLU E 246 1.48 -30.32 -11.11
N VAL E 247 2.02 -29.26 -10.53
CA VAL E 247 3.29 -29.37 -9.81
C VAL E 247 3.01 -29.83 -8.39
N VAL E 248 3.49 -31.02 -8.05
CA VAL E 248 3.19 -31.64 -6.77
C VAL E 248 4.42 -31.64 -5.87
N GLU E 249 4.18 -31.56 -4.56
CA GLU E 249 5.26 -31.48 -3.59
C GLU E 249 5.66 -32.87 -3.13
N VAL E 250 6.87 -33.29 -3.51
CA VAL E 250 7.40 -34.59 -3.09
C VAL E 250 8.63 -34.40 -2.20
N PRO E 251 8.52 -34.81 -0.92
CA PRO E 251 9.52 -34.58 0.12
C PRO E 251 10.82 -35.35 -0.10
N HIS E 252 10.78 -36.42 -0.90
CA HIS E 252 11.95 -37.27 -1.02
C HIS E 252 12.44 -37.53 -2.45
N LEU E 253 13.60 -36.94 -2.76
CA LEU E 253 14.48 -37.39 -3.83
C LEU E 253 15.52 -38.29 -3.16
N THR E 254 16.61 -38.58 -3.86
CA THR E 254 17.71 -39.32 -3.24
C THR E 254 17.29 -40.73 -2.79
N ALA E 255 17.16 -41.62 -3.76
CA ALA E 255 16.82 -43.01 -3.53
C ALA E 255 15.43 -43.23 -2.95
N GLY E 256 15.35 -43.97 -1.85
CA GLY E 256 14.10 -44.54 -1.42
C GLY E 256 13.96 -45.86 -2.14
N GLY E 257 15.10 -46.44 -2.49
CA GLY E 257 15.16 -47.71 -3.17
C GLY E 257 14.75 -48.85 -2.26
N ALA E 258 15.27 -48.84 -1.03
CA ALA E 258 14.86 -49.79 0.00
C ALA E 258 15.09 -51.26 -0.40
N GLY E 259 16.35 -51.69 -0.39
CA GLY E 259 16.67 -53.05 -0.80
C GLY E 259 17.81 -53.70 -0.03
N THR E 260 17.91 -55.02 -0.17
CA THR E 260 18.85 -55.86 0.58
C THR E 260 18.75 -55.69 2.10
N ALA E 261 19.84 -55.26 2.71
CA ALA E 261 19.90 -55.09 4.17
C ALA E 261 18.85 -54.12 4.68
N ARG E 262 18.32 -54.39 5.88
CA ARG E 262 17.27 -53.54 6.47
C ARG E 262 17.78 -52.15 6.86
N GLU E 263 18.81 -52.10 7.69
CA GLU E 263 19.34 -50.82 8.10
C GLU E 263 20.66 -50.56 7.38
N GLY E 264 20.62 -49.67 6.40
CA GLY E 264 21.82 -49.23 5.73
C GLY E 264 21.56 -49.02 4.24
N THR E 265 22.65 -48.89 3.49
CA THR E 265 22.60 -49.09 2.05
C THR E 265 23.77 -50.00 1.68
N THR E 266 23.45 -51.20 1.22
CA THR E 266 24.48 -52.15 0.82
C THR E 266 24.24 -52.48 -0.63
N GLY E 267 23.28 -53.35 -0.88
CA GLY E 267 22.66 -53.44 -2.19
C GLY E 267 21.45 -52.53 -2.16
N GLN E 268 21.13 -51.94 -3.30
CA GLN E 268 19.89 -51.18 -3.44
C GLN E 268 19.42 -51.41 -4.87
N LYS E 269 18.13 -51.69 -5.02
CA LYS E 269 17.60 -52.12 -6.31
C LYS E 269 17.64 -51.00 -7.33
N HIS E 270 17.06 -49.86 -6.97
CA HIS E 270 17.10 -48.70 -7.85
C HIS E 270 17.88 -47.56 -7.22
N VAL E 271 19.06 -47.28 -7.76
CA VAL E 271 19.95 -46.28 -7.20
C VAL E 271 19.81 -44.93 -7.90
N PHE E 272 19.86 -43.86 -7.12
CA PHE E 272 19.95 -42.52 -7.66
C PHE E 272 21.37 -42.03 -7.43
N PRO E 273 22.17 -41.97 -8.51
CA PRO E 273 23.60 -41.63 -8.42
C PRO E 273 23.83 -40.29 -7.74
N ALA E 274 24.95 -40.16 -7.03
CA ALA E 274 25.22 -38.95 -6.25
C ALA E 274 25.95 -37.87 -7.06
N ASN E 275 26.40 -38.23 -8.26
CA ASN E 275 27.15 -37.30 -9.09
C ASN E 275 27.04 -37.52 -10.60
N LYS E 276 27.29 -36.46 -11.36
CA LYS E 276 27.24 -36.51 -12.83
C LYS E 276 28.42 -37.30 -13.39
N GLY E 277 29.32 -37.71 -12.50
CA GLY E 277 30.51 -38.45 -12.87
C GLY E 277 30.88 -39.42 -11.76
N GLU E 278 31.87 -40.27 -11.99
CA GLU E 278 32.72 -40.25 -13.18
C GLU E 278 32.05 -40.84 -14.42
N GLY E 279 31.18 -41.83 -14.22
CA GLY E 279 30.46 -42.44 -15.32
C GLY E 279 29.57 -41.44 -16.03
N ASN E 280 29.03 -41.83 -17.19
CA ASN E 280 28.24 -40.89 -17.96
C ASN E 280 26.77 -40.96 -17.58
N VAL E 281 26.30 -39.90 -16.92
CA VAL E 281 24.92 -39.80 -16.48
C VAL E 281 24.49 -38.33 -16.48
N LYS E 282 23.28 -38.06 -16.96
CA LYS E 282 22.76 -36.69 -17.02
C LYS E 282 22.25 -36.21 -15.67
N VAL E 283 21.43 -37.05 -15.02
CA VAL E 283 20.74 -36.67 -13.79
C VAL E 283 21.30 -37.40 -12.56
N ALA E 284 21.64 -36.64 -11.52
CA ALA E 284 22.17 -37.22 -10.29
C ALA E 284 21.57 -36.59 -9.04
N LYS E 285 21.99 -37.09 -7.87
CA LYS E 285 21.52 -36.59 -6.59
C LYS E 285 22.05 -35.20 -6.28
N ASP E 286 23.30 -34.96 -6.65
CA ASP E 286 23.97 -33.68 -6.41
C ASP E 286 23.13 -32.53 -6.95
N ASN E 287 22.80 -32.60 -8.23
CA ASN E 287 21.98 -31.59 -8.85
C ASN E 287 20.80 -32.16 -9.64
N VAL E 288 19.59 -31.92 -9.14
CA VAL E 288 18.37 -32.03 -9.95
C VAL E 288 17.33 -31.07 -9.39
N ILE E 289 16.65 -30.33 -10.26
CA ILE E 289 15.57 -29.46 -9.80
C ILE E 289 14.29 -30.27 -9.66
N GLY E 290 14.00 -31.07 -10.67
CA GLY E 290 12.78 -31.85 -10.68
C GLY E 290 12.68 -32.75 -11.88
N LEU E 291 11.59 -33.52 -11.95
CA LEU E 291 11.38 -34.44 -13.05
C LEU E 291 9.95 -34.28 -13.57
N PHE E 292 9.63 -34.95 -14.67
CA PHE E 292 8.27 -34.95 -15.20
C PHE E 292 7.99 -36.11 -16.15
N MET E 293 6.70 -36.43 -16.29
CA MET E 293 6.21 -37.46 -17.19
C MET E 293 4.82 -37.08 -17.69
N HIS E 294 4.38 -37.74 -18.76
CA HIS E 294 3.03 -37.60 -19.29
C HIS E 294 2.10 -38.55 -18.53
N ARG E 295 2.70 -39.20 -17.53
CA ARG E 295 2.44 -40.56 -17.06
C ARG E 295 2.49 -41.57 -18.21
N SER E 296 1.84 -42.72 -18.03
CA SER E 296 1.95 -43.86 -18.95
C SER E 296 3.39 -44.08 -19.44
N ALA E 297 4.36 -43.54 -18.68
CA ALA E 297 5.77 -43.61 -19.01
C ALA E 297 6.47 -44.63 -18.14
N VAL E 298 5.72 -45.13 -17.18
CA VAL E 298 6.25 -46.09 -16.23
C VAL E 298 5.12 -46.90 -15.65
N GLY E 299 5.45 -48.07 -15.13
CA GLY E 299 4.44 -48.96 -14.63
C GLY E 299 4.97 -50.02 -13.69
N THR E 300 4.03 -50.74 -13.10
CA THR E 300 4.33 -51.80 -12.16
C THR E 300 3.42 -52.98 -12.46
N VAL E 301 3.49 -53.99 -11.60
CA VAL E 301 2.49 -55.04 -11.54
C VAL E 301 2.17 -55.19 -10.07
N LYS E 302 1.38 -56.18 -9.71
CA LYS E 302 1.10 -56.44 -8.30
C LYS E 302 1.11 -57.94 -8.00
N LEU E 303 1.85 -58.33 -6.96
CA LEU E 303 1.90 -59.74 -6.59
C LEU E 303 1.21 -60.02 -5.26
N ARG E 304 0.08 -60.72 -5.33
CA ARG E 304 -0.73 -61.06 -4.17
C ARG E 304 -1.04 -59.88 -3.24
N ASP E 305 -1.43 -58.75 -3.84
CA ASP E 305 -1.88 -57.58 -3.10
C ASP E 305 -0.85 -57.13 -2.06
N LEU E 306 -1.34 -56.72 -0.90
CA LEU E 306 -0.51 -56.51 0.28
C LEU E 306 -1.38 -56.75 1.51
N ALA E 307 -0.79 -57.30 2.57
CA ALA E 307 -1.57 -57.64 3.75
C ALA E 307 -0.73 -57.77 5.01
N LEU E 308 -1.41 -58.06 6.12
CA LEU E 308 -0.75 -58.22 7.40
C LEU E 308 -0.99 -59.62 7.96
N GLU E 309 0.07 -60.28 8.40
CA GLU E 309 -0.06 -61.55 9.10
C GLU E 309 0.44 -61.36 10.53
N ARG E 310 -0.28 -61.95 11.48
CA ARG E 310 0.09 -61.85 12.88
C ARG E 310 0.25 -63.22 13.52
N ALA E 311 1.47 -63.54 13.92
CA ALA E 311 1.75 -64.85 14.51
C ALA E 311 2.12 -64.71 15.98
N ARG E 312 2.45 -65.84 16.61
CA ARG E 312 2.81 -65.87 18.01
C ARG E 312 4.00 -66.79 18.22
N ARG E 313 4.79 -66.52 19.26
CA ARG E 313 5.94 -67.37 19.58
C ARG E 313 5.97 -67.80 21.04
N ALA E 314 5.88 -69.10 21.27
CA ALA E 314 5.95 -69.65 22.62
C ALA E 314 7.40 -69.88 23.02
N ASN E 315 8.31 -69.83 22.06
CA ASN E 315 9.73 -70.01 22.31
C ASN E 315 10.35 -68.83 23.07
N PHE E 316 10.16 -67.63 22.54
CA PHE E 316 10.63 -66.41 23.20
C PHE E 316 9.55 -65.85 24.12
N GLN E 317 8.44 -66.59 24.20
CA GLN E 317 7.26 -66.15 24.95
C GLN E 317 6.86 -64.76 24.51
N ALA E 318 6.46 -64.65 23.25
CA ALA E 318 6.13 -63.36 22.65
C ALA E 318 5.24 -63.52 21.43
N ASP E 319 5.02 -62.41 20.74
CA ASP E 319 4.16 -62.37 19.57
C ASP E 319 4.60 -61.24 18.65
N GLN E 320 4.22 -61.32 17.37
CA GLN E 320 4.67 -60.33 16.41
C GLN E 320 3.72 -60.16 15.23
N ILE E 321 3.81 -59.03 14.55
CA ILE E 321 3.02 -58.78 13.36
C ILE E 321 3.97 -58.53 12.17
N ILE E 322 3.50 -58.77 10.96
CA ILE E 322 4.36 -58.66 9.78
C ILE E 322 3.60 -58.16 8.55
N ALA E 323 4.27 -57.32 7.75
CA ALA E 323 3.71 -56.84 6.49
C ALA E 323 4.51 -57.41 5.33
N LYS E 324 3.82 -57.90 4.31
CA LYS E 324 4.49 -58.50 3.16
C LYS E 324 3.77 -58.22 1.85
N TYR E 325 4.55 -57.94 0.81
CA TYR E 325 4.05 -57.88 -0.56
C TYR E 325 5.20 -57.85 -1.57
N ALA E 326 4.87 -57.86 -2.86
CA ALA E 326 5.88 -57.74 -3.89
C ALA E 326 5.33 -57.15 -5.18
N MET E 327 6.22 -56.53 -5.96
CA MET E 327 5.90 -55.97 -7.27
C MET E 327 7.17 -55.41 -7.88
N GLY E 328 7.17 -55.26 -9.21
CA GLY E 328 8.31 -54.67 -9.88
C GLY E 328 8.01 -53.26 -10.31
N HIS E 329 9.03 -52.51 -10.71
CA HIS E 329 8.81 -51.20 -11.29
C HIS E 329 9.65 -51.08 -12.55
N GLY E 330 9.00 -51.02 -13.71
CA GLY E 330 9.73 -50.87 -14.94
C GLY E 330 9.64 -49.50 -15.57
N GLY E 331 10.53 -49.21 -16.51
CA GLY E 331 10.35 -48.08 -17.39
C GLY E 331 9.74 -48.57 -18.69
N LEU E 332 9.02 -47.70 -19.38
CA LEU E 332 8.57 -48.00 -20.74
C LEU E 332 8.26 -46.69 -21.47
N ARG E 333 8.30 -46.72 -22.79
CA ARG E 333 8.06 -45.53 -23.61
C ARG E 333 8.85 -44.33 -23.10
N PRO E 334 10.19 -44.37 -23.23
CA PRO E 334 11.08 -43.36 -22.67
C PRO E 334 10.89 -42.00 -23.32
N GLU E 335 10.24 -41.99 -24.49
CA GLU E 335 10.01 -40.79 -25.27
C GLU E 335 9.29 -39.68 -24.50
N ALA E 336 8.47 -40.06 -23.52
CA ALA E 336 7.84 -39.07 -22.66
C ALA E 336 8.37 -39.18 -21.24
N ALA E 337 9.22 -38.22 -20.89
CA ALA E 337 9.82 -38.07 -19.56
C ALA E 337 10.83 -36.95 -19.67
N GLY E 338 11.27 -36.40 -18.54
CA GLY E 338 12.36 -35.43 -18.58
C GLY E 338 12.78 -34.89 -17.23
N ALA E 339 14.00 -34.36 -17.16
CA ALA E 339 14.53 -33.88 -15.89
C ALA E 339 15.06 -32.45 -15.95
N VAL E 340 14.41 -31.56 -15.20
CA VAL E 340 14.92 -30.20 -15.01
C VAL E 340 16.07 -30.27 -14.03
N VAL E 341 17.25 -29.79 -14.46
CA VAL E 341 18.50 -30.01 -13.74
C VAL E 341 19.36 -28.75 -13.75
N PHE E 342 20.27 -28.64 -12.79
CA PHE E 342 21.26 -27.56 -12.76
C PHE E 342 22.29 -27.83 -13.86
N LYS E 343 23.28 -26.95 -13.97
CA LYS E 343 24.37 -27.16 -14.93
C LYS E 343 25.65 -27.46 -14.17
N VAL E 344 26.42 -28.41 -14.69
CA VAL E 344 27.72 -28.80 -14.11
C VAL E 344 27.67 -29.08 -12.61
N ALA F 2 -1.61 51.52 29.89
CA ALA F 2 -1.22 51.97 31.22
C ALA F 2 -1.59 50.95 32.30
N SER F 3 -0.58 50.43 32.98
CA SER F 3 -0.81 49.47 34.06
C SER F 3 -1.49 50.14 35.24
N MET F 4 -2.18 49.34 36.05
CA MET F 4 -2.80 49.84 37.27
C MET F 4 -2.13 49.26 38.50
N THR F 5 -1.41 50.11 39.24
CA THR F 5 -0.73 49.66 40.45
C THR F 5 -1.75 49.43 41.55
N GLY F 6 -1.29 48.95 42.70
CA GLY F 6 -2.19 48.49 43.74
C GLY F 6 -3.05 47.38 43.15
N GLY F 7 -2.42 46.49 42.39
CA GLY F 7 -3.12 45.45 41.67
C GLY F 7 -3.65 44.34 42.55
N GLN F 8 -3.54 44.56 43.86
CA GLN F 8 -4.08 43.68 44.91
C GLN F 8 -3.33 42.35 45.03
N GLN F 9 -2.57 42.00 43.99
CA GLN F 9 -1.63 40.87 44.03
C GLN F 9 -2.14 39.65 44.81
N MET F 10 -3.16 38.98 44.27
CA MET F 10 -3.80 37.87 44.96
C MET F 10 -2.78 36.85 45.47
N GLY F 11 -2.17 36.12 44.56
CA GLY F 11 -1.01 35.33 44.92
C GLY F 11 0.26 36.16 44.84
N THR F 12 1.15 35.97 45.81
CA THR F 12 2.47 36.59 45.87
C THR F 12 3.14 36.15 47.17
N ASN F 13 4.46 36.25 47.24
CA ASN F 13 5.15 35.87 48.48
C ASN F 13 4.93 36.92 49.57
N GLN F 14 5.24 38.17 49.25
CA GLN F 14 5.17 39.26 50.23
C GLN F 14 5.93 38.90 51.49
N GLY F 15 5.22 38.76 52.60
CA GLY F 15 5.86 38.43 53.87
C GLY F 15 6.71 39.60 54.32
N LYS F 16 7.90 39.32 54.82
CA LYS F 16 8.81 40.38 55.22
C LYS F 16 10.16 40.31 54.51
N GLY F 17 10.99 39.35 54.91
CA GLY F 17 12.37 39.32 54.47
C GLY F 17 12.67 38.40 53.31
N VAL F 18 11.65 38.06 52.54
CA VAL F 18 11.84 37.19 51.37
C VAL F 18 12.48 37.94 50.22
N VAL F 19 12.54 39.28 50.33
CA VAL F 19 12.97 40.16 49.24
C VAL F 19 12.27 39.73 47.93
N ALA F 20 13.02 39.42 46.88
CA ALA F 20 12.46 38.70 45.73
C ALA F 20 11.22 39.37 45.15
N ALA F 21 10.09 38.69 45.33
CA ALA F 21 8.79 39.11 44.78
C ALA F 21 8.82 39.02 43.27
N GLY F 22 9.66 38.11 42.77
CA GLY F 22 9.68 37.79 41.36
C GLY F 22 8.38 37.13 40.98
N ASP F 23 7.76 37.67 39.94
CA ASP F 23 6.49 37.17 39.37
C ASP F 23 5.35 36.96 40.38
N LYS F 24 4.62 35.87 40.20
CA LYS F 24 3.45 35.54 40.99
C LYS F 24 3.25 34.02 40.94
N LEU F 25 2.64 33.44 41.98
CA LEU F 25 2.54 31.99 42.14
C LEU F 25 3.83 31.24 41.78
N ALA F 26 4.90 31.29 42.59
CA ALA F 26 4.93 31.66 44.02
C ALA F 26 3.96 30.87 44.90
N LEU F 27 3.26 31.53 45.80
CA LEU F 27 2.40 30.81 46.75
C LEU F 27 1.08 30.37 46.10
N PHE F 28 0.87 29.05 46.11
CA PHE F 28 -0.36 28.40 45.65
C PHE F 28 -0.20 26.89 45.76
N LEU F 29 -1.29 26.16 45.56
CA LEU F 29 -1.27 24.71 45.72
C LEU F 29 -1.45 23.96 44.40
N LYS F 30 -0.49 23.11 44.06
CA LYS F 30 -0.66 22.24 42.90
C LYS F 30 -1.53 21.05 43.32
N VAL F 31 -2.68 20.92 42.69
CA VAL F 31 -3.67 19.93 43.14
C VAL F 31 -4.27 19.11 42.00
N PHE F 32 -4.02 17.80 42.01
CA PHE F 32 -4.85 16.88 41.27
C PHE F 32 -5.17 15.63 42.09
N GLY F 33 -6.43 15.47 42.48
CA GLY F 33 -6.87 14.30 43.21
C GLY F 33 -7.85 13.37 42.52
N GLY F 34 -8.14 13.62 41.25
CA GLY F 34 -9.27 12.98 40.61
C GLY F 34 -9.04 11.83 39.65
N GLU F 35 -7.79 11.60 39.25
CA GLU F 35 -7.50 10.58 38.23
C GLU F 35 -6.06 10.08 38.33
N VAL F 36 -5.81 8.90 37.77
CA VAL F 36 -4.48 8.29 37.81
C VAL F 36 -3.94 8.00 36.41
N LEU F 37 -2.63 7.95 36.26
CA LEU F 37 -2.02 7.55 34.99
C LEU F 37 -1.37 6.18 35.12
N THR F 38 -1.97 5.20 34.43
CA THR F 38 -1.53 3.80 34.54
C THR F 38 -0.66 3.41 33.34
N ALA F 39 0.30 2.53 33.59
CA ALA F 39 1.21 2.07 32.53
C ALA F 39 0.46 1.20 31.53
N PHE F 40 1.17 0.71 30.52
CA PHE F 40 0.50 0.08 29.38
C PHE F 40 0.21 -1.40 29.52
N ALA F 41 -0.96 -1.80 29.03
CA ALA F 41 -1.33 -3.21 29.01
C ALA F 41 -0.48 -3.93 27.97
N ARG F 42 0.21 -4.98 28.40
CA ARG F 42 1.09 -5.72 27.52
C ARG F 42 0.48 -7.07 27.16
N THR F 43 0.13 -7.23 25.88
CA THR F 43 -0.55 -8.44 25.42
C THR F 43 0.40 -9.63 25.38
N SER F 44 -0.11 -10.79 24.97
CA SER F 44 0.67 -12.02 25.02
C SER F 44 0.22 -13.04 23.96
N VAL F 45 1.07 -14.04 23.71
CA VAL F 45 0.78 -15.03 22.68
C VAL F 45 0.13 -16.31 23.25
N THR F 46 0.02 -16.39 24.57
CA THR F 46 -0.59 -17.55 25.23
C THR F 46 -2.07 -17.31 25.55
N THR F 47 -2.91 -18.35 25.41
CA THR F 47 -2.49 -19.69 25.00
C THR F 47 -2.31 -19.79 23.50
N SER F 48 -3.42 -19.77 22.76
CA SER F 48 -3.37 -19.71 21.30
C SER F 48 -2.52 -20.83 20.70
N ARG F 49 -1.37 -20.43 20.17
CA ARG F 49 -0.51 -21.29 19.38
C ARG F 49 0.36 -22.23 20.22
N HIS F 50 0.17 -22.24 21.54
CA HIS F 50 0.95 -23.13 22.39
C HIS F 50 0.32 -24.52 22.58
N MET F 51 1.07 -25.40 23.25
CA MET F 51 0.71 -26.82 23.41
C MET F 51 0.08 -27.24 24.74
N VAL F 52 -0.23 -26.27 25.60
CA VAL F 52 -0.43 -26.51 27.04
C VAL F 52 -1.34 -27.69 27.40
N ARG F 53 -0.83 -28.55 28.28
CA ARG F 53 -1.59 -29.67 28.84
C ARG F 53 -1.29 -29.77 30.34
N SER F 54 -2.34 -29.84 31.14
CA SER F 54 -2.20 -29.74 32.60
C SER F 54 -2.24 -31.10 33.30
N ILE F 55 -1.46 -31.20 34.37
CA ILE F 55 -1.43 -32.39 35.21
C ILE F 55 -1.67 -32.02 36.67
N SER F 56 -1.57 -33.01 37.54
CA SER F 56 -1.67 -32.81 38.98
C SER F 56 -0.53 -33.56 39.65
N SER F 57 -0.36 -33.33 40.96
CA SER F 57 0.68 -34.02 41.73
C SER F 57 2.12 -33.81 41.25
N GLY F 58 2.74 -34.89 40.77
CA GLY F 58 4.19 -35.01 40.69
C GLY F 58 5.00 -33.95 39.95
N LYS F 59 6.31 -33.99 40.21
CA LYS F 59 7.23 -32.90 39.89
C LYS F 59 7.54 -32.72 38.40
N SER F 60 7.09 -33.64 37.55
CA SER F 60 7.49 -33.60 36.15
C SER F 60 6.45 -34.20 35.20
N ALA F 61 6.80 -34.26 33.93
CA ALA F 61 5.96 -34.88 32.90
C ALA F 61 6.78 -35.80 32.01
N GLN F 62 6.18 -36.91 31.59
CA GLN F 62 6.85 -37.86 30.72
C GLN F 62 6.18 -37.98 29.35
N PHE F 63 6.90 -37.57 28.30
CA PHE F 63 6.42 -37.67 26.93
C PHE F 63 7.27 -38.64 26.12
N PRO F 64 6.68 -39.80 25.75
CA PRO F 64 7.36 -40.78 24.90
C PRO F 64 7.33 -40.35 23.43
N VAL F 65 8.33 -40.75 22.65
CA VAL F 65 8.35 -40.41 21.23
C VAL F 65 8.72 -41.61 20.34
N LEU F 66 7.81 -41.99 19.45
CA LEU F 66 8.05 -43.13 18.55
C LEU F 66 9.04 -42.80 17.44
N GLY F 67 9.63 -43.83 16.84
CA GLY F 67 10.60 -43.66 15.79
C GLY F 67 10.03 -43.86 14.39
N ARG F 68 10.88 -44.30 13.46
CA ARG F 68 10.47 -44.51 12.08
C ARG F 68 11.18 -45.71 11.45
N THR F 69 10.46 -46.44 10.58
CA THR F 69 10.94 -47.71 10.06
C THR F 69 11.72 -47.62 8.75
N GLN F 70 12.01 -48.79 8.18
CA GLN F 70 12.58 -48.94 6.86
C GLN F 70 12.16 -50.32 6.36
N ALA F 71 12.52 -50.67 5.13
CA ALA F 71 12.15 -51.97 4.57
C ALA F 71 13.37 -52.74 4.07
N ALA F 72 13.12 -53.95 3.58
CA ALA F 72 14.18 -54.79 3.04
C ALA F 72 13.61 -55.91 2.16
N TYR F 73 14.49 -56.71 1.57
CA TYR F 73 14.05 -57.80 0.72
C TYR F 73 14.20 -59.15 1.42
N LEU F 74 13.78 -60.22 0.75
CA LEU F 74 13.96 -61.56 1.26
C LEU F 74 14.28 -62.54 0.14
N ALA F 75 15.31 -63.35 0.34
CA ALA F 75 15.64 -64.43 -0.58
C ALA F 75 14.62 -65.54 -0.34
N PRO F 76 14.43 -66.42 -1.34
CA PRO F 76 13.44 -67.49 -1.15
C PRO F 76 13.89 -68.49 -0.08
N GLY F 77 12.99 -68.86 0.80
CA GLY F 77 13.30 -69.77 1.89
C GLY F 77 14.47 -69.30 2.74
N GLU F 78 14.52 -67.99 3.00
CA GLU F 78 15.61 -67.40 3.78
C GLU F 78 15.10 -66.95 5.13
N ASN F 79 15.99 -66.95 6.13
CA ASN F 79 15.62 -66.59 7.49
C ASN F 79 15.17 -65.13 7.61
N LEU F 80 14.38 -64.85 8.64
CA LEU F 80 13.82 -63.52 8.86
C LEU F 80 14.20 -62.94 10.22
N ASP F 81 13.79 -63.62 11.28
CA ASP F 81 13.91 -63.12 12.65
C ASP F 81 15.31 -62.62 13.05
N ASP F 82 16.35 -63.17 12.43
CA ASP F 82 17.72 -62.75 12.72
C ASP F 82 18.15 -61.54 11.87
N LYS F 83 17.40 -61.26 10.82
CA LYS F 83 17.73 -60.16 9.91
C LYS F 83 17.32 -58.80 10.47
N ARG F 84 16.34 -58.81 11.37
CA ARG F 84 15.66 -57.58 11.78
C ARG F 84 16.49 -56.57 12.56
N LYS F 85 16.03 -55.33 12.53
CA LYS F 85 16.49 -54.26 13.40
C LYS F 85 15.24 -53.54 13.90
N ASP F 86 15.12 -53.37 15.22
CA ASP F 86 13.89 -52.87 15.83
C ASP F 86 13.67 -51.37 15.67
N ILE F 87 12.40 -50.96 15.73
CA ILE F 87 12.06 -49.56 15.86
C ILE F 87 12.44 -49.13 17.27
N LYS F 88 13.27 -48.11 17.38
CA LYS F 88 13.71 -47.63 18.69
C LYS F 88 13.01 -46.31 19.03
N HIS F 89 12.67 -46.15 20.30
CA HIS F 89 12.01 -44.92 20.76
C HIS F 89 12.60 -44.39 22.07
N THR F 90 12.90 -43.09 22.09
CA THR F 90 13.60 -42.47 23.22
C THR F 90 12.67 -41.60 24.06
N GLU F 91 12.74 -41.77 25.38
CA GLU F 91 11.90 -41.00 26.31
C GLU F 91 12.27 -39.52 26.26
N LYS F 92 11.28 -38.66 26.50
CA LYS F 92 11.51 -37.22 26.58
C LYS F 92 10.85 -36.63 27.83
N VAL F 93 11.65 -36.05 28.71
CA VAL F 93 11.14 -35.57 30.00
C VAL F 93 10.96 -34.05 30.05
N ILE F 94 9.91 -33.58 30.73
CA ILE F 94 9.73 -32.16 30.99
C ILE F 94 9.77 -31.90 32.50
N THR F 95 10.72 -31.07 32.94
CA THR F 95 10.83 -30.73 34.35
C THR F 95 10.11 -29.44 34.70
N ILE F 96 9.13 -29.51 35.60
CA ILE F 96 8.50 -28.32 36.14
C ILE F 96 9.48 -27.71 37.13
N ASP F 97 9.41 -26.40 37.31
CA ASP F 97 10.21 -25.73 38.32
C ASP F 97 9.41 -24.57 38.88
N GLY F 98 9.51 -24.36 40.19
CA GLY F 98 8.70 -23.36 40.85
C GLY F 98 9.35 -22.74 42.07
N LEU F 99 8.75 -21.63 42.53
CA LEU F 99 7.57 -21.07 41.89
C LEU F 99 7.73 -19.59 41.57
N LEU F 100 7.51 -19.24 40.31
CA LEU F 100 7.59 -17.84 39.86
C LEU F 100 6.57 -17.00 40.63
N THR F 101 6.92 -15.74 40.87
CA THR F 101 6.06 -14.88 41.67
C THR F 101 6.23 -13.38 41.41
N ALA F 102 5.41 -12.59 42.08
CA ALA F 102 5.53 -11.15 42.12
C ALA F 102 5.10 -10.71 43.50
N ASP F 103 5.78 -9.71 44.05
CA ASP F 103 5.59 -9.32 45.44
C ASP F 103 5.61 -7.80 45.58
N VAL F 104 4.72 -7.26 46.40
CA VAL F 104 4.74 -5.82 46.69
C VAL F 104 4.53 -5.51 48.18
N LEU F 105 5.41 -4.69 48.72
CA LEU F 105 5.29 -4.22 50.11
C LEU F 105 5.18 -2.70 50.11
N ILE F 106 4.23 -2.17 50.88
CA ILE F 106 4.02 -0.73 50.93
C ILE F 106 3.93 -0.20 52.36
N TYR F 107 4.84 0.72 52.70
CA TYR F 107 4.80 1.44 53.97
C TYR F 107 3.42 2.07 54.10
N ASP F 108 2.74 1.84 55.22
CA ASP F 108 1.40 2.37 55.42
C ASP F 108 1.39 3.90 55.45
N ILE F 109 2.45 4.47 56.01
CA ILE F 109 2.53 5.91 56.22
C ILE F 109 2.40 6.69 54.91
N GLU F 110 2.76 6.05 53.80
CA GLU F 110 2.56 6.64 52.47
C GLU F 110 1.11 6.48 52.00
N ASP F 111 0.48 5.37 52.37
CA ASP F 111 -0.93 5.17 52.04
C ASP F 111 -1.78 6.13 52.87
N ALA F 112 -1.20 6.68 53.94
CA ALA F 112 -1.86 7.72 54.71
C ALA F 112 -1.98 8.99 53.89
N MET F 113 -0.85 9.49 53.38
CA MET F 113 -0.89 10.61 52.44
C MET F 113 -0.57 10.10 51.04
N ASN F 114 -1.61 9.93 50.24
CA ASN F 114 -1.51 9.34 48.90
C ASN F 114 -2.30 10.11 47.84
N HIS F 115 -3.61 10.17 48.05
CA HIS F 115 -4.62 10.74 47.14
C HIS F 115 -4.79 10.01 45.79
N TYR F 116 -4.57 8.71 45.81
CA TYR F 116 -5.03 7.80 44.76
C TYR F 116 -5.18 6.36 45.26
N ASP F 117 -5.46 5.43 44.35
CA ASP F 117 -5.81 4.06 44.74
C ASP F 117 -4.63 3.08 44.78
N VAL F 118 -4.05 2.81 43.61
CA VAL F 118 -2.86 1.97 43.43
C VAL F 118 -3.02 0.46 43.70
N ARG F 119 -4.13 0.08 44.36
CA ARG F 119 -4.44 -1.33 44.62
C ARG F 119 -4.59 -2.18 43.35
N SER F 120 -5.68 -1.91 42.63
CA SER F 120 -6.04 -2.65 41.42
C SER F 120 -4.93 -2.57 40.39
N GLU F 121 -4.35 -1.38 40.27
CA GLU F 121 -3.25 -1.13 39.35
C GLU F 121 -2.06 -2.06 39.64
N TYR F 122 -1.67 -2.13 40.91
CA TYR F 122 -0.63 -3.05 41.37
C TYR F 122 -0.95 -4.49 40.99
N THR F 123 -2.15 -4.94 41.36
CA THR F 123 -2.58 -6.31 41.05
C THR F 123 -2.43 -6.65 39.56
N SER F 124 -3.03 -5.81 38.73
CA SER F 124 -2.98 -5.96 37.27
C SER F 124 -1.55 -6.03 36.75
N GLN F 125 -0.71 -5.12 37.23
CA GLN F 125 0.70 -5.11 36.85
C GLN F 125 1.42 -6.41 37.22
N LEU F 126 1.08 -6.97 38.38
CA LEU F 126 1.62 -8.26 38.79
C LEU F 126 1.22 -9.37 37.80
N GLY F 127 -0.07 -9.41 37.46
CA GLY F 127 -0.55 -10.39 36.48
C GLY F 127 0.17 -10.30 35.14
N GLU F 128 0.28 -9.07 34.61
CA GLU F 128 0.94 -8.87 33.34
C GLU F 128 2.43 -9.27 33.41
N SER F 129 3.04 -9.03 34.57
CA SER F 129 4.41 -9.47 34.81
C SER F 129 4.53 -10.99 34.67
N LEU F 130 3.61 -11.70 35.33
CA LEU F 130 3.51 -13.16 35.23
C LEU F 130 3.45 -13.62 33.77
N ALA F 131 2.39 -13.21 33.07
CA ALA F 131 2.20 -13.59 31.67
C ALA F 131 3.43 -13.30 30.79
N MET F 132 4.00 -12.11 30.97
CA MET F 132 5.21 -11.71 30.26
C MET F 132 6.35 -12.72 30.47
N ALA F 133 6.64 -13.00 31.74
CA ALA F 133 7.70 -13.94 32.08
C ALA F 133 7.49 -15.29 31.40
N ALA F 134 6.25 -15.79 31.50
CA ALA F 134 5.90 -17.06 30.86
C ALA F 134 6.22 -17.06 29.36
N ASP F 135 5.67 -16.08 28.65
CA ASP F 135 5.84 -16.00 27.19
C ASP F 135 7.30 -15.90 26.77
N GLY F 136 8.02 -14.94 27.36
CA GLY F 136 9.44 -14.75 27.05
C GLY F 136 10.24 -16.03 27.28
N ALA F 137 10.02 -16.65 28.44
CA ALA F 137 10.68 -17.91 28.77
C ALA F 137 10.45 -18.98 27.70
N VAL F 138 9.19 -19.18 27.34
CA VAL F 138 8.83 -20.14 26.31
C VAL F 138 9.56 -19.86 24.98
N LEU F 139 9.44 -18.64 24.48
CA LEU F 139 10.06 -18.27 23.20
C LEU F 139 11.58 -18.52 23.19
N ALA F 140 12.24 -18.09 24.26
CA ALA F 140 13.66 -18.38 24.44
C ALA F 140 13.92 -19.88 24.35
N GLU F 141 13.10 -20.65 25.06
CA GLU F 141 13.26 -22.10 25.12
C GLU F 141 13.15 -22.78 23.75
N ILE F 142 12.05 -22.54 23.03
CA ILE F 142 11.91 -23.13 21.70
C ILE F 142 13.10 -22.70 20.84
N ALA F 143 13.28 -21.39 20.69
CA ALA F 143 14.31 -20.86 19.81
C ALA F 143 15.68 -21.48 20.05
N GLY F 144 16.25 -21.26 21.23
CA GLY F 144 17.55 -21.84 21.54
C GLY F 144 17.57 -23.35 21.67
N LEU F 145 16.80 -23.87 22.62
CA LEU F 145 16.89 -25.29 22.98
C LEU F 145 16.60 -26.23 21.83
N CYS F 146 15.71 -25.86 20.92
CA CYS F 146 15.49 -26.71 19.75
C CYS F 146 16.73 -26.81 18.86
N ASN F 147 17.18 -25.68 18.33
CA ASN F 147 18.30 -25.64 17.37
C ASN F 147 19.72 -25.25 17.83
N VAL F 148 19.90 -24.84 19.09
CA VAL F 148 21.22 -24.36 19.53
C VAL F 148 22.24 -25.45 19.86
N GLU F 149 21.80 -26.49 20.55
CA GLU F 149 22.71 -27.53 21.03
C GLU F 149 23.45 -28.24 19.88
N SER F 150 24.66 -28.70 20.19
CA SER F 150 25.55 -29.30 19.18
C SER F 150 25.45 -30.82 19.14
N LYS F 151 25.55 -31.37 17.93
CA LYS F 151 25.64 -32.82 17.70
C LYS F 151 24.33 -33.55 18.04
N TYR F 152 23.40 -32.84 18.66
CA TYR F 152 22.15 -33.45 19.12
C TYR F 152 20.97 -33.22 18.16
N ASN F 153 20.20 -34.29 17.95
CA ASN F 153 18.91 -34.21 17.29
C ASN F 153 17.99 -35.21 17.99
N GLU F 154 16.72 -34.87 18.15
CA GLU F 154 15.75 -35.77 18.76
C GLU F 154 15.70 -37.11 18.02
N ASN F 155 15.67 -38.20 18.77
CA ASN F 155 15.73 -39.54 18.19
C ASN F 155 16.98 -39.65 17.34
N ILE F 156 16.87 -40.26 16.16
CA ILE F 156 17.92 -40.18 15.16
C ILE F 156 17.31 -40.30 13.77
N GLU F 157 17.82 -39.52 12.82
CA GLU F 157 17.46 -39.61 11.40
C GLU F 157 16.00 -39.26 11.11
N GLY F 158 15.19 -39.10 12.15
CA GLY F 158 13.77 -38.80 11.98
C GLY F 158 13.52 -37.32 11.76
N LEU F 159 14.49 -36.49 12.13
CA LEU F 159 14.34 -35.04 12.01
C LEU F 159 15.68 -34.32 11.83
N GLY F 160 15.66 -33.23 11.05
CA GLY F 160 16.85 -32.42 10.88
C GLY F 160 16.89 -31.12 11.64
N THR F 161 15.73 -30.68 12.13
CA THR F 161 15.59 -29.42 12.89
C THR F 161 16.36 -28.24 12.27
N ALA F 162 15.90 -27.76 11.11
CA ALA F 162 16.66 -26.78 10.35
C ALA F 162 16.65 -25.35 10.91
N THR F 163 17.71 -24.62 10.61
CA THR F 163 17.81 -23.19 10.91
C THR F 163 18.27 -22.45 9.65
N VAL F 164 17.42 -21.57 9.12
CA VAL F 164 17.68 -20.94 7.83
C VAL F 164 18.65 -19.77 7.94
N ILE F 165 19.77 -19.86 7.23
CA ILE F 165 20.76 -18.79 7.20
C ILE F 165 20.32 -17.67 6.26
N GLU F 166 20.84 -16.47 6.47
CA GLU F 166 20.43 -15.31 5.69
C GLU F 166 21.11 -15.24 4.32
N THR F 167 20.42 -14.65 3.36
CA THR F 167 20.97 -14.30 2.06
C THR F 167 21.71 -12.97 2.20
N THR F 168 22.04 -12.35 1.06
CA THR F 168 22.72 -11.04 1.00
C THR F 168 23.94 -10.88 1.93
N GLN F 169 23.98 -9.78 2.66
CA GLN F 169 25.15 -9.43 3.47
C GLN F 169 24.78 -9.08 4.91
N ASN F 170 25.75 -8.58 5.66
CA ASN F 170 25.57 -8.27 7.07
C ASN F 170 24.52 -7.19 7.32
N LYS F 171 24.02 -7.13 8.55
CA LYS F 171 23.00 -6.15 8.95
C LYS F 171 23.33 -4.73 8.48
N ALA F 172 24.47 -4.21 8.94
CA ALA F 172 24.92 -2.88 8.57
C ALA F 172 25.08 -2.68 7.06
N ALA F 173 25.36 -3.76 6.35
CA ALA F 173 25.55 -3.70 4.90
C ALA F 173 24.28 -3.30 4.17
N LEU F 174 23.14 -3.79 4.65
CA LEU F 174 21.85 -3.38 4.07
C LEU F 174 21.36 -2.06 4.69
N THR F 175 21.01 -2.09 5.97
CA THR F 175 20.55 -0.92 6.74
C THR F 175 19.54 -0.04 5.99
N ASP F 176 18.72 -0.68 5.17
CA ASP F 176 17.84 0.02 4.25
C ASP F 176 16.42 -0.47 4.44
N GLN F 177 15.45 0.44 4.38
CA GLN F 177 14.06 0.02 4.35
C GLN F 177 13.79 -0.60 2.99
N VAL F 178 12.77 -1.46 2.94
CA VAL F 178 12.61 -2.47 1.89
C VAL F 178 13.95 -3.20 1.74
N ALA F 179 14.35 -3.66 0.55
CA ALA F 179 15.72 -4.13 0.31
C ALA F 179 16.15 -5.30 1.21
N LEU F 180 15.34 -5.56 2.23
CA LEU F 180 15.59 -6.48 3.33
C LEU F 180 14.36 -7.37 3.43
N GLY F 181 13.21 -6.74 3.65
CA GLY F 181 11.92 -7.41 3.66
C GLY F 181 11.71 -8.30 2.45
N LYS F 182 12.31 -7.93 1.33
CA LYS F 182 12.43 -8.81 0.17
C LYS F 182 13.03 -10.14 0.59
N GLU F 183 14.20 -10.06 1.23
CA GLU F 183 14.91 -11.26 1.68
C GLU F 183 14.20 -11.93 2.84
N ILE F 184 13.41 -11.17 3.59
CA ILE F 184 12.57 -11.74 4.63
C ILE F 184 11.50 -12.62 3.98
N ILE F 185 10.97 -12.17 2.85
CA ILE F 185 10.00 -12.94 2.06
C ILE F 185 10.62 -14.19 1.43
N ALA F 186 11.77 -14.01 0.78
CA ALA F 186 12.50 -15.14 0.18
C ALA F 186 12.85 -16.21 1.22
N ALA F 187 13.46 -15.78 2.31
CA ALA F 187 13.79 -16.67 3.42
C ALA F 187 12.54 -17.29 4.04
N LEU F 188 11.42 -16.56 3.98
CA LEU F 188 10.15 -17.08 4.47
C LEU F 188 9.69 -18.25 3.62
N THR F 189 9.79 -18.10 2.30
CA THR F 189 9.47 -19.19 1.37
C THR F 189 10.36 -20.39 1.62
N LYS F 190 11.67 -20.15 1.63
CA LYS F 190 12.67 -21.19 1.87
C LYS F 190 12.40 -21.93 3.16
N ALA F 191 11.91 -21.20 4.16
CA ALA F 191 11.54 -21.78 5.45
C ALA F 191 10.29 -22.65 5.33
N ARG F 192 9.29 -22.15 4.60
CA ARG F 192 8.04 -22.89 4.39
C ARG F 192 8.32 -24.22 3.71
N ALA F 193 9.30 -24.23 2.82
CA ALA F 193 9.73 -25.48 2.19
C ALA F 193 10.51 -26.36 3.16
N ALA F 194 11.51 -25.76 3.81
CA ALA F 194 12.41 -26.48 4.72
C ALA F 194 11.68 -27.14 5.89
N LEU F 195 10.48 -26.65 6.19
CA LEU F 195 9.67 -27.24 7.25
C LEU F 195 9.00 -28.53 6.75
N THR F 196 8.75 -28.59 5.45
CA THR F 196 8.12 -29.75 4.82
C THR F 196 9.16 -30.80 4.42
N LYS F 197 10.43 -30.50 4.67
CA LYS F 197 11.50 -31.48 4.54
C LYS F 197 11.26 -32.54 5.60
N ASN F 198 10.79 -32.07 6.75
CA ASN F 198 10.45 -32.90 7.90
C ASN F 198 8.98 -33.30 7.88
N TYR F 199 8.31 -33.04 6.76
CA TYR F 199 6.84 -33.13 6.66
C TYR F 199 6.15 -32.08 7.53
N VAL F 200 5.38 -32.55 8.52
CA VAL F 200 4.50 -31.73 9.36
C VAL F 200 3.20 -31.42 8.59
N PRO F 201 2.07 -31.31 9.33
CA PRO F 201 0.75 -31.05 8.75
C PRO F 201 0.59 -29.67 8.11
N ALA F 202 -0.47 -29.51 7.32
CA ALA F 202 -0.75 -28.26 6.61
C ALA F 202 -0.83 -27.02 7.51
N ALA F 203 -1.87 -26.95 8.34
CA ALA F 203 -2.11 -25.79 9.17
C ALA F 203 -1.63 -26.08 10.60
N ASP F 204 -1.61 -25.09 11.49
CA ASP F 204 -1.71 -23.66 11.15
C ASP F 204 -0.34 -22.99 11.10
N ARG F 205 0.69 -23.75 11.47
CA ARG F 205 2.04 -23.23 11.70
C ARG F 205 2.02 -22.02 12.63
N VAL F 206 2.90 -21.06 12.35
CA VAL F 206 2.96 -19.74 13.00
C VAL F 206 4.21 -18.99 12.52
N PHE F 207 4.28 -17.69 12.77
CA PHE F 207 5.52 -16.96 12.59
C PHE F 207 5.68 -15.89 13.67
N TYR F 208 6.89 -15.76 14.21
CA TYR F 208 7.20 -14.73 15.20
C TYR F 208 8.28 -13.82 14.62
N CYS F 209 8.38 -12.60 15.15
CA CYS F 209 9.37 -11.62 14.73
C CYS F 209 9.32 -10.35 15.57
N ASP F 210 10.39 -9.58 15.50
CA ASP F 210 10.47 -8.30 16.20
C ASP F 210 9.77 -7.23 15.35
N PRO F 211 9.34 -6.11 15.97
CA PRO F 211 8.53 -5.09 15.29
C PRO F 211 9.14 -4.51 14.01
N ASP F 212 10.44 -4.21 14.04
CA ASP F 212 11.11 -3.61 12.89
C ASP F 212 11.06 -4.51 11.66
N SER F 213 11.06 -5.83 11.89
CA SER F 213 10.98 -6.81 10.82
C SER F 213 9.56 -6.84 10.24
N TYR F 214 8.57 -6.76 11.12
CA TYR F 214 7.17 -6.68 10.71
C TYR F 214 6.99 -5.48 9.78
N SER F 215 7.58 -4.35 10.18
CA SER F 215 7.58 -3.16 9.34
C SER F 215 8.31 -3.38 8.02
N ALA F 216 9.43 -4.08 8.09
CA ALA F 216 10.24 -4.38 6.91
C ALA F 216 9.44 -5.15 5.85
N ILE F 217 8.77 -6.21 6.27
CA ILE F 217 7.83 -6.92 5.40
C ILE F 217 6.75 -5.97 4.92
N LEU F 218 6.16 -5.22 5.85
CA LEU F 218 5.11 -4.26 5.53
C LEU F 218 5.55 -3.23 4.50
N ALA F 219 6.74 -2.67 4.70
CA ALA F 219 7.27 -1.66 3.79
C ALA F 219 7.63 -2.23 2.42
N ALA F 220 7.83 -3.53 2.36
CA ALA F 220 8.12 -4.19 1.09
C ALA F 220 6.88 -4.25 0.21
N LEU F 221 5.71 -4.04 0.82
CA LEU F 221 4.47 -3.97 0.07
C LEU F 221 3.91 -2.56 0.12
N MET F 222 4.01 -1.85 -1.01
CA MET F 222 3.59 -0.46 -1.12
C MET F 222 3.46 -0.09 -2.61
N PRO F 223 2.98 1.13 -2.90
CA PRO F 223 2.93 1.65 -4.27
C PRO F 223 4.27 1.62 -5.00
N ASN F 224 5.33 2.06 -4.33
CA ASN F 224 6.66 2.07 -4.94
C ASN F 224 7.09 0.66 -5.33
N ALA F 225 7.15 -0.22 -4.33
CA ALA F 225 7.28 -1.65 -4.54
C ALA F 225 6.37 -2.31 -3.52
N ALA F 226 5.46 -3.18 -3.98
CA ALA F 226 5.49 -3.69 -5.34
C ALA F 226 4.11 -3.85 -5.99
N ASN F 227 4.08 -4.55 -7.12
CA ASN F 227 2.97 -4.57 -8.06
C ASN F 227 1.64 -5.23 -7.60
N TYR F 228 0.58 -4.91 -8.35
CA TYR F 228 -0.77 -5.49 -8.23
C TYR F 228 -1.43 -5.54 -6.85
N ALA F 229 -2.18 -6.60 -6.59
CA ALA F 229 -2.88 -6.79 -5.33
C ALA F 229 -1.89 -7.18 -4.25
N ALA F 230 -2.27 -6.92 -3.01
CA ALA F 230 -1.47 -7.32 -1.87
C ALA F 230 -2.29 -8.17 -0.90
N LEU F 231 -1.65 -9.21 -0.36
CA LEU F 231 -2.22 -10.01 0.72
C LEU F 231 -2.46 -9.10 1.91
N ILE F 232 -1.62 -8.08 2.03
CA ILE F 232 -1.72 -7.07 3.06
C ILE F 232 -2.57 -5.88 2.60
N ASP F 233 -3.57 -5.53 3.40
CA ASP F 233 -4.33 -4.31 3.16
C ASP F 233 -3.62 -3.17 3.87
N PRO F 234 -3.80 -1.93 3.38
CA PRO F 234 -3.32 -0.75 4.12
C PRO F 234 -4.18 -0.53 5.35
N GLU F 235 -4.02 0.59 6.04
CA GLU F 235 -4.86 0.87 7.22
C GLU F 235 -4.67 -0.19 8.31
N LYS F 236 -3.57 -0.07 9.06
CA LYS F 236 -3.20 -0.98 10.15
C LYS F 236 -3.12 -2.45 9.76
N GLY F 237 -2.09 -2.78 8.98
CA GLY F 237 -1.96 -4.13 8.46
C GLY F 237 -1.74 -5.18 9.52
N SER F 238 -2.67 -6.13 9.56
CA SER F 238 -2.52 -7.35 10.31
C SER F 238 -2.03 -8.39 9.30
N ILE F 239 -1.74 -7.89 8.10
CA ILE F 239 -1.61 -8.69 6.89
C ILE F 239 -2.89 -9.52 6.77
N ARG F 240 -2.79 -10.75 6.31
CA ARG F 240 -3.85 -11.73 6.50
C ARG F 240 -3.14 -12.99 6.96
N ASN F 241 -2.44 -13.58 6.00
CA ASN F 241 -1.55 -14.71 6.20
C ASN F 241 -0.46 -14.60 5.14
N VAL F 242 0.76 -14.96 5.48
CA VAL F 242 1.76 -15.28 4.46
C VAL F 242 1.49 -16.74 4.17
N MET F 243 2.34 -17.43 3.41
CA MET F 243 2.08 -18.84 3.19
C MET F 243 2.19 -19.60 4.51
N GLY F 244 1.09 -20.24 4.91
CA GLY F 244 1.09 -21.11 6.08
C GLY F 244 1.28 -20.42 7.42
N PHE F 245 1.62 -19.13 7.42
CA PHE F 245 2.08 -18.46 8.63
C PHE F 245 1.15 -17.34 9.11
N GLU F 246 1.00 -17.22 10.43
CA GLU F 246 0.06 -16.27 11.03
C GLU F 246 0.66 -14.95 11.52
N VAL F 247 1.99 -14.81 11.41
CA VAL F 247 2.72 -13.57 11.74
C VAL F 247 2.26 -12.79 12.99
N VAL F 248 2.52 -13.35 14.16
CA VAL F 248 1.99 -12.81 15.41
C VAL F 248 2.58 -11.46 15.87
N GLU F 249 3.80 -11.16 15.45
CA GLU F 249 4.45 -9.89 15.77
C GLU F 249 4.60 -9.63 17.27
N VAL F 250 5.51 -10.35 17.92
CA VAL F 250 5.82 -10.10 19.33
C VAL F 250 6.87 -8.99 19.49
N PRO F 251 6.52 -7.95 20.27
CA PRO F 251 7.41 -6.80 20.47
C PRO F 251 8.66 -7.21 21.24
N HIS F 252 8.48 -8.12 22.19
CA HIS F 252 9.60 -8.57 23.01
C HIS F 252 10.05 -9.99 22.70
N LEU F 253 11.21 -10.11 22.07
CA LEU F 253 11.92 -11.37 21.98
C LEU F 253 12.98 -11.33 23.07
N THR F 254 13.84 -12.34 23.11
CA THR F 254 14.90 -12.41 24.11
C THR F 254 14.31 -12.27 25.51
N ALA F 255 15.01 -11.54 26.38
CA ALA F 255 14.61 -11.35 27.78
C ALA F 255 14.18 -12.69 28.37
N GLY F 256 13.05 -12.68 29.07
CA GLY F 256 12.36 -13.90 29.47
C GLY F 256 13.22 -14.97 30.10
N GLY F 257 14.28 -14.56 30.80
CA GLY F 257 15.15 -15.53 31.43
C GLY F 257 14.68 -15.83 32.83
N ALA F 258 13.98 -14.87 33.44
CA ALA F 258 13.52 -14.96 34.82
C ALA F 258 14.67 -15.37 35.74
N GLY F 259 14.38 -16.24 36.71
CA GLY F 259 15.41 -16.91 37.47
C GLY F 259 15.95 -16.08 38.62
N THR F 260 16.34 -16.75 39.71
CA THR F 260 17.07 -16.13 40.83
C THR F 260 16.55 -14.76 41.27
N ALA F 261 17.45 -13.78 41.31
CA ALA F 261 17.10 -12.42 41.69
C ALA F 261 16.25 -11.76 40.62
N ARG F 262 15.48 -10.74 41.02
CA ARG F 262 14.62 -10.02 40.10
C ARG F 262 15.32 -8.84 39.45
N GLU F 263 16.61 -8.69 39.76
CA GLU F 263 17.46 -7.75 39.06
C GLU F 263 17.65 -8.29 37.64
N GLY F 264 18.00 -7.42 36.71
CA GLY F 264 18.15 -7.80 35.31
C GLY F 264 19.17 -8.91 35.09
N THR F 265 20.39 -8.71 35.58
CA THR F 265 21.46 -9.66 35.35
C THR F 265 21.69 -10.61 36.53
N THR F 266 21.68 -11.91 36.23
CA THR F 266 21.83 -12.96 37.24
C THR F 266 21.86 -14.33 36.58
N GLY F 267 22.14 -15.36 37.38
CA GLY F 267 22.04 -16.72 36.91
C GLY F 267 20.58 -17.02 36.65
N GLN F 268 20.27 -17.46 35.43
CA GLN F 268 18.88 -17.69 35.05
C GLN F 268 18.69 -18.98 34.27
N LYS F 269 17.43 -19.39 34.13
CA LYS F 269 17.09 -20.70 33.58
C LYS F 269 17.36 -20.81 32.09
N HIS F 270 16.86 -19.85 31.32
CA HIS F 270 16.92 -19.93 29.86
C HIS F 270 17.41 -18.62 29.27
N VAL F 271 18.49 -18.68 28.49
CA VAL F 271 19.18 -17.47 28.04
C VAL F 271 19.40 -17.38 26.54
N PHE F 272 19.53 -16.15 26.04
CA PHE F 272 19.97 -15.90 24.68
C PHE F 272 21.35 -15.27 24.72
N PRO F 273 22.33 -15.91 24.05
CA PRO F 273 23.70 -15.39 23.97
C PRO F 273 23.72 -14.01 23.34
N ALA F 274 24.71 -13.20 23.72
CA ALA F 274 24.84 -11.85 23.17
C ALA F 274 25.71 -11.86 21.91
N ASN F 275 26.17 -13.04 21.54
CA ASN F 275 27.00 -13.21 20.34
C ASN F 275 26.89 -14.63 19.74
N LYS F 276 27.22 -14.75 18.46
CA LYS F 276 27.08 -16.02 17.75
C LYS F 276 28.11 -17.10 18.11
N GLY F 277 29.39 -16.76 18.01
CA GLY F 277 30.43 -17.77 18.09
C GLY F 277 30.88 -18.19 19.48
N GLU F 278 30.11 -17.80 20.50
CA GLU F 278 30.46 -18.07 21.89
C GLU F 278 30.67 -19.56 22.22
N GLY F 279 29.56 -20.31 22.27
CA GLY F 279 29.59 -21.70 22.68
C GLY F 279 29.44 -22.70 21.55
N ASN F 280 29.79 -22.29 20.33
CA ASN F 280 29.41 -23.02 19.13
C ASN F 280 27.88 -23.10 19.07
N VAL F 281 27.25 -21.94 18.97
CA VAL F 281 25.80 -21.81 18.88
C VAL F 281 25.48 -20.91 17.68
N LYS F 282 24.22 -20.86 17.28
CA LYS F 282 23.83 -20.13 16.09
C LYS F 282 23.10 -18.83 16.40
N VAL F 283 21.84 -18.96 16.83
CA VAL F 283 21.02 -17.79 17.14
C VAL F 283 21.49 -17.06 18.40
N ALA F 284 21.69 -15.75 18.28
CA ALA F 284 22.07 -14.90 19.41
C ALA F 284 21.18 -13.66 19.44
N LYS F 285 21.42 -12.80 20.43
CA LYS F 285 20.65 -11.57 20.56
C LYS F 285 21.08 -10.55 19.49
N ASP F 286 22.31 -10.70 19.00
CA ASP F 286 22.83 -9.84 17.95
C ASP F 286 22.03 -9.96 16.67
N ASN F 287 21.96 -11.18 16.15
CA ASN F 287 21.24 -11.44 14.91
C ASN F 287 20.00 -12.30 15.12
N VAL F 288 18.83 -11.68 15.00
CA VAL F 288 17.56 -12.38 15.08
C VAL F 288 16.52 -11.73 14.16
N ILE F 289 15.76 -12.55 13.45
CA ILE F 289 14.67 -12.06 12.61
C ILE F 289 13.37 -12.74 13.02
N GLY F 290 13.31 -14.07 12.86
CA GLY F 290 12.08 -14.77 13.18
C GLY F 290 12.20 -16.17 13.73
N LEU F 291 11.10 -16.62 14.34
CA LEU F 291 11.01 -17.95 14.92
C LEU F 291 9.68 -18.53 14.48
N PHE F 292 9.60 -19.86 14.39
CA PHE F 292 8.38 -20.50 13.90
C PHE F 292 8.15 -21.90 14.45
N MET F 293 6.88 -22.32 14.48
CA MET F 293 6.50 -23.65 14.94
C MET F 293 5.17 -24.06 14.34
N HIS F 294 4.87 -25.36 14.39
CA HIS F 294 3.60 -25.93 13.94
C HIS F 294 2.66 -25.95 15.14
N ARG F 295 3.12 -25.27 16.19
CA ARG F 295 2.97 -25.60 17.60
C ARG F 295 3.59 -26.98 17.86
N SER F 296 3.16 -27.68 18.90
CA SER F 296 3.69 -28.99 19.27
C SER F 296 5.24 -29.03 19.28
N ALA F 297 5.87 -27.85 19.28
CA ALA F 297 7.32 -27.76 19.31
C ALA F 297 7.81 -27.46 20.71
N VAL F 298 6.89 -27.01 21.55
CA VAL F 298 7.16 -26.78 22.96
C VAL F 298 5.84 -26.94 23.70
N GLY F 299 5.88 -27.58 24.87
CA GLY F 299 4.71 -27.68 25.72
C GLY F 299 4.85 -26.79 26.93
N THR F 300 3.77 -26.58 27.66
CA THR F 300 3.86 -26.05 29.01
C THR F 300 3.05 -26.95 29.94
N VAL F 301 3.73 -27.63 30.85
CA VAL F 301 3.02 -28.39 31.88
C VAL F 301 2.35 -27.37 32.79
N LYS F 302 1.19 -27.72 33.32
CA LYS F 302 0.45 -26.80 34.17
C LYS F 302 -0.07 -27.50 35.43
N LEU F 303 0.37 -27.02 36.59
CA LEU F 303 -0.07 -27.59 37.87
C LEU F 303 -0.42 -26.49 38.88
N ARG F 304 -1.64 -26.54 39.39
CA ARG F 304 -2.15 -25.57 40.38
C ARG F 304 -2.29 -24.14 39.85
N ASP F 305 -1.83 -23.92 38.61
CA ASP F 305 -1.98 -22.65 37.92
C ASP F 305 -1.44 -21.44 38.70
N LEU F 306 -2.21 -20.36 38.70
CA LEU F 306 -1.80 -19.10 39.33
C LEU F 306 -2.75 -18.67 40.43
N ALA F 307 -2.28 -17.79 41.30
CA ALA F 307 -3.12 -17.23 42.33
C ALA F 307 -2.70 -15.83 42.74
N LEU F 308 -3.46 -15.24 43.65
CA LEU F 308 -3.14 -13.95 44.24
C LEU F 308 -3.72 -13.90 45.64
N GLU F 309 -3.03 -13.20 46.54
CA GLU F 309 -3.56 -13.01 47.89
C GLU F 309 -2.97 -11.79 48.60
N ARG F 310 -3.70 -11.33 49.61
CA ARG F 310 -3.33 -10.16 50.39
C ARG F 310 -2.85 -10.59 51.77
N ALA F 311 -1.92 -9.85 52.34
CA ALA F 311 -1.38 -10.20 53.65
C ALA F 311 -1.06 -8.98 54.51
N ARG F 312 -1.14 -9.17 55.83
CA ARG F 312 -0.82 -8.12 56.78
C ARG F 312 0.49 -8.46 57.47
N ARG F 313 1.37 -7.47 57.62
CA ARG F 313 2.63 -7.67 58.34
C ARG F 313 2.82 -6.58 59.39
N ALA F 314 2.85 -6.99 60.65
CA ALA F 314 2.90 -6.07 61.78
C ALA F 314 4.31 -5.53 62.08
N ASN F 315 5.32 -6.32 61.74
CA ASN F 315 6.71 -5.97 62.02
C ASN F 315 7.09 -4.58 61.54
N PHE F 316 6.92 -4.34 60.25
CA PHE F 316 7.15 -3.02 59.67
C PHE F 316 5.86 -2.22 59.54
N GLN F 317 4.77 -2.79 60.05
CA GLN F 317 3.45 -2.15 60.07
C GLN F 317 2.86 -1.98 58.68
N ALA F 318 3.63 -2.38 57.67
CA ALA F 318 3.24 -2.27 56.28
C ALA F 318 2.48 -3.51 55.81
N ASP F 319 1.44 -3.31 55.00
CA ASP F 319 0.66 -4.41 54.46
C ASP F 319 1.17 -4.79 53.07
N GLN F 320 1.20 -6.09 52.77
CA GLN F 320 1.78 -6.56 51.51
C GLN F 320 0.79 -7.32 50.62
N ILE F 321 1.08 -7.36 49.33
CA ILE F 321 0.31 -8.14 48.38
C ILE F 321 1.23 -9.10 47.63
N ILE F 322 0.80 -10.36 47.49
CA ILE F 322 1.63 -11.37 46.84
C ILE F 322 0.86 -12.16 45.78
N ALA F 323 1.50 -12.34 44.61
CA ALA F 323 0.93 -13.18 43.55
C ALA F 323 1.96 -14.23 43.15
N LYS F 324 1.50 -15.40 42.71
CA LYS F 324 2.41 -16.51 42.43
C LYS F 324 1.84 -17.49 41.42
N TYR F 325 2.73 -18.26 40.80
CA TYR F 325 2.36 -19.48 40.09
C TYR F 325 3.57 -20.39 39.86
N ALA F 326 3.32 -21.57 39.34
CA ALA F 326 4.39 -22.50 39.01
C ALA F 326 4.00 -23.37 37.84
N MET F 327 4.98 -23.62 36.95
CA MET F 327 4.82 -24.50 35.81
C MET F 327 6.12 -24.54 35.03
N GLY F 328 6.30 -25.56 34.22
CA GLY F 328 7.49 -25.67 33.42
C GLY F 328 7.24 -25.39 31.95
N HIS F 329 8.31 -25.32 31.17
CA HIS F 329 8.25 -25.26 29.74
C HIS F 329 9.45 -26.03 29.22
N GLY F 330 9.38 -26.49 27.97
CA GLY F 330 10.52 -27.16 27.38
C GLY F 330 10.28 -27.54 25.93
N GLY F 331 11.36 -27.76 25.19
CA GLY F 331 11.24 -28.16 23.80
C GLY F 331 10.90 -29.63 23.65
N LEU F 332 10.03 -29.93 22.70
CA LEU F 332 9.72 -31.30 22.31
C LEU F 332 9.34 -31.31 20.83
N ARG F 333 9.54 -32.45 20.17
CA ARG F 333 9.41 -32.54 18.72
C ARG F 333 10.18 -31.40 18.02
N PRO F 334 11.52 -31.38 18.17
CA PRO F 334 12.35 -30.36 17.53
C PRO F 334 12.24 -30.38 16.02
N GLU F 335 11.68 -31.48 15.50
CA GLU F 335 11.42 -31.68 14.09
C GLU F 335 10.68 -30.52 13.44
N ALA F 336 9.78 -29.89 14.20
CA ALA F 336 8.89 -28.88 13.65
C ALA F 336 9.35 -27.43 13.86
N ALA F 337 10.51 -27.24 14.48
CA ALA F 337 10.96 -25.89 14.81
C ALA F 337 12.24 -25.43 14.08
N GLY F 338 12.62 -24.18 14.33
CA GLY F 338 13.76 -23.56 13.70
C GLY F 338 13.61 -22.05 13.65
N ALA F 339 14.63 -21.35 13.15
CA ALA F 339 14.57 -19.89 13.11
C ALA F 339 15.21 -19.29 11.86
N VAL F 340 15.12 -17.97 11.75
CA VAL F 340 15.72 -17.23 10.65
C VAL F 340 16.46 -16.00 11.19
N VAL F 341 17.75 -15.90 10.87
CA VAL F 341 18.63 -14.87 11.42
C VAL F 341 19.58 -14.32 10.36
N PHE F 342 20.25 -13.21 10.69
CA PHE F 342 21.29 -12.65 9.81
C PHE F 342 22.46 -13.61 9.69
N LYS F 343 23.23 -13.47 8.61
CA LYS F 343 24.49 -14.20 8.46
C LYS F 343 25.61 -13.34 9.05
N VAL F 344 26.85 -13.80 8.89
CA VAL F 344 28.00 -13.04 9.37
C VAL F 344 29.13 -13.04 8.34
N ALA G 2 -9.42 -17.69 130.98
CA ALA G 2 -8.04 -17.87 130.55
C ALA G 2 -7.96 -18.34 129.10
N SER G 3 -6.87 -17.97 128.43
CA SER G 3 -6.64 -18.40 127.06
C SER G 3 -6.58 -19.91 126.96
N MET G 4 -7.28 -20.47 125.98
CA MET G 4 -7.35 -21.92 125.82
C MET G 4 -6.69 -22.41 124.53
N THR G 5 -5.77 -23.37 124.67
CA THR G 5 -5.17 -24.02 123.52
C THR G 5 -6.23 -24.93 122.91
N GLY G 6 -6.06 -25.28 121.64
CA GLY G 6 -7.10 -25.99 120.91
C GLY G 6 -7.83 -25.05 119.98
N GLY G 7 -8.96 -25.51 119.44
CA GLY G 7 -9.66 -24.76 118.42
C GLY G 7 -9.15 -25.18 117.07
N GLN G 8 -8.18 -26.08 117.10
CA GLN G 8 -7.59 -26.72 115.91
C GLN G 8 -6.76 -25.77 115.03
N GLN G 9 -6.91 -24.46 115.26
CA GLN G 9 -6.16 -23.42 114.53
C GLN G 9 -6.01 -23.71 113.03
N MET G 10 -7.12 -23.63 112.30
CA MET G 10 -7.17 -24.07 110.90
C MET G 10 -5.99 -23.56 110.08
N GLY G 11 -5.68 -22.27 110.18
CA GLY G 11 -4.46 -21.77 109.60
C GLY G 11 -3.24 -22.27 110.34
N THR G 12 -2.39 -23.00 109.62
CA THR G 12 -1.12 -23.54 110.10
C THR G 12 -0.54 -24.41 109.00
N ASN G 13 0.70 -24.85 109.16
CA ASN G 13 1.29 -25.80 108.23
C ASN G 13 1.16 -27.21 108.78
N GLN G 14 1.90 -27.46 109.86
CA GLN G 14 1.92 -28.73 110.59
C GLN G 14 2.68 -29.82 109.82
N GLY G 15 2.83 -29.62 108.52
CA GLY G 15 3.71 -30.42 107.68
C GLY G 15 3.60 -31.93 107.84
N LYS G 16 4.75 -32.59 107.68
CA LYS G 16 4.94 -33.94 108.17
C LYS G 16 6.05 -33.80 109.21
N GLY G 17 7.28 -33.64 108.72
CA GLY G 17 8.30 -33.01 109.53
C GLY G 17 8.22 -31.53 109.24
N VAL G 18 8.48 -30.69 110.23
CA VAL G 18 8.46 -29.24 110.05
C VAL G 18 9.35 -28.55 111.08
N VAL G 19 9.69 -27.30 110.83
CA VAL G 19 10.60 -26.58 111.71
C VAL G 19 9.91 -25.62 112.67
N ALA G 20 9.91 -25.99 113.95
CA ALA G 20 9.57 -25.09 115.06
C ALA G 20 8.14 -24.56 115.11
N ALA G 21 7.36 -24.79 114.06
CA ALA G 21 6.02 -24.21 113.92
C ALA G 21 6.07 -22.70 114.13
N GLY G 22 6.94 -22.04 113.38
CA GLY G 22 7.25 -20.64 113.60
C GLY G 22 6.10 -19.66 113.37
N ASP G 23 5.50 -19.71 112.18
CA ASP G 23 4.45 -18.74 111.86
C ASP G 23 3.06 -19.33 111.66
N LYS G 24 2.13 -18.91 112.50
CA LYS G 24 0.72 -19.16 112.31
C LYS G 24 0.01 -17.81 112.44
N LEU G 25 -0.57 -17.29 111.36
CA LEU G 25 -0.73 -17.92 110.04
C LEU G 25 0.62 -17.98 109.26
N ALA G 26 0.73 -18.58 108.06
CA ALA G 26 -0.38 -18.99 107.17
C ALA G 26 -0.22 -20.29 106.40
N LEU G 27 -1.33 -21.01 106.24
CA LEU G 27 -1.50 -21.94 105.13
C LEU G 27 -2.28 -21.15 104.08
N PHE G 28 -2.67 -19.94 104.47
CA PHE G 28 -3.50 -19.08 103.63
C PHE G 28 -2.75 -18.62 102.39
N LEU G 29 -3.50 -18.22 101.37
CA LEU G 29 -2.91 -17.77 100.11
C LEU G 29 -3.27 -16.31 99.84
N LYS G 30 -2.28 -15.53 99.41
CA LYS G 30 -2.49 -14.13 99.07
C LYS G 30 -3.46 -13.99 97.91
N VAL G 31 -4.30 -12.96 97.95
CA VAL G 31 -5.38 -12.81 96.98
C VAL G 31 -5.24 -11.54 96.14
N PHE G 32 -5.91 -11.52 94.99
CA PHE G 32 -5.91 -10.38 94.08
C PHE G 32 -6.33 -9.09 94.78
N GLY G 33 -5.54 -8.04 94.60
CA GLY G 33 -5.87 -6.74 95.16
C GLY G 33 -7.14 -6.22 94.51
N GLY G 34 -8.12 -5.87 95.34
CA GLY G 34 -9.43 -5.47 94.86
C GLY G 34 -9.43 -4.37 93.83
N GLU G 35 -8.42 -3.50 93.90
CA GLU G 35 -8.27 -2.41 92.94
C GLU G 35 -6.85 -2.34 92.39
N VAL G 36 -6.73 -2.51 91.08
CA VAL G 36 -5.44 -2.45 90.40
C VAL G 36 -4.87 -1.04 90.45
N LEU G 37 -3.54 -0.93 90.42
CA LEU G 37 -2.87 0.38 90.39
C LEU G 37 -2.00 0.49 89.15
N THR G 38 -1.67 1.73 88.79
CA THR G 38 -0.75 1.99 87.69
C THR G 38 0.12 3.20 88.04
N ALA G 39 1.35 3.20 87.52
CA ALA G 39 2.27 4.32 87.75
C ALA G 39 1.66 5.61 87.24
N PHE G 40 1.85 6.69 88.00
CA PHE G 40 1.36 8.00 87.60
C PHE G 40 1.98 8.40 86.26
N ALA G 41 1.21 9.09 85.43
CA ALA G 41 1.71 9.59 84.16
C ALA G 41 1.46 11.09 84.10
N ARG G 42 2.42 11.82 83.54
CA ARG G 42 2.33 13.27 83.42
C ARG G 42 1.07 13.65 82.64
N THR G 43 0.27 14.53 83.24
CA THR G 43 -0.98 14.97 82.61
C THR G 43 -0.69 15.76 81.34
N SER G 44 -1.68 15.79 80.45
CA SER G 44 -1.52 16.50 79.19
C SER G 44 -1.98 17.95 79.31
N VAL G 45 -1.07 18.88 79.07
CA VAL G 45 -1.40 20.31 79.13
C VAL G 45 -2.13 20.73 77.86
N THR G 46 -2.11 19.84 76.87
CA THR G 46 -2.92 19.99 75.66
C THR G 46 -3.94 18.85 75.79
N THR G 47 -4.95 18.72 74.92
CA THR G 47 -5.24 19.54 73.75
C THR G 47 -6.10 20.76 74.11
N SER G 48 -6.31 20.95 75.41
CA SER G 48 -7.18 22.02 75.91
C SER G 48 -6.78 23.43 75.47
N ARG G 49 -5.59 23.56 74.89
CA ARG G 49 -5.08 24.87 74.48
C ARG G 49 -5.01 25.10 72.97
N HIS G 50 -4.05 24.44 72.32
CA HIS G 50 -3.61 24.87 70.99
C HIS G 50 -4.27 24.20 69.77
N MET G 51 -5.04 24.98 69.01
CA MET G 51 -5.45 24.59 67.64
C MET G 51 -6.08 23.20 67.52
N VAL G 52 -5.36 22.29 66.86
CA VAL G 52 -5.74 20.88 66.56
C VAL G 52 -6.57 20.63 65.31
N ARG G 53 -6.89 21.70 64.57
CA ARG G 53 -7.68 21.59 63.35
C ARG G 53 -7.11 20.50 62.42
N SER G 54 -7.99 19.59 62.00
CA SER G 54 -7.54 18.35 61.35
C SER G 54 -7.80 18.31 59.85
N ILE G 55 -6.91 17.62 59.13
CA ILE G 55 -6.98 17.51 57.68
C ILE G 55 -6.53 16.13 57.20
N SER G 56 -7.27 15.56 56.24
CA SER G 56 -6.95 14.26 55.66
C SER G 56 -6.06 14.39 54.44
N SER G 57 -5.91 13.30 53.69
CA SER G 57 -5.19 13.28 52.42
C SER G 57 -3.72 13.71 52.47
N GLY G 58 -3.42 14.82 51.79
CA GLY G 58 -2.07 15.15 51.36
C GLY G 58 -0.94 15.28 52.38
N LYS G 59 0.27 15.39 51.83
CA LYS G 59 1.52 15.38 52.60
C LYS G 59 1.60 16.41 53.71
N SER G 60 1.67 17.68 53.34
CA SER G 60 1.94 18.75 54.29
C SER G 60 0.83 19.79 54.30
N ALA G 61 0.80 20.59 55.36
CA ALA G 61 -0.27 21.58 55.53
C ALA G 61 0.33 22.98 55.51
N GLN G 62 -0.51 23.97 55.24
CA GLN G 62 -0.10 25.37 55.30
C GLN G 62 -1.33 26.23 55.54
N PHE G 63 -1.14 27.45 56.02
CA PHE G 63 -2.25 28.35 56.20
C PHE G 63 -1.96 29.73 55.63
N PRO G 64 -2.94 30.32 54.94
CA PRO G 64 -2.83 31.69 54.45
C PRO G 64 -3.14 32.68 55.56
N VAL G 65 -2.54 33.87 55.50
CA VAL G 65 -2.94 34.97 56.37
C VAL G 65 -2.95 36.29 55.63
N LEU G 66 -3.24 37.37 56.36
CA LEU G 66 -3.48 38.69 55.79
C LEU G 66 -3.67 39.66 56.94
N GLY G 67 -3.64 40.96 56.67
CA GLY G 67 -3.77 41.91 57.76
C GLY G 67 -4.23 43.34 57.50
N ARG G 68 -4.83 43.90 58.54
CA ARG G 68 -5.26 45.29 58.64
C ARG G 68 -6.09 45.84 57.48
N THR G 69 -5.89 47.12 57.19
CA THR G 69 -6.59 47.88 56.16
C THR G 69 -6.21 49.35 56.29
N GLN G 70 -6.66 50.17 55.35
CA GLN G 70 -6.62 51.62 55.53
C GLN G 70 -7.97 52.19 55.14
N ALA G 71 -8.68 52.76 56.11
CA ALA G 71 -10.01 53.31 55.86
C ALA G 71 -9.94 54.83 55.75
N ALA G 72 -10.14 55.33 54.54
CA ALA G 72 -10.03 56.76 54.27
C ALA G 72 -11.38 57.34 53.86
N TYR G 73 -11.59 58.62 54.17
CA TYR G 73 -12.77 59.33 53.73
C TYR G 73 -12.76 59.43 52.22
N LEU G 74 -13.94 59.50 51.61
CA LEU G 74 -14.03 59.82 50.20
C LEU G 74 -14.65 61.20 50.09
N ALA G 75 -13.83 62.19 49.72
CA ALA G 75 -14.33 63.54 49.50
C ALA G 75 -15.16 63.52 48.23
N PRO G 76 -16.46 63.83 48.36
CA PRO G 76 -17.44 63.72 47.28
C PRO G 76 -17.04 64.44 46.01
N GLY G 77 -17.36 63.87 44.86
CA GLY G 77 -16.97 64.44 43.57
C GLY G 77 -15.52 64.18 43.24
N GLU G 78 -15.04 62.99 43.59
CA GLU G 78 -13.65 62.59 43.33
C GLU G 78 -13.57 61.12 42.93
N ASN G 79 -12.36 60.59 42.81
CA ASN G 79 -12.16 59.23 42.32
C ASN G 79 -11.95 58.19 43.41
N LEU G 80 -12.52 57.00 43.19
CA LEU G 80 -12.34 55.87 44.11
C LEU G 80 -11.14 55.00 43.73
N ASP G 81 -10.57 55.26 42.56
CA ASP G 81 -9.41 54.51 42.08
C ASP G 81 -8.11 55.21 42.43
N ASP G 82 -8.22 56.41 43.02
CA ASP G 82 -7.07 57.25 43.32
C ASP G 82 -6.01 56.55 44.18
N LYS G 83 -6.43 55.96 45.30
CA LYS G 83 -5.48 55.34 46.22
C LYS G 83 -5.87 53.94 46.68
N ARG G 84 -5.07 52.95 46.31
CA ARG G 84 -5.15 51.61 46.88
C ARG G 84 -3.76 51.07 47.17
N LYS G 85 -3.47 50.83 48.45
CA LYS G 85 -2.24 50.18 48.85
C LYS G 85 -2.48 48.69 49.04
N ASP G 86 -3.69 48.27 48.68
CA ASP G 86 -4.15 46.87 48.75
C ASP G 86 -3.93 46.18 50.10
N ILE G 87 -3.58 44.90 50.05
CA ILE G 87 -3.40 44.09 51.24
C ILE G 87 -2.22 43.15 51.07
N LYS G 88 -1.39 43.01 52.10
CA LYS G 88 -0.28 42.07 52.07
C LYS G 88 -0.79 40.64 52.15
N HIS G 89 -0.13 39.73 51.44
CA HIS G 89 -0.55 38.32 51.39
C HIS G 89 0.62 37.35 51.53
N THR G 90 0.57 36.51 52.55
CA THR G 90 1.61 35.50 52.77
C THR G 90 1.04 34.33 53.59
N GLU G 91 1.69 33.17 53.50
CA GLU G 91 1.24 31.98 54.20
C GLU G 91 2.37 31.46 55.10
N LYS G 92 2.02 30.59 56.05
CA LYS G 92 3.04 29.83 56.77
C LYS G 92 2.83 28.33 56.58
N VAL G 93 3.93 27.62 56.30
CA VAL G 93 3.88 26.21 55.97
C VAL G 93 4.33 25.33 57.13
N ILE G 94 3.67 24.18 57.28
CA ILE G 94 4.02 23.18 58.29
C ILE G 94 4.06 21.79 57.67
N THR G 95 5.17 21.09 57.86
CA THR G 95 5.36 19.76 57.31
C THR G 95 5.39 18.70 58.40
N ILE G 96 4.57 17.65 58.23
CA ILE G 96 4.47 16.59 59.22
C ILE G 96 5.75 15.75 59.29
N ASP G 97 5.94 15.07 60.41
CA ASP G 97 7.08 14.18 60.60
C ASP G 97 6.56 12.75 60.64
N GLY G 98 7.31 11.81 60.06
CA GLY G 98 6.76 10.49 59.84
C GLY G 98 6.39 9.71 61.09
N LEU G 99 5.10 9.40 61.19
CA LEU G 99 4.51 8.56 62.22
C LEU G 99 4.94 8.85 63.67
N LEU G 100 4.96 7.76 64.43
CA LEU G 100 5.61 7.58 65.73
C LEU G 100 5.06 6.23 66.16
N THR G 101 5.59 5.63 67.21
CA THR G 101 5.03 4.36 67.66
C THR G 101 5.23 4.05 69.15
N ALA G 102 4.34 3.23 69.68
CA ALA G 102 4.54 2.57 70.97
C ALA G 102 3.92 1.19 70.88
N ASP G 103 4.60 0.17 71.39
CA ASP G 103 4.10 -1.19 71.26
C ASP G 103 4.55 -2.12 72.40
N VAL G 104 3.82 -3.21 72.59
CA VAL G 104 4.09 -4.13 73.69
C VAL G 104 3.85 -5.58 73.27
N LEU G 105 4.72 -6.48 73.71
CA LEU G 105 4.56 -7.91 73.45
C LEU G 105 4.14 -8.66 74.71
N ILE G 106 3.19 -9.57 74.55
CA ILE G 106 2.76 -10.43 75.65
C ILE G 106 2.67 -11.89 75.20
N TYR G 107 3.44 -12.75 75.86
CA TYR G 107 3.45 -14.17 75.56
C TYR G 107 2.21 -14.84 76.14
N ASP G 108 1.75 -15.91 75.50
CA ASP G 108 0.58 -16.66 75.95
C ASP G 108 0.65 -17.05 77.43
N ILE G 109 1.83 -17.47 77.85
CA ILE G 109 2.06 -17.90 79.24
C ILE G 109 1.62 -16.83 80.23
N GLU G 110 2.27 -15.67 80.20
CA GLU G 110 1.94 -14.58 81.11
C GLU G 110 0.54 -14.01 80.83
N ASP G 111 0.05 -14.24 79.63
CA ASP G 111 -1.30 -13.80 79.25
C ASP G 111 -2.37 -14.55 80.05
N ALA G 112 -2.30 -15.88 80.01
CA ALA G 112 -3.29 -16.71 80.71
C ALA G 112 -3.02 -16.80 82.21
N MET G 113 -1.75 -16.95 82.57
CA MET G 113 -1.36 -17.20 83.96
C MET G 113 -1.66 -16.04 84.93
N ASN G 114 -1.35 -14.82 84.51
CA ASN G 114 -1.45 -13.67 85.41
C ASN G 114 -2.84 -13.02 85.51
N HIS G 115 -3.81 -13.58 84.79
CA HIS G 115 -5.24 -13.56 85.15
C HIS G 115 -6.08 -12.28 85.01
N TYR G 116 -5.46 -11.10 84.92
CA TYR G 116 -6.28 -9.89 84.93
C TYR G 116 -5.97 -8.82 83.88
N ASP G 117 -6.88 -8.65 82.93
CA ASP G 117 -7.17 -7.35 82.30
C ASP G 117 -5.97 -6.42 82.06
N VAL G 118 -4.84 -6.98 81.65
CA VAL G 118 -3.60 -6.21 81.59
C VAL G 118 -3.51 -5.26 80.39
N ARG G 119 -3.98 -5.74 79.23
CA ARG G 119 -3.96 -4.93 78.02
C ARG G 119 -4.86 -3.70 78.16
N SER G 120 -5.89 -3.82 78.99
CA SER G 120 -6.86 -2.74 79.23
C SER G 120 -6.17 -1.47 79.70
N GLU G 121 -5.37 -1.59 80.76
CA GLU G 121 -4.59 -0.46 81.26
C GLU G 121 -3.36 -0.20 80.40
N TYR G 122 -2.79 -1.26 79.81
CA TYR G 122 -1.65 -1.13 78.91
C TYR G 122 -1.90 -0.10 77.80
N THR G 123 -3.05 -0.23 77.16
CA THR G 123 -3.47 0.70 76.09
C THR G 123 -3.41 2.17 76.54
N SER G 124 -4.02 2.43 77.70
CA SER G 124 -4.05 3.77 78.27
C SER G 124 -2.64 4.28 78.56
N GLN G 125 -1.81 3.40 79.11
CA GLN G 125 -0.40 3.73 79.37
C GLN G 125 0.29 4.17 78.09
N LEU G 126 0.05 3.45 77.01
CA LEU G 126 0.58 3.81 75.69
C LEU G 126 0.06 5.19 75.25
N GLY G 127 -1.22 5.43 75.50
CA GLY G 127 -1.84 6.71 75.16
C GLY G 127 -1.19 7.90 75.82
N GLU G 128 -1.05 7.85 77.14
CA GLU G 128 -0.43 8.96 77.87
C GLU G 128 1.07 9.07 77.55
N SER G 129 1.69 7.91 77.31
CA SER G 129 3.08 7.87 76.86
C SER G 129 3.24 8.68 75.57
N LEU G 130 2.26 8.57 74.69
CA LEU G 130 2.20 9.40 73.48
C LEU G 130 1.97 10.87 73.84
N ALA G 131 1.06 11.10 74.78
CA ALA G 131 0.72 12.46 75.23
C ALA G 131 1.95 13.26 75.67
N MET G 132 2.85 12.64 76.43
CA MET G 132 4.08 13.31 76.85
C MET G 132 4.91 13.75 75.65
N ALA G 133 5.10 12.83 74.70
CA ALA G 133 5.85 13.12 73.47
C ALA G 133 5.24 14.32 72.74
N ALA G 134 3.92 14.31 72.60
CA ALA G 134 3.20 15.42 71.99
C ALA G 134 3.48 16.75 72.69
N ASP G 135 3.30 16.76 74.01
CA ASP G 135 3.49 17.95 74.83
C ASP G 135 4.90 18.54 74.66
N GLY G 136 5.90 17.71 74.96
CA GLY G 136 7.30 18.12 74.88
C GLY G 136 7.68 18.60 73.50
N ALA G 137 7.27 17.84 72.48
CA ALA G 137 7.53 18.20 71.09
C ALA G 137 6.95 19.58 70.74
N VAL G 138 5.68 19.79 71.09
CA VAL G 138 5.04 21.08 70.85
C VAL G 138 5.82 22.22 71.51
N LEU G 139 6.02 22.13 72.83
CA LEU G 139 6.73 23.17 73.57
C LEU G 139 8.10 23.49 72.96
N ALA G 140 8.87 22.44 72.73
CA ALA G 140 10.16 22.55 72.05
C ALA G 140 10.03 23.35 70.76
N GLU G 141 9.22 22.84 69.84
CA GLU G 141 9.10 23.45 68.51
C GLU G 141 8.55 24.88 68.48
N ILE G 142 7.58 25.22 69.32
CA ILE G 142 7.19 26.63 69.40
C ILE G 142 8.39 27.45 69.84
N ALA G 143 9.07 27.00 70.90
CA ALA G 143 10.24 27.76 71.37
C ALA G 143 11.28 27.96 70.26
N GLY G 144 11.97 26.88 69.90
CA GLY G 144 13.06 26.97 68.94
C GLY G 144 12.62 27.38 67.54
N LEU G 145 11.72 26.60 66.94
CA LEU G 145 11.21 26.96 65.61
C LEU G 145 10.48 28.30 65.58
N CYS G 146 9.37 28.40 66.32
CA CYS G 146 8.49 29.57 66.19
C CYS G 146 9.07 30.87 66.77
N ASN G 147 10.04 30.77 67.67
CA ASN G 147 10.67 32.01 68.18
C ASN G 147 12.02 32.36 67.55
N VAL G 148 13.05 31.59 67.90
CA VAL G 148 14.41 31.93 67.48
C VAL G 148 14.60 32.02 65.97
N GLU G 149 15.13 33.16 65.53
CA GLU G 149 15.45 33.39 64.12
C GLU G 149 16.29 34.65 63.98
N SER G 150 16.67 34.97 62.74
CA SER G 150 17.45 36.17 62.48
C SER G 150 16.84 36.98 61.35
N LYS G 151 16.46 38.22 61.65
CA LYS G 151 15.98 39.20 60.66
C LYS G 151 14.64 38.85 60.01
N TYR G 152 14.09 37.68 60.32
CA TYR G 152 12.88 37.22 59.64
C TYR G 152 11.66 37.16 60.57
N ASN G 153 10.74 38.08 60.34
CA ASN G 153 9.43 38.07 60.98
C ASN G 153 8.38 37.91 59.89
N GLU G 154 7.10 37.97 60.26
CA GLU G 154 6.04 37.75 59.27
C GLU G 154 5.22 39.01 58.99
N ASN G 155 4.60 39.05 57.82
CA ASN G 155 3.82 40.19 57.33
C ASN G 155 4.54 41.56 57.40
N ILE G 156 5.56 41.71 56.56
CA ILE G 156 6.35 42.94 56.43
C ILE G 156 6.80 43.47 57.81
N GLU G 157 6.71 44.78 58.04
CA GLU G 157 6.95 45.35 59.36
C GLU G 157 5.63 45.44 60.12
N GLY G 158 4.58 44.92 59.51
CA GLY G 158 3.23 44.98 60.06
C GLY G 158 3.12 44.54 61.51
N LEU G 159 3.78 43.43 61.84
CA LEU G 159 3.85 42.96 63.22
C LEU G 159 5.27 42.53 63.57
N GLY G 160 5.45 42.02 64.78
CA GLY G 160 6.74 41.56 65.23
C GLY G 160 6.73 41.04 66.65
N THR G 161 7.71 40.22 67.00
CA THR G 161 7.77 39.64 68.34
C THR G 161 8.99 40.11 69.12
N ALA G 162 9.07 39.69 70.37
CA ALA G 162 10.22 39.99 71.23
C ALA G 162 10.28 39.00 72.37
N THR G 163 11.46 38.88 72.98
CA THR G 163 11.62 38.11 74.21
C THR G 163 12.25 39.01 75.26
N VAL G 164 11.49 39.30 76.32
CA VAL G 164 11.93 40.27 77.31
C VAL G 164 12.96 39.67 78.27
N ILE G 165 14.16 40.25 78.25
CA ILE G 165 15.23 39.85 79.16
C ILE G 165 14.95 40.49 80.52
N GLU G 166 15.52 39.91 81.57
CA GLU G 166 15.46 40.51 82.88
C GLU G 166 16.19 41.87 82.82
N THR G 167 15.61 42.88 83.45
CA THR G 167 16.15 44.23 83.39
C THR G 167 17.11 44.52 84.54
N THR G 168 18.39 44.65 84.19
CA THR G 168 19.45 45.00 85.15
C THR G 168 19.48 44.13 86.40
N GLN G 169 19.50 42.81 86.21
CA GLN G 169 19.62 41.87 87.31
C GLN G 169 20.26 40.57 86.83
N ASN G 170 20.93 39.85 87.73
CA ASN G 170 21.69 38.66 87.36
C ASN G 170 21.09 37.37 87.89
N LYS G 171 21.33 36.28 87.15
CA LYS G 171 20.81 34.96 87.50
C LYS G 171 21.62 34.26 88.59
N ALA G 172 22.92 34.54 88.62
CA ALA G 172 23.83 33.91 89.57
C ALA G 172 23.44 34.12 91.04
N ALA G 173 23.42 35.38 91.47
CA ALA G 173 23.09 35.74 92.85
C ALA G 173 21.67 35.37 93.23
N LEU G 174 20.88 34.95 92.25
CA LEU G 174 19.50 34.52 92.46
C LEU G 174 19.41 33.08 92.97
N THR G 175 18.20 32.52 92.88
CA THR G 175 17.83 31.26 93.53
C THR G 175 17.79 31.43 95.04
N ASP G 176 17.40 32.64 95.46
CA ASP G 176 17.16 32.93 96.87
C ASP G 176 15.68 32.70 97.18
N GLN G 177 14.94 32.29 96.15
CA GLN G 177 13.55 31.86 96.27
C GLN G 177 12.53 32.94 96.65
N VAL G 178 13.02 34.15 96.90
CA VAL G 178 12.14 35.27 97.23
C VAL G 178 12.22 36.38 96.18
N ALA G 179 13.40 36.97 96.03
CA ALA G 179 13.64 38.02 95.04
C ALA G 179 13.30 37.53 93.63
N LEU G 180 13.52 36.24 93.40
CA LEU G 180 13.18 35.57 92.15
C LEU G 180 11.74 35.86 91.72
N GLY G 181 10.78 35.45 92.55
CA GLY G 181 9.37 35.67 92.28
C GLY G 181 9.01 37.11 91.95
N LYS G 182 9.57 38.05 92.70
CA LYS G 182 9.29 39.47 92.48
C LYS G 182 9.79 39.92 91.10
N GLU G 183 11.05 39.60 90.83
CA GLU G 183 11.67 39.90 89.54
C GLU G 183 10.82 39.36 88.39
N ILE G 184 10.46 38.08 88.49
CA ILE G 184 9.63 37.43 87.49
C ILE G 184 8.27 38.12 87.35
N ILE G 185 7.71 38.59 88.46
CA ILE G 185 6.43 39.30 88.43
C ILE G 185 6.51 40.59 87.61
N ALA G 186 7.44 41.48 87.99
CA ALA G 186 7.57 42.76 87.29
C ALA G 186 7.94 42.56 85.81
N ALA G 187 8.89 41.67 85.57
CA ALA G 187 9.29 41.32 84.21
C ALA G 187 8.11 40.81 83.40
N LEU G 188 7.24 40.04 84.05
CA LEU G 188 6.06 39.49 83.38
C LEU G 188 5.03 40.58 83.07
N THR G 189 4.97 41.59 83.94
CA THR G 189 4.13 42.76 83.64
C THR G 189 4.63 43.41 82.35
N LYS G 190 5.95 43.61 82.29
CA LYS G 190 6.58 44.16 81.09
C LYS G 190 6.28 43.33 79.86
N ALA G 191 6.29 42.01 80.03
CA ALA G 191 5.98 41.08 78.94
C ALA G 191 4.56 41.24 78.44
N ARG G 192 3.60 41.26 79.37
CA ARG G 192 2.19 41.49 79.07
C ARG G 192 1.96 42.78 78.30
N ALA G 193 2.56 43.86 78.78
CA ALA G 193 2.45 45.16 78.12
C ALA G 193 3.02 45.09 76.70
N ALA G 194 4.21 44.49 76.59
CA ALA G 194 4.87 44.30 75.30
C ALA G 194 4.00 43.52 74.32
N LEU G 195 3.21 42.60 74.85
CA LEU G 195 2.24 41.87 74.04
C LEU G 195 1.10 42.78 73.60
N THR G 196 0.52 43.52 74.55
CA THR G 196 -0.59 44.42 74.28
C THR G 196 -0.27 45.41 73.16
N LYS G 197 0.94 45.98 73.21
CA LYS G 197 1.37 46.93 72.20
C LYS G 197 1.36 46.32 70.79
N ASN G 198 1.40 44.99 70.73
CA ASN G 198 1.42 44.27 69.45
C ASN G 198 0.00 43.94 68.95
N TYR G 199 -1.01 44.49 69.63
CA TYR G 199 -2.40 44.39 69.19
C TYR G 199 -2.88 42.94 69.12
N VAL G 200 -2.94 42.26 70.26
CA VAL G 200 -3.40 40.88 70.33
C VAL G 200 -4.62 40.76 71.25
N PRO G 201 -5.53 39.81 70.97
CA PRO G 201 -6.77 39.69 71.74
C PRO G 201 -6.54 39.37 73.22
N ALA G 202 -7.61 39.33 74.01
CA ALA G 202 -7.46 39.28 75.47
C ALA G 202 -7.91 37.99 76.13
N ALA G 203 -7.70 37.93 77.44
CA ALA G 203 -7.83 36.71 78.25
C ALA G 203 -7.08 35.57 77.58
N ASP G 204 -7.59 34.35 77.68
CA ASP G 204 -7.20 33.25 76.80
C ASP G 204 -5.70 32.89 76.81
N ARG G 205 -4.88 33.74 77.42
CA ARG G 205 -3.43 33.56 77.42
C ARG G 205 -3.01 32.56 78.49
N VAL G 206 -1.84 31.94 78.29
CA VAL G 206 -1.33 31.00 79.28
C VAL G 206 0.21 31.11 79.35
N PHE G 207 0.78 30.72 80.49
CA PHE G 207 2.23 30.79 80.70
C PHE G 207 2.75 29.46 81.24
N TYR G 208 3.61 28.81 80.47
CA TYR G 208 4.19 27.53 80.85
C TYR G 208 5.53 27.77 81.56
N CYS G 209 5.82 26.96 82.57
CA CYS G 209 7.03 27.15 83.37
C CYS G 209 7.56 25.86 83.98
N ASP G 210 8.57 25.99 84.83
CA ASP G 210 9.17 24.86 85.53
C ASP G 210 8.90 25.00 87.02
N PRO G 211 8.88 23.88 87.77
CA PRO G 211 8.45 23.89 89.18
C PRO G 211 9.26 24.79 90.13
N ASP G 212 10.59 24.74 90.02
CA ASP G 212 11.47 25.49 90.93
C ASP G 212 11.14 26.99 90.97
N SER G 213 11.05 27.60 89.80
CA SER G 213 10.69 29.01 89.69
C SER G 213 9.27 29.24 90.21
N TYR G 214 8.36 28.38 89.79
CA TYR G 214 6.94 28.45 90.17
C TYR G 214 6.76 28.53 91.69
N SER G 215 7.60 27.81 92.41
CA SER G 215 7.65 27.91 93.86
C SER G 215 7.84 29.36 94.28
N ALA G 216 8.95 29.95 93.86
CA ALA G 216 9.28 31.35 94.15
C ALA G 216 8.19 32.33 93.70
N ILE G 217 7.48 32.00 92.62
CA ILE G 217 6.35 32.80 92.17
C ILE G 217 5.25 32.77 93.23
N LEU G 218 4.98 31.57 93.76
CA LEU G 218 4.04 31.44 94.87
C LEU G 218 4.59 32.11 96.14
N ALA G 219 5.90 32.34 96.18
CA ALA G 219 6.55 32.96 97.32
C ALA G 219 6.45 34.48 97.35
N ALA G 220 6.62 35.12 96.18
CA ALA G 220 6.51 36.57 96.07
C ALA G 220 5.10 37.05 96.42
N LEU G 221 4.11 36.44 95.77
CA LEU G 221 2.71 36.57 96.16
C LEU G 221 2.59 35.86 97.50
N MET G 222 1.52 36.14 98.26
CA MET G 222 1.34 35.53 99.58
C MET G 222 2.26 36.22 100.62
N PRO G 223 2.11 35.93 101.95
CA PRO G 223 2.55 36.88 102.99
C PRO G 223 3.98 37.44 102.85
N ASN G 224 4.27 38.63 103.38
CA ASN G 224 3.49 39.36 104.40
C ASN G 224 2.02 39.74 104.11
N ALA G 225 1.16 39.35 105.04
CA ALA G 225 -0.27 39.66 105.02
C ALA G 225 -0.93 39.34 103.68
N ALA G 226 -0.99 38.05 103.35
CA ALA G 226 -1.62 37.61 102.12
C ALA G 226 -3.09 37.97 102.12
N ASN G 227 -3.54 38.61 101.05
CA ASN G 227 -4.95 38.91 100.88
C ASN G 227 -5.73 37.63 100.55
N TYR G 228 -4.97 36.56 100.30
CA TYR G 228 -5.53 35.24 100.03
C TYR G 228 -4.42 34.20 99.86
N ALA G 229 -4.79 32.93 99.98
CA ALA G 229 -3.88 31.83 99.73
C ALA G 229 -4.05 31.36 98.30
N ALA G 230 -4.84 32.13 97.55
CA ALA G 230 -5.26 31.82 96.19
C ALA G 230 -4.08 31.57 95.23
N LEU G 231 -4.28 30.70 94.25
CA LEU G 231 -5.51 29.93 94.10
C LEU G 231 -5.27 28.44 93.83
N ILE G 232 -4.66 28.18 92.68
CA ILE G 232 -4.69 26.88 92.00
C ILE G 232 -6.16 26.48 91.84
N ASP G 233 -6.46 25.18 91.94
CA ASP G 233 -7.84 24.69 92.03
C ASP G 233 -8.72 24.97 90.81
N PRO G 234 -9.77 24.16 90.57
CA PRO G 234 -10.11 22.85 91.14
C PRO G 234 -9.58 21.71 90.26
N GLU G 235 -8.29 21.38 90.37
CA GLU G 235 -7.68 20.22 89.67
C GLU G 235 -7.49 20.41 88.15
N LYS G 236 -8.13 21.43 87.60
CA LYS G 236 -8.05 21.73 86.17
C LYS G 236 -6.88 22.67 85.93
N GLY G 237 -6.12 22.91 86.99
CA GLY G 237 -5.27 24.08 87.05
C GLY G 237 -4.73 24.24 88.47
N SER G 238 -4.56 25.50 88.88
CA SER G 238 -4.90 26.63 88.03
C SER G 238 -3.88 27.76 88.03
N ILE G 239 -3.78 28.42 89.18
CA ILE G 239 -3.37 29.81 89.23
C ILE G 239 -4.20 30.51 88.17
N ARG G 240 -5.50 30.60 88.44
CA ARG G 240 -6.52 30.96 87.46
C ARG G 240 -6.17 32.23 86.70
N ASN G 241 -5.96 33.32 87.44
CA ASN G 241 -5.40 34.53 86.88
C ASN G 241 -4.43 35.22 87.86
N VAL G 242 -3.21 35.47 87.41
CA VAL G 242 -2.23 36.24 88.18
C VAL G 242 -1.49 37.23 87.30
N MET G 243 -1.61 38.51 87.62
CA MET G 243 -1.03 39.59 86.81
C MET G 243 -1.46 39.43 85.35
N GLY G 244 -0.48 39.33 84.46
CA GLY G 244 -0.76 38.93 83.09
C GLY G 244 -1.14 37.47 83.07
N PHE G 245 -2.29 37.16 82.45
CA PHE G 245 -2.76 35.79 82.21
C PHE G 245 -2.71 34.81 83.39
N GLU G 246 -2.24 33.59 83.10
CA GLU G 246 -2.23 32.49 84.05
C GLU G 246 -1.01 31.62 83.81
N VAL G 247 -0.67 30.77 84.79
CA VAL G 247 0.54 29.95 84.68
C VAL G 247 0.32 28.45 84.92
N VAL G 248 0.85 27.64 84.01
CA VAL G 248 0.88 26.19 84.20
C VAL G 248 2.35 25.76 84.37
N GLU G 249 2.60 24.73 85.16
CA GLU G 249 3.97 24.32 85.45
C GLU G 249 4.22 22.85 85.12
N VAL G 250 5.29 22.60 84.35
CA VAL G 250 5.68 21.23 84.01
C VAL G 250 7.19 21.02 84.11
N PRO G 251 7.62 19.86 84.66
CA PRO G 251 9.02 19.46 84.77
C PRO G 251 9.63 19.01 83.44
N HIS G 252 8.76 18.60 82.52
CA HIS G 252 9.19 17.97 81.27
C HIS G 252 9.46 18.98 80.17
N LEU G 253 9.48 20.26 80.52
CA LEU G 253 9.72 21.35 79.57
C LEU G 253 11.09 21.17 78.93
N THR G 254 11.26 21.78 77.76
CA THR G 254 12.34 21.46 76.82
C THR G 254 12.21 20.00 76.39
N ALA G 255 13.31 19.26 76.40
CA ALA G 255 13.32 17.86 75.97
C ALA G 255 12.65 17.70 74.61
N GLY G 256 11.56 16.93 74.58
CA GLY G 256 10.74 16.81 73.40
C GLY G 256 11.46 16.30 72.18
N GLY G 257 12.50 15.49 72.39
CA GLY G 257 13.25 14.93 71.29
C GLY G 257 12.42 13.98 70.45
N ALA G 258 11.90 12.94 71.10
CA ALA G 258 10.97 11.98 70.50
C ALA G 258 11.41 11.46 69.13
N GLY G 259 12.46 10.65 69.09
CA GLY G 259 12.92 10.09 67.83
C GLY G 259 13.70 8.79 67.91
N THR G 260 13.69 8.06 66.80
CA THR G 260 14.47 6.83 66.62
C THR G 260 14.34 5.81 67.75
N ALA G 261 15.47 5.45 68.34
CA ALA G 261 15.53 4.49 69.42
C ALA G 261 14.63 4.88 70.59
N ARG G 262 13.92 3.90 71.14
CA ARG G 262 13.00 4.13 72.25
C ARG G 262 13.77 4.47 73.53
N GLU G 263 15.08 4.19 73.50
CA GLU G 263 15.97 4.59 74.58
C GLU G 263 17.13 5.43 74.02
N GLY G 264 17.41 6.55 74.66
CA GLY G 264 18.51 7.41 74.25
C GLY G 264 18.07 8.72 73.60
N THR G 265 18.98 9.67 73.59
CA THR G 265 18.73 10.99 73.02
C THR G 265 19.19 11.07 71.56
N THR G 266 19.67 9.95 71.03
CA THR G 266 20.20 9.92 69.66
C THR G 266 19.10 9.93 68.61
N GLY G 267 19.18 10.86 67.67
CA GLY G 267 18.23 10.95 66.58
C GLY G 267 16.98 11.76 66.92
N GLN G 268 17.07 12.58 67.95
CA GLN G 268 15.97 13.43 68.37
C GLN G 268 15.51 14.36 67.25
N LYS G 269 14.19 14.46 67.07
CA LYS G 269 13.64 15.27 65.99
C LYS G 269 13.80 16.77 66.23
N HIS G 270 13.34 17.25 67.38
CA HIS G 270 13.44 18.67 67.70
C HIS G 270 13.85 18.88 69.15
N VAL G 271 14.97 19.58 69.34
CA VAL G 271 15.48 19.87 70.68
C VAL G 271 15.90 21.32 70.80
N PHE G 272 16.12 21.77 72.04
CA PHE G 272 16.70 23.08 72.28
C PHE G 272 18.17 23.04 71.90
N PRO G 273 18.73 24.20 71.52
CA PRO G 273 20.19 24.27 71.35
C PRO G 273 20.84 24.04 72.71
N ALA G 274 22.06 23.51 72.72
CA ALA G 274 22.76 23.27 73.98
C ALA G 274 23.08 24.59 74.68
N ASN G 275 23.67 25.51 73.94
CA ASN G 275 24.07 26.81 74.48
C ASN G 275 23.83 27.99 73.54
N LYS G 276 23.92 29.19 74.09
CA LYS G 276 23.50 30.43 73.41
C LYS G 276 24.32 30.85 72.18
N GLY G 277 25.63 30.92 72.34
CA GLY G 277 26.47 31.70 71.43
C GLY G 277 26.40 31.43 69.95
N GLU G 278 26.66 30.19 69.53
CA GLU G 278 26.68 29.86 68.11
C GLU G 278 25.29 29.61 67.53
N GLY G 279 25.13 29.87 66.23
CA GLY G 279 23.92 29.49 65.52
C GLY G 279 22.71 30.39 65.70
N ASN G 280 22.94 31.63 66.13
CA ASN G 280 21.86 32.63 66.24
C ASN G 280 20.68 32.16 67.09
N VAL G 281 20.89 32.05 68.40
CA VAL G 281 19.84 31.59 69.32
C VAL G 281 19.82 32.39 70.63
N LYS G 282 18.65 32.93 70.96
CA LYS G 282 18.50 33.71 72.20
C LYS G 282 17.93 32.92 73.37
N VAL G 283 17.53 31.67 73.12
CA VAL G 283 16.96 30.83 74.18
C VAL G 283 17.39 29.36 74.07
N ALA G 284 17.87 28.80 75.19
CA ALA G 284 18.29 27.41 75.22
C ALA G 284 17.94 26.73 76.55
N LYS G 285 18.43 25.50 76.71
CA LYS G 285 18.18 24.73 77.93
C LYS G 285 18.88 25.31 79.14
N ASP G 286 20.06 25.90 78.92
CA ASP G 286 20.88 26.43 80.00
C ASP G 286 20.17 27.51 80.81
N ASN G 287 19.55 28.46 80.12
CA ASN G 287 18.87 29.56 80.79
C ASN G 287 17.46 29.84 80.27
N VAL G 288 16.46 29.65 81.14
CA VAL G 288 15.07 30.06 80.87
C VAL G 288 14.28 30.22 82.17
N ILE G 289 13.04 30.69 82.03
CA ILE G 289 12.09 30.72 83.13
C ILE G 289 10.80 30.08 82.64
N GLY G 290 10.17 30.73 81.66
CA GLY G 290 8.95 30.23 81.07
C GLY G 290 8.67 30.70 79.66
N LEU G 291 7.58 30.18 79.09
CA LEU G 291 7.16 30.51 77.74
C LEU G 291 5.70 30.90 77.80
N PHE G 292 5.19 31.50 76.74
CA PHE G 292 3.77 31.88 76.72
C PHE G 292 3.17 31.99 75.31
N MET G 293 1.85 31.90 75.24
CA MET G 293 1.13 32.06 73.99
C MET G 293 -0.31 32.46 74.26
N HIS G 294 -0.97 33.02 73.25
CA HIS G 294 -2.38 33.39 73.33
C HIS G 294 -3.23 32.22 72.85
N ARG G 295 -2.56 31.15 72.47
CA ARG G 295 -2.98 30.19 71.44
C ARG G 295 -3.23 30.89 70.09
N SER G 296 -4.25 30.44 69.35
CA SER G 296 -4.50 30.83 67.96
C SER G 296 -3.53 30.43 66.80
N ALA G 297 -2.74 29.35 66.88
CA ALA G 297 -2.20 28.76 68.10
C ALA G 297 -0.71 28.44 67.98
N VAL G 298 -0.44 27.37 67.24
CA VAL G 298 0.89 26.82 66.99
C VAL G 298 0.56 25.58 66.19
N GLY G 299 1.54 25.02 65.48
CA GLY G 299 1.22 23.94 64.57
C GLY G 299 0.71 22.66 65.22
N THR G 300 -0.52 22.29 64.87
CA THR G 300 -1.04 20.95 65.14
C THR G 300 -1.84 20.47 63.92
N VAL G 301 -1.39 19.41 63.29
CA VAL G 301 -2.12 18.81 62.18
C VAL G 301 -2.19 17.30 62.35
N LYS G 302 -3.40 16.78 62.52
CA LYS G 302 -3.57 15.34 62.78
C LYS G 302 -4.29 14.59 61.67
N LEU G 303 -3.61 13.58 61.14
CA LEU G 303 -4.22 12.61 60.24
C LEU G 303 -4.19 11.25 60.92
N ARG G 304 -5.19 10.41 60.65
CA ARG G 304 -5.31 9.08 61.24
C ARG G 304 -5.60 9.11 62.75
N ASP G 305 -5.53 10.30 63.33
CA ASP G 305 -5.79 10.52 64.76
C ASP G 305 -4.96 9.58 65.63
N LEU G 306 -5.58 9.04 66.68
CA LEU G 306 -4.93 8.08 67.55
C LEU G 306 -5.62 6.73 67.47
N ALA G 307 -4.88 5.70 67.09
CA ALA G 307 -5.42 4.36 66.99
C ALA G 307 -4.38 3.28 67.30
N LEU G 308 -4.84 2.03 67.28
CA LEU G 308 -4.01 0.90 67.65
C LEU G 308 -4.54 -0.39 67.01
N GLU G 309 -3.80 -1.48 67.22
CA GLU G 309 -4.25 -2.80 66.78
C GLU G 309 -3.65 -3.90 67.67
N ARG G 310 -4.44 -4.96 67.88
CA ARG G 310 -3.94 -6.16 68.52
C ARG G 310 -3.59 -7.18 67.42
N ALA G 311 -2.31 -7.48 67.29
CA ALA G 311 -1.85 -8.39 66.25
C ALA G 311 -1.36 -9.69 66.87
N ARG G 312 -1.47 -10.79 66.14
CA ARG G 312 -0.96 -12.07 66.62
C ARG G 312 0.23 -12.53 65.80
N ARG G 313 1.27 -12.99 66.47
CA ARG G 313 2.44 -13.51 65.77
C ARG G 313 2.60 -15.02 65.97
N ALA G 314 3.02 -15.70 64.91
CA ALA G 314 3.08 -17.16 64.89
C ALA G 314 4.30 -17.75 65.59
N ASN G 315 5.48 -17.50 65.03
CA ASN G 315 6.74 -18.07 65.52
C ASN G 315 6.99 -17.90 67.02
N PHE G 316 6.73 -16.71 67.54
CA PHE G 316 6.90 -16.46 68.96
C PHE G 316 5.69 -16.92 69.77
N GLN G 317 4.60 -17.20 69.06
CA GLN G 317 3.35 -17.64 69.68
C GLN G 317 2.92 -16.68 70.79
N ALA G 318 2.45 -15.50 70.38
CA ALA G 318 2.20 -14.40 71.32
C ALA G 318 1.53 -13.23 70.63
N ASP G 319 1.07 -12.28 71.45
CA ASP G 319 0.33 -11.14 70.96
C ASP G 319 1.15 -9.86 71.03
N GLN G 320 0.92 -8.95 70.09
CA GLN G 320 1.57 -7.66 70.08
C GLN G 320 0.52 -6.57 70.00
N ILE G 321 0.38 -5.79 71.07
CA ILE G 321 -0.53 -4.65 71.07
C ILE G 321 0.28 -3.43 70.64
N ILE G 322 -0.09 -2.84 69.50
CA ILE G 322 0.66 -1.72 68.96
C ILE G 322 -0.20 -0.48 68.71
N ALA G 323 0.16 0.62 69.37
CA ALA G 323 -0.53 1.89 69.18
C ALA G 323 0.35 2.89 68.44
N LYS G 324 -0.25 3.57 67.47
CA LYS G 324 0.46 4.61 66.73
C LYS G 324 -0.49 5.77 66.40
N TYR G 325 0.02 6.99 66.48
CA TYR G 325 -0.74 8.16 66.09
C TYR G 325 0.14 9.13 65.31
N ALA G 326 -0.28 9.47 64.10
CA ALA G 326 0.51 10.32 63.23
C ALA G 326 0.11 11.79 63.34
N MET G 327 1.11 12.65 63.52
CA MET G 327 0.87 14.08 63.69
C MET G 327 2.16 14.85 63.43
N GLY G 328 2.09 16.16 63.52
CA GLY G 328 3.28 16.98 63.43
C GLY G 328 3.01 18.33 64.06
N HIS G 329 4.06 18.99 64.52
CA HIS G 329 3.89 20.28 65.17
C HIS G 329 4.92 21.30 64.68
N GLY G 330 4.43 22.35 64.03
CA GLY G 330 5.27 23.46 63.66
C GLY G 330 4.99 24.61 64.60
N GLY G 331 5.16 25.82 64.10
CA GLY G 331 4.74 27.01 64.82
C GLY G 331 4.45 28.13 63.85
N LEU G 332 3.57 29.04 64.24
CA LEU G 332 3.24 30.18 63.39
C LEU G 332 2.75 31.34 64.24
N ARG G 333 2.48 32.47 63.58
CA ARG G 333 2.06 33.69 64.25
C ARG G 333 2.97 34.05 65.44
N PRO G 334 4.21 34.48 65.15
CA PRO G 334 5.14 34.87 66.20
C PRO G 334 4.65 36.13 66.92
N GLU G 335 3.72 36.84 66.27
CA GLU G 335 3.11 38.04 66.80
C GLU G 335 2.60 37.88 68.25
N ALA G 336 2.02 36.72 68.53
CA ALA G 336 1.45 36.46 69.85
C ALA G 336 2.40 35.69 70.76
N ALA G 337 3.60 35.37 70.26
CA ALA G 337 4.54 34.53 71.00
C ALA G 337 5.79 35.26 71.47
N GLY G 338 6.27 34.86 72.64
CA GLY G 338 7.50 35.39 73.21
C GLY G 338 7.98 34.51 74.34
N ALA G 339 9.09 34.88 74.98
CA ALA G 339 9.62 34.11 76.10
C ALA G 339 10.45 34.97 77.05
N VAL G 340 10.67 34.46 78.26
CA VAL G 340 11.48 35.15 79.26
C VAL G 340 12.79 34.40 79.54
N VAL G 341 13.85 35.16 79.80
CA VAL G 341 15.17 34.59 80.08
C VAL G 341 15.93 35.47 81.07
N PHE G 342 16.65 34.84 82.00
CA PHE G 342 17.44 35.60 82.98
C PHE G 342 18.96 35.52 82.78
N LYS G 343 19.54 36.65 82.35
CA LYS G 343 20.96 36.76 82.06
C LYS G 343 21.23 38.20 81.63
N VAL G 344 22.49 38.63 81.71
CA VAL G 344 22.88 39.97 81.28
C VAL G 344 24.19 39.93 80.51
#